data_4XYY
# 
_entry.id   4XYY 
# 
_audit_conform.dict_name       mmcif_pdbx.dic 
_audit_conform.dict_version    5.397 
_audit_conform.dict_location   http://mmcif.pdb.org/dictionaries/ascii/mmcif_pdbx.dic 
# 
loop_
_database_2.database_id 
_database_2.database_code 
_database_2.pdbx_database_accession 
_database_2.pdbx_DOI 
PDB   4XYY         pdb_00004xyy 10.2210/pdb4xyy/pdb 
WWPDB D_1000206049 ?            ?                   
# 
loop_
_pdbx_audit_revision_history.ordinal 
_pdbx_audit_revision_history.data_content_type 
_pdbx_audit_revision_history.major_revision 
_pdbx_audit_revision_history.minor_revision 
_pdbx_audit_revision_history.revision_date 
1 'Structure model' 1 0 2015-07-29 
2 'Structure model' 1 1 2015-08-12 
3 'Structure model' 1 2 2018-12-12 
4 'Structure model' 1 3 2024-01-10 
5 'Structure model' 1 4 2024-10-23 
# 
_pdbx_audit_revision_details.ordinal             1 
_pdbx_audit_revision_details.revision_ordinal    1 
_pdbx_audit_revision_details.data_content_type   'Structure model' 
_pdbx_audit_revision_details.provider            repository 
_pdbx_audit_revision_details.type                'Initial release' 
_pdbx_audit_revision_details.description         ? 
_pdbx_audit_revision_details.details             ? 
# 
loop_
_pdbx_audit_revision_group.ordinal 
_pdbx_audit_revision_group.revision_ordinal 
_pdbx_audit_revision_group.data_content_type 
_pdbx_audit_revision_group.group 
1 2 'Structure model' 'Database references'    
2 3 'Structure model' 'Data collection'        
3 3 'Structure model' 'Source and taxonomy'    
4 3 'Structure model' 'Structure summary'      
5 4 'Structure model' 'Data collection'        
6 4 'Structure model' 'Database references'    
7 4 'Structure model' 'Refinement description' 
8 5 'Structure model' 'Structure summary'      
# 
loop_
_pdbx_audit_revision_category.ordinal 
_pdbx_audit_revision_category.revision_ordinal 
_pdbx_audit_revision_category.data_content_type 
_pdbx_audit_revision_category.category 
1 3 'Structure model' entity                        
2 3 'Structure model' entity_src_nat                
3 3 'Structure model' pdbx_entity_src_syn           
4 4 'Structure model' chem_comp_atom                
5 4 'Structure model' chem_comp_bond                
6 4 'Structure model' database_2                    
7 4 'Structure model' pdbx_initial_refinement_model 
8 5 'Structure model' pdbx_entry_details            
9 5 'Structure model' pdbx_modification_feature     
# 
loop_
_pdbx_audit_revision_item.ordinal 
_pdbx_audit_revision_item.revision_ordinal 
_pdbx_audit_revision_item.data_content_type 
_pdbx_audit_revision_item.item 
1 3 'Structure model' '_entity.src_method'                  
2 4 'Structure model' '_database_2.pdbx_DOI'                
3 4 'Structure model' '_database_2.pdbx_database_accession' 
# 
_pdbx_database_status.status_code                     REL 
_pdbx_database_status.status_code_sf                  REL 
_pdbx_database_status.status_code_mr                  ? 
_pdbx_database_status.entry_id                        4XYY 
_pdbx_database_status.recvd_initial_deposition_date   2015-02-03 
_pdbx_database_status.SG_entry                        N 
_pdbx_database_status.deposit_site                    RCSB 
_pdbx_database_status.process_site                    PDBE 
_pdbx_database_status.status_code_cs                  ? 
_pdbx_database_status.methods_development_category    ? 
_pdbx_database_status.pdb_format_compatible           Y 
_pdbx_database_status.status_code_nmr_data            ? 
# 
loop_
_audit_author.name 
_audit_author.pdbx_ordinal 
'De Zitter, E.'    1 
'Van Meervelt, L.' 2 
# 
_citation.abstract                  ? 
_citation.abstract_id_CAS           ? 
_citation.book_id_ISBN              ? 
_citation.book_publisher            ? 
_citation.book_publisher_city       ? 
_citation.book_title                ? 
_citation.coordinate_linkage        ? 
_citation.country                   GE 
_citation.database_id_Medline       ? 
_citation.details                   ? 
_citation.id                        primary 
_citation.journal_abbrev            Chemistry 
_citation.journal_id_ASTM           ? 
_citation.journal_id_CSD            ? 
_citation.journal_id_ISSN           0947-6539 
_citation.journal_full              ? 
_citation.journal_issue             ? 
_citation.journal_volume            21 
_citation.language                  ? 
_citation.page_first                11692 
_citation.page_last                 11695 
_citation.title                     
;Structural Characterization of the Complex between Hen Egg-White Lysozyme and Zr(IV) -Substituted Keggin Polyoxometalate as Artificial Protease.
;
_citation.year                      2015 
_citation.database_id_CSD           ? 
_citation.pdbx_database_id_DOI      10.1002/chem.201501998 
_citation.pdbx_database_id_PubMed   26179600 
_citation.unpublished_flag          ? 
# 
loop_
_citation_author.citation_id 
_citation_author.name 
_citation_author.ordinal 
_citation_author.identifier_ORCID 
primary 'Sap, A.'          1 ? 
primary 'De Zitter, E.'    2 ? 
primary 'Van Meervelt, L.' 3 ? 
primary 'Parac-Vogt, T.N.' 4 ? 
# 
loop_
_entity.id 
_entity.type 
_entity.src_method 
_entity.pdbx_description 
_entity.formula_weight 
_entity.pdbx_number_of_molecules 
_entity.pdbx_ec 
_entity.pdbx_mutation 
_entity.pdbx_fragment 
_entity.details 
1 polymer     nat 'Lysozyme C'                            14331.160 1   3.2.1.17 ? ? ? 
2 non-polymer nat 'ZIRCONIUM(IV) PHOSPHOTUNGSTATE KEGGIN' 2769.422  1   ?        ? ? ? 
3 non-polymer syn 'DIMETHYL SULFOXIDE'                    78.133    1   ?        ? ? ? 
4 non-polymer syn ETHANE-1,2-DIAMINE                      60.098    2   ?        ? ? ? 
5 water       nat water                                   18.015    164 ?        ? ? ? 
# 
_entity_name_com.entity_id   1 
_entity_name_com.name        '1,4-beta-N-acetylmuramidase C,Allergen Gal d IV' 
# 
_entity_poly.entity_id                      1 
_entity_poly.type                           'polypeptide(L)' 
_entity_poly.nstd_linkage                   no 
_entity_poly.nstd_monomer                   no 
_entity_poly.pdbx_seq_one_letter_code       
;KVFGRCELAAAMKRHGLDNYRGYSLGNWVCAAKFESNFNTQATNRNTDGSTDYGILQINSRWWCNDGRTPGSRNLCNIPC
SALLSSDITASVNCAKKIVSDGNGMNAWVAWRNRCKGTDVQAWIRGCRL
;
_entity_poly.pdbx_seq_one_letter_code_can   
;KVFGRCELAAAMKRHGLDNYRGYSLGNWVCAAKFESNFNTQATNRNTDGSTDYGILQINSRWWCNDGRTPGSRNLCNIPC
SALLSSDITASVNCAKKIVSDGNGMNAWVAWRNRCKGTDVQAWIRGCRL
;
_entity_poly.pdbx_strand_id                 A 
_entity_poly.pdbx_target_identifier         ? 
# 
loop_
_pdbx_entity_nonpoly.entity_id 
_pdbx_entity_nonpoly.name 
_pdbx_entity_nonpoly.comp_id 
2 'ZIRCONIUM(IV) PHOSPHOTUNGSTATE KEGGIN' ZKG 
3 'DIMETHYL SULFOXIDE'                    DMS 
4 ETHANE-1,2-DIAMINE                      EDN 
5 water                                   HOH 
# 
loop_
_entity_poly_seq.entity_id 
_entity_poly_seq.num 
_entity_poly_seq.mon_id 
_entity_poly_seq.hetero 
1 1   LYS n 
1 2   VAL n 
1 3   PHE n 
1 4   GLY n 
1 5   ARG n 
1 6   CYS n 
1 7   GLU n 
1 8   LEU n 
1 9   ALA n 
1 10  ALA n 
1 11  ALA n 
1 12  MET n 
1 13  LYS n 
1 14  ARG n 
1 15  HIS n 
1 16  GLY n 
1 17  LEU n 
1 18  ASP n 
1 19  ASN n 
1 20  TYR n 
1 21  ARG n 
1 22  GLY n 
1 23  TYR n 
1 24  SER n 
1 25  LEU n 
1 26  GLY n 
1 27  ASN n 
1 28  TRP n 
1 29  VAL n 
1 30  CYS n 
1 31  ALA n 
1 32  ALA n 
1 33  LYS n 
1 34  PHE n 
1 35  GLU n 
1 36  SER n 
1 37  ASN n 
1 38  PHE n 
1 39  ASN n 
1 40  THR n 
1 41  GLN n 
1 42  ALA n 
1 43  THR n 
1 44  ASN n 
1 45  ARG n 
1 46  ASN n 
1 47  THR n 
1 48  ASP n 
1 49  GLY n 
1 50  SER n 
1 51  THR n 
1 52  ASP n 
1 53  TYR n 
1 54  GLY n 
1 55  ILE n 
1 56  LEU n 
1 57  GLN n 
1 58  ILE n 
1 59  ASN n 
1 60  SER n 
1 61  ARG n 
1 62  TRP n 
1 63  TRP n 
1 64  CYS n 
1 65  ASN n 
1 66  ASP n 
1 67  GLY n 
1 68  ARG n 
1 69  THR n 
1 70  PRO n 
1 71  GLY n 
1 72  SER n 
1 73  ARG n 
1 74  ASN n 
1 75  LEU n 
1 76  CYS n 
1 77  ASN n 
1 78  ILE n 
1 79  PRO n 
1 80  CYS n 
1 81  SER n 
1 82  ALA n 
1 83  LEU n 
1 84  LEU n 
1 85  SER n 
1 86  SER n 
1 87  ASP n 
1 88  ILE n 
1 89  THR n 
1 90  ALA n 
1 91  SER n 
1 92  VAL n 
1 93  ASN n 
1 94  CYS n 
1 95  ALA n 
1 96  LYS n 
1 97  LYS n 
1 98  ILE n 
1 99  VAL n 
1 100 SER n 
1 101 ASP n 
1 102 GLY n 
1 103 ASN n 
1 104 GLY n 
1 105 MET n 
1 106 ASN n 
1 107 ALA n 
1 108 TRP n 
1 109 VAL n 
1 110 ALA n 
1 111 TRP n 
1 112 ARG n 
1 113 ASN n 
1 114 ARG n 
1 115 CYS n 
1 116 LYS n 
1 117 GLY n 
1 118 THR n 
1 119 ASP n 
1 120 VAL n 
1 121 GLN n 
1 122 ALA n 
1 123 TRP n 
1 124 ILE n 
1 125 ARG n 
1 126 GLY n 
1 127 CYS n 
1 128 ARG n 
1 129 LEU n 
# 
_entity_src_nat.entity_id                  1 
_entity_src_nat.pdbx_src_id                1 
_entity_src_nat.pdbx_alt_source_flag       sample 
_entity_src_nat.pdbx_beg_seq_num           1 
_entity_src_nat.pdbx_end_seq_num           129 
_entity_src_nat.common_name                Chicken 
_entity_src_nat.pdbx_organism_scientific   'Gallus gallus' 
_entity_src_nat.pdbx_ncbi_taxonomy_id      9031 
_entity_src_nat.genus                      ? 
_entity_src_nat.species                    ? 
_entity_src_nat.strain                     ? 
_entity_src_nat.tissue                     ? 
_entity_src_nat.tissue_fraction            ? 
_entity_src_nat.pdbx_secretion             ? 
_entity_src_nat.pdbx_fragment              ? 
_entity_src_nat.pdbx_variant               ? 
_entity_src_nat.pdbx_cell_line             ? 
_entity_src_nat.pdbx_atcc                  ? 
_entity_src_nat.pdbx_cellular_location     ? 
_entity_src_nat.pdbx_organ                 ? 
_entity_src_nat.pdbx_organelle             ? 
_entity_src_nat.pdbx_cell                  ? 
_entity_src_nat.pdbx_plasmid_name          ? 
_entity_src_nat.pdbx_plasmid_details       ? 
_entity_src_nat.details                    ? 
# 
loop_
_chem_comp.id 
_chem_comp.type 
_chem_comp.mon_nstd_flag 
_chem_comp.name 
_chem_comp.pdbx_synonyms 
_chem_comp.formula 
_chem_comp.formula_weight 
ALA 'L-peptide linking' y ALANINE                                 ?               'C3 H7 N O2'     89.093   
ARG 'L-peptide linking' y ARGININE                                ?               'C6 H15 N4 O2 1' 175.209  
ASN 'L-peptide linking' y ASPARAGINE                              ?               'C4 H8 N2 O3'    132.118  
ASP 'L-peptide linking' y 'ASPARTIC ACID'                         ?               'C4 H7 N O4'     133.103  
CYS 'L-peptide linking' y CYSTEINE                                ?               'C3 H7 N O2 S'   121.158  
DMS non-polymer         . 'DIMETHYL SULFOXIDE'                    ?               'C2 H6 O S'      78.133   
EDN non-polymer         . ETHANE-1,2-DIAMINE                      ETHYLENEDIAMINE 'C2 H8 N2'       60.098   
GLN 'L-peptide linking' y GLUTAMINE                               ?               'C5 H10 N2 O3'   146.144  
GLU 'L-peptide linking' y 'GLUTAMIC ACID'                         ?               'C5 H9 N O4'     147.129  
GLY 'peptide linking'   y GLYCINE                                 ?               'C2 H5 N O2'     75.067   
HIS 'L-peptide linking' y HISTIDINE                               ?               'C6 H10 N3 O2 1' 156.162  
HOH non-polymer         . WATER                                   ?               'H2 O'           18.015   
ILE 'L-peptide linking' y ISOLEUCINE                              ?               'C6 H13 N O2'    131.173  
LEU 'L-peptide linking' y LEUCINE                                 ?               'C6 H13 N O2'    131.173  
LYS 'L-peptide linking' y LYSINE                                  ?               'C6 H15 N2 O2 1' 147.195  
MET 'L-peptide linking' y METHIONINE                              ?               'C5 H11 N O2 S'  149.211  
PHE 'L-peptide linking' y PHENYLALANINE                           ?               'C9 H11 N O2'    165.189  
PRO 'L-peptide linking' y PROLINE                                 ?               'C5 H9 N O2'     115.130  
SER 'L-peptide linking' y SERINE                                  ?               'C3 H7 N O3'     105.093  
THR 'L-peptide linking' y THREONINE                               ?               'C4 H9 N O3'     119.119  
TRP 'L-peptide linking' y TRYPTOPHAN                              ?               'C11 H12 N2 O2'  204.225  
TYR 'L-peptide linking' y TYROSINE                                ?               'C9 H11 N O3'    181.189  
VAL 'L-peptide linking' y VALINE                                  ?               'C5 H11 N O2'    117.146  
ZKG non-polymer         . 'ZIRCONIUM(IV) PHOSPHOTUNGSTATE KEGGIN' ?               'O39 P W11 Zr'   2769.422 
# 
loop_
_pdbx_poly_seq_scheme.asym_id 
_pdbx_poly_seq_scheme.entity_id 
_pdbx_poly_seq_scheme.seq_id 
_pdbx_poly_seq_scheme.mon_id 
_pdbx_poly_seq_scheme.ndb_seq_num 
_pdbx_poly_seq_scheme.pdb_seq_num 
_pdbx_poly_seq_scheme.auth_seq_num 
_pdbx_poly_seq_scheme.pdb_mon_id 
_pdbx_poly_seq_scheme.auth_mon_id 
_pdbx_poly_seq_scheme.pdb_strand_id 
_pdbx_poly_seq_scheme.pdb_ins_code 
_pdbx_poly_seq_scheme.hetero 
A 1 1   LYS 1   1   1   LYS LYS A . n 
A 1 2   VAL 2   2   2   VAL VAL A . n 
A 1 3   PHE 3   3   3   PHE PHE A . n 
A 1 4   GLY 4   4   4   GLY GLY A . n 
A 1 5   ARG 5   5   5   ARG ARG A . n 
A 1 6   CYS 6   6   6   CYS CYS A . n 
A 1 7   GLU 7   7   7   GLU GLU A . n 
A 1 8   LEU 8   8   8   LEU LEU A . n 
A 1 9   ALA 9   9   9   ALA ALA A . n 
A 1 10  ALA 10  10  10  ALA ALA A . n 
A 1 11  ALA 11  11  11  ALA ALA A . n 
A 1 12  MET 12  12  12  MET MET A . n 
A 1 13  LYS 13  13  13  LYS LYS A . n 
A 1 14  ARG 14  14  14  ARG ARG A . n 
A 1 15  HIS 15  15  15  HIS HIS A . n 
A 1 16  GLY 16  16  16  GLY GLY A . n 
A 1 17  LEU 17  17  17  LEU LEU A . n 
A 1 18  ASP 18  18  18  ASP ASP A . n 
A 1 19  ASN 19  19  19  ASN ASN A . n 
A 1 20  TYR 20  20  20  TYR TYR A . n 
A 1 21  ARG 21  21  21  ARG ARG A . n 
A 1 22  GLY 22  22  22  GLY GLY A . n 
A 1 23  TYR 23  23  23  TYR TYR A . n 
A 1 24  SER 24  24  24  SER SER A . n 
A 1 25  LEU 25  25  25  LEU LEU A . n 
A 1 26  GLY 26  26  26  GLY GLY A . n 
A 1 27  ASN 27  27  27  ASN ASN A . n 
A 1 28  TRP 28  28  28  TRP TRP A . n 
A 1 29  VAL 29  29  29  VAL VAL A . n 
A 1 30  CYS 30  30  30  CYS CYS A . n 
A 1 31  ALA 31  31  31  ALA ALA A . n 
A 1 32  ALA 32  32  32  ALA ALA A . n 
A 1 33  LYS 33  33  33  LYS LYS A . n 
A 1 34  PHE 34  34  34  PHE PHE A . n 
A 1 35  GLU 35  35  35  GLU GLU A . n 
A 1 36  SER 36  36  36  SER SER A . n 
A 1 37  ASN 37  37  37  ASN ASN A . n 
A 1 38  PHE 38  38  38  PHE PHE A . n 
A 1 39  ASN 39  39  39  ASN ASN A . n 
A 1 40  THR 40  40  40  THR THR A . n 
A 1 41  GLN 41  41  41  GLN GLN A . n 
A 1 42  ALA 42  42  42  ALA ALA A . n 
A 1 43  THR 43  43  43  THR THR A . n 
A 1 44  ASN 44  44  44  ASN ASN A . n 
A 1 45  ARG 45  45  45  ARG ARG A . n 
A 1 46  ASN 46  46  46  ASN ASN A . n 
A 1 47  THR 47  47  47  THR THR A . n 
A 1 48  ASP 48  48  48  ASP ASP A . n 
A 1 49  GLY 49  49  49  GLY GLY A . n 
A 1 50  SER 50  50  50  SER SER A . n 
A 1 51  THR 51  51  51  THR THR A . n 
A 1 52  ASP 52  52  52  ASP ASP A . n 
A 1 53  TYR 53  53  53  TYR TYR A . n 
A 1 54  GLY 54  54  54  GLY GLY A . n 
A 1 55  ILE 55  55  55  ILE ILE A . n 
A 1 56  LEU 56  56  56  LEU LEU A . n 
A 1 57  GLN 57  57  57  GLN GLN A . n 
A 1 58  ILE 58  58  58  ILE ILE A . n 
A 1 59  ASN 59  59  59  ASN ASN A . n 
A 1 60  SER 60  60  60  SER SER A . n 
A 1 61  ARG 61  61  61  ARG ARG A . n 
A 1 62  TRP 62  62  62  TRP TRP A . n 
A 1 63  TRP 63  63  63  TRP TRP A . n 
A 1 64  CYS 64  64  64  CYS CYS A . n 
A 1 65  ASN 65  65  65  ASN ASN A . n 
A 1 66  ASP 66  66  66  ASP ASP A . n 
A 1 67  GLY 67  67  67  GLY GLY A . n 
A 1 68  ARG 68  68  68  ARG ARG A . n 
A 1 69  THR 69  69  69  THR THR A . n 
A 1 70  PRO 70  70  70  PRO PRO A . n 
A 1 71  GLY 71  71  71  GLY GLY A . n 
A 1 72  SER 72  72  72  SER SER A . n 
A 1 73  ARG 73  73  73  ARG ARG A . n 
A 1 74  ASN 74  74  74  ASN ASN A . n 
A 1 75  LEU 75  75  75  LEU LEU A . n 
A 1 76  CYS 76  76  76  CYS CYS A . n 
A 1 77  ASN 77  77  77  ASN ASN A . n 
A 1 78  ILE 78  78  78  ILE ILE A . n 
A 1 79  PRO 79  79  79  PRO PRO A . n 
A 1 80  CYS 80  80  80  CYS CYS A . n 
A 1 81  SER 81  81  81  SER SER A . n 
A 1 82  ALA 82  82  82  ALA ALA A . n 
A 1 83  LEU 83  83  83  LEU LEU A . n 
A 1 84  LEU 84  84  84  LEU LEU A . n 
A 1 85  SER 85  85  85  SER SER A . n 
A 1 86  SER 86  86  86  SER SER A . n 
A 1 87  ASP 87  87  87  ASP ASP A . n 
A 1 88  ILE 88  88  88  ILE ILE A . n 
A 1 89  THR 89  89  89  THR THR A . n 
A 1 90  ALA 90  90  90  ALA ALA A . n 
A 1 91  SER 91  91  91  SER SER A . n 
A 1 92  VAL 92  92  92  VAL VAL A . n 
A 1 93  ASN 93  93  93  ASN ASN A . n 
A 1 94  CYS 94  94  94  CYS CYS A . n 
A 1 95  ALA 95  95  95  ALA ALA A . n 
A 1 96  LYS 96  96  96  LYS LYS A . n 
A 1 97  LYS 97  97  97  LYS LYS A . n 
A 1 98  ILE 98  98  98  ILE ILE A . n 
A 1 99  VAL 99  99  99  VAL VAL A . n 
A 1 100 SER 100 100 100 SER SER A . n 
A 1 101 ASP 101 101 101 ASP ASP A . n 
A 1 102 GLY 102 102 102 GLY GLY A . n 
A 1 103 ASN 103 103 103 ASN ASN A . n 
A 1 104 GLY 104 104 104 GLY GLY A . n 
A 1 105 MET 105 105 105 MET MET A . n 
A 1 106 ASN 106 106 106 ASN ASN A . n 
A 1 107 ALA 107 107 107 ALA ALA A . n 
A 1 108 TRP 108 108 108 TRP TRP A . n 
A 1 109 VAL 109 109 109 VAL VAL A . n 
A 1 110 ALA 110 110 110 ALA ALA A . n 
A 1 111 TRP 111 111 111 TRP TRP A . n 
A 1 112 ARG 112 112 112 ARG ARG A . n 
A 1 113 ASN 113 113 113 ASN ASN A . n 
A 1 114 ARG 114 114 114 ARG ARG A . n 
A 1 115 CYS 115 115 115 CYS CYS A . n 
A 1 116 LYS 116 116 116 LYS LYS A . n 
A 1 117 GLY 117 117 117 GLY GLY A . n 
A 1 118 THR 118 118 118 THR THR A . n 
A 1 119 ASP 119 119 119 ASP ASP A . n 
A 1 120 VAL 120 120 120 VAL VAL A . n 
A 1 121 GLN 121 121 121 GLN GLN A . n 
A 1 122 ALA 122 122 122 ALA ALA A . n 
A 1 123 TRP 123 123 123 TRP TRP A . n 
A 1 124 ILE 124 124 124 ILE ILE A . n 
A 1 125 ARG 125 125 125 ARG ARG A . n 
A 1 126 GLY 126 126 126 GLY GLY A . n 
A 1 127 CYS 127 127 127 CYS CYS A . n 
A 1 128 ARG 128 128 128 ARG ARG A . n 
A 1 129 LEU 129 129 129 LEU LEU A . n 
# 
loop_
_pdbx_nonpoly_scheme.asym_id 
_pdbx_nonpoly_scheme.entity_id 
_pdbx_nonpoly_scheme.mon_id 
_pdbx_nonpoly_scheme.ndb_seq_num 
_pdbx_nonpoly_scheme.pdb_seq_num 
_pdbx_nonpoly_scheme.auth_seq_num 
_pdbx_nonpoly_scheme.pdb_mon_id 
_pdbx_nonpoly_scheme.auth_mon_id 
_pdbx_nonpoly_scheme.pdb_strand_id 
_pdbx_nonpoly_scheme.pdb_ins_code 
B 2 ZKG 1   201 1   ZKG ZKG A . 
C 3 DMS 1   202 1   DMS DMS A . 
D 4 EDN 1   203 1   EDN EDN A . 
E 4 EDN 1   204 2   EDN EDN A . 
F 5 HOH 1   301 153 HOH HOH A . 
F 5 HOH 2   302 92  HOH HOH A . 
F 5 HOH 3   303 81  HOH HOH A . 
F 5 HOH 4   304 123 HOH HOH A . 
F 5 HOH 5   305 66  HOH HOH A . 
F 5 HOH 6   306 61  HOH HOH A . 
F 5 HOH 7   307 132 HOH HOH A . 
F 5 HOH 8   308 151 HOH HOH A . 
F 5 HOH 9   309 100 HOH HOH A . 
F 5 HOH 10  310 140 HOH HOH A . 
F 5 HOH 11  311 91  HOH HOH A . 
F 5 HOH 12  312 68  HOH HOH A . 
F 5 HOH 13  313 43  HOH HOH A . 
F 5 HOH 14  314 45  HOH HOH A . 
F 5 HOH 15  315 13  HOH HOH A . 
F 5 HOH 16  316 27  HOH HOH A . 
F 5 HOH 17  317 88  HOH HOH A . 
F 5 HOH 18  318 34  HOH HOH A . 
F 5 HOH 19  319 134 HOH HOH A . 
F 5 HOH 20  320 152 HOH HOH A . 
F 5 HOH 21  321 102 HOH HOH A . 
F 5 HOH 22  322 57  HOH HOH A . 
F 5 HOH 23  323 73  HOH HOH A . 
F 5 HOH 24  324 113 HOH HOH A . 
F 5 HOH 25  325 53  HOH HOH A . 
F 5 HOH 26  326 124 HOH HOH A . 
F 5 HOH 27  327 64  HOH HOH A . 
F 5 HOH 28  328 120 HOH HOH A . 
F 5 HOH 29  329 119 HOH HOH A . 
F 5 HOH 30  330 20  HOH HOH A . 
F 5 HOH 31  331 95  HOH HOH A . 
F 5 HOH 32  332 49  HOH HOH A . 
F 5 HOH 33  333 9   HOH HOH A . 
F 5 HOH 34  334 162 HOH HOH A . 
F 5 HOH 35  335 14  HOH HOH A . 
F 5 HOH 36  336 58  HOH HOH A . 
F 5 HOH 37  337 83  HOH HOH A . 
F 5 HOH 38  338 5   HOH HOH A . 
F 5 HOH 39  339 65  HOH HOH A . 
F 5 HOH 40  340 106 HOH HOH A . 
F 5 HOH 41  341 26  HOH HOH A . 
F 5 HOH 42  342 48  HOH HOH A . 
F 5 HOH 43  343 90  HOH HOH A . 
F 5 HOH 44  344 2   HOH HOH A . 
F 5 HOH 45  345 39  HOH HOH A . 
F 5 HOH 46  346 141 HOH HOH A . 
F 5 HOH 47  347 15  HOH HOH A . 
F 5 HOH 48  348 59  HOH HOH A . 
F 5 HOH 49  349 98  HOH HOH A . 
F 5 HOH 50  350 128 HOH HOH A . 
F 5 HOH 51  351 19  HOH HOH A . 
F 5 HOH 52  352 44  HOH HOH A . 
F 5 HOH 53  353 11  HOH HOH A . 
F 5 HOH 54  354 31  HOH HOH A . 
F 5 HOH 55  355 37  HOH HOH A . 
F 5 HOH 56  356 36  HOH HOH A . 
F 5 HOH 57  357 104 HOH HOH A . 
F 5 HOH 58  358 130 HOH HOH A . 
F 5 HOH 59  359 50  HOH HOH A . 
F 5 HOH 60  360 33  HOH HOH A . 
F 5 HOH 61  361 1   HOH HOH A . 
F 5 HOH 62  362 149 HOH HOH A . 
F 5 HOH 63  363 4   HOH HOH A . 
F 5 HOH 64  364 136 HOH HOH A . 
F 5 HOH 65  365 56  HOH HOH A . 
F 5 HOH 66  366 142 HOH HOH A . 
F 5 HOH 67  367 18  HOH HOH A . 
F 5 HOH 68  368 16  HOH HOH A . 
F 5 HOH 69  369 89  HOH HOH A . 
F 5 HOH 70  370 111 HOH HOH A . 
F 5 HOH 71  371 29  HOH HOH A . 
F 5 HOH 72  372 62  HOH HOH A . 
F 5 HOH 73  373 147 HOH HOH A . 
F 5 HOH 74  374 139 HOH HOH A . 
F 5 HOH 75  375 35  HOH HOH A . 
F 5 HOH 76  376 52  HOH HOH A . 
F 5 HOH 77  377 17  HOH HOH A . 
F 5 HOH 78  378 42  HOH HOH A . 
F 5 HOH 79  379 131 HOH HOH A . 
F 5 HOH 80  380 3   HOH HOH A . 
F 5 HOH 81  381 77  HOH HOH A . 
F 5 HOH 82  382 41  HOH HOH A . 
F 5 HOH 83  383 32  HOH HOH A . 
F 5 HOH 84  384 47  HOH HOH A . 
F 5 HOH 85  385 12  HOH HOH A . 
F 5 HOH 86  386 8   HOH HOH A . 
F 5 HOH 87  387 21  HOH HOH A . 
F 5 HOH 88  388 10  HOH HOH A . 
F 5 HOH 89  389 63  HOH HOH A . 
F 5 HOH 90  390 25  HOH HOH A . 
F 5 HOH 91  391 46  HOH HOH A . 
F 5 HOH 92  392 135 HOH HOH A . 
F 5 HOH 93  393 137 HOH HOH A . 
F 5 HOH 94  394 40  HOH HOH A . 
F 5 HOH 95  395 23  HOH HOH A . 
F 5 HOH 96  396 101 HOH HOH A . 
F 5 HOH 97  397 125 HOH HOH A . 
F 5 HOH 98  398 51  HOH HOH A . 
F 5 HOH 99  399 118 HOH HOH A . 
F 5 HOH 100 400 6   HOH HOH A . 
F 5 HOH 101 401 115 HOH HOH A . 
F 5 HOH 102 402 103 HOH HOH A . 
F 5 HOH 103 403 75  HOH HOH A . 
F 5 HOH 104 404 159 HOH HOH A . 
F 5 HOH 105 405 7   HOH HOH A . 
F 5 HOH 106 406 30  HOH HOH A . 
F 5 HOH 107 407 24  HOH HOH A . 
F 5 HOH 108 408 107 HOH HOH A . 
F 5 HOH 109 409 109 HOH HOH A . 
F 5 HOH 110 410 22  HOH HOH A . 
F 5 HOH 111 411 99  HOH HOH A . 
F 5 HOH 112 412 129 HOH HOH A . 
F 5 HOH 113 413 114 HOH HOH A . 
F 5 HOH 114 414 28  HOH HOH A . 
F 5 HOH 115 415 54  HOH HOH A . 
F 5 HOH 116 416 127 HOH HOH A . 
F 5 HOH 117 417 60  HOH HOH A . 
F 5 HOH 118 418 112 HOH HOH A . 
F 5 HOH 119 419 105 HOH HOH A . 
F 5 HOH 120 420 126 HOH HOH A . 
F 5 HOH 121 421 148 HOH HOH A . 
F 5 HOH 122 422 143 HOH HOH A . 
F 5 HOH 123 423 163 HOH HOH A . 
F 5 HOH 124 424 155 HOH HOH A . 
F 5 HOH 125 425 87  HOH HOH A . 
F 5 HOH 126 426 154 HOH HOH A . 
F 5 HOH 127 427 97  HOH HOH A . 
F 5 HOH 128 428 94  HOH HOH A . 
F 5 HOH 129 429 150 HOH HOH A . 
F 5 HOH 130 430 156 HOH HOH A . 
F 5 HOH 131 431 96  HOH HOH A . 
F 5 HOH 132 432 79  HOH HOH A . 
F 5 HOH 133 433 71  HOH HOH A . 
F 5 HOH 134 434 74  HOH HOH A . 
F 5 HOH 135 435 157 HOH HOH A . 
F 5 HOH 136 436 85  HOH HOH A . 
F 5 HOH 137 437 161 HOH HOH A . 
F 5 HOH 138 438 72  HOH HOH A . 
F 5 HOH 139 439 122 HOH HOH A . 
F 5 HOH 140 440 146 HOH HOH A . 
F 5 HOH 141 441 160 HOH HOH A . 
F 5 HOH 142 442 138 HOH HOH A . 
F 5 HOH 143 443 108 HOH HOH A . 
F 5 HOH 144 444 82  HOH HOH A . 
F 5 HOH 145 445 67  HOH HOH A . 
F 5 HOH 146 446 117 HOH HOH A . 
F 5 HOH 147 447 69  HOH HOH A . 
F 5 HOH 148 448 133 HOH HOH A . 
F 5 HOH 149 449 80  HOH HOH A . 
F 5 HOH 150 450 116 HOH HOH A . 
F 5 HOH 151 451 110 HOH HOH A . 
F 5 HOH 152 452 144 HOH HOH A . 
F 5 HOH 153 453 70  HOH HOH A . 
F 5 HOH 154 454 145 HOH HOH A . 
F 5 HOH 155 455 78  HOH HOH A . 
F 5 HOH 156 456 55  HOH HOH A . 
F 5 HOH 157 457 84  HOH HOH A . 
F 5 HOH 158 458 93  HOH HOH A . 
F 5 HOH 159 459 86  HOH HOH A . 
F 5 HOH 160 460 38  HOH HOH A . 
F 5 HOH 161 461 158 HOH HOH A . 
F 5 HOH 162 462 164 HOH HOH A . 
F 5 HOH 163 463 76  HOH HOH A . 
F 5 HOH 164 464 121 HOH HOH A . 
# 
loop_
_software.citation_id 
_software.classification 
_software.compiler_name 
_software.compiler_version 
_software.contact_author 
_software.contact_author_email 
_software.date 
_software.description 
_software.dependencies 
_software.hardware 
_software.language 
_software.location 
_software.mods 
_software.name 
_software.os 
_software.os_version 
_software.type 
_software.version 
_software.pdbx_ordinal 
? refinement        ? ? ? ? ? ? ? ? ? ? ? PHENIX      ? ? ? .     1 
? 'data extraction' ? ? ? ? ? ? ? ? ? ? ? PDB_EXTRACT ? ? ? 3.15  2 
? 'data reduction'  ? ? ? ? ? ? ? ? ? ? ? XDS         ? ? ? .     3 
? phasing           ? ? ? ? ? ? ? ? ? ? ? PHASER      ? ? ? 2.5.6 4 
? 'data scaling'    ? ? ? ? ? ? ? ? ? ? ? XDS         ? ? ? .     5 
# 
_cell.length_a           77.232 
_cell.length_b           77.232 
_cell.length_c           37.961 
_cell.angle_alpha        90.000 
_cell.angle_beta         90.000 
_cell.angle_gamma        90.000 
_cell.entry_id           4XYY 
_cell.Z_PDB              8 
_cell.pdbx_unique_axis   ? 
# 
_symmetry.space_group_name_H-M             'P 43 21 2' 
_symmetry.entry_id                         4XYY 
_symmetry.pdbx_full_space_group_name_H-M   ? 
_symmetry.cell_setting                     ? 
_symmetry.Int_Tables_number                96 
# 
_exptl.absorpt_coefficient_mu     ? 
_exptl.absorpt_correction_T_max   ? 
_exptl.absorpt_correction_T_min   ? 
_exptl.absorpt_correction_type    ? 
_exptl.absorpt_process_details    ? 
_exptl.entry_id                   4XYY 
_exptl.crystals_number            1 
_exptl.details                    ? 
_exptl.method                     'X-RAY DIFFRACTION' 
_exptl.method_details             ? 
# 
_exptl_crystal.colour                      ? 
_exptl_crystal.density_diffrn              ? 
_exptl_crystal.density_Matthews            1.97 
_exptl_crystal.density_method              ? 
_exptl_crystal.density_percent_sol         37.72 
_exptl_crystal.description                 ? 
_exptl_crystal.F_000                       ? 
_exptl_crystal.id                          1 
_exptl_crystal.preparation                 ? 
_exptl_crystal.size_max                    ? 
_exptl_crystal.size_mid                    ? 
_exptl_crystal.size_min                    ? 
_exptl_crystal.size_rad                    ? 
_exptl_crystal.colour_lustre               ? 
_exptl_crystal.colour_modifier             ? 
_exptl_crystal.colour_primary              ? 
_exptl_crystal.density_meas                ? 
_exptl_crystal.density_meas_esd            ? 
_exptl_crystal.density_meas_gt             ? 
_exptl_crystal.density_meas_lt             ? 
_exptl_crystal.density_meas_temp           ? 
_exptl_crystal.density_meas_temp_esd       ? 
_exptl_crystal.density_meas_temp_gt        ? 
_exptl_crystal.density_meas_temp_lt        ? 
_exptl_crystal.pdbx_crystal_image_url      ? 
_exptl_crystal.pdbx_crystal_image_format   ? 
_exptl_crystal.pdbx_mosaicity              ? 
_exptl_crystal.pdbx_mosaicity_esd          ? 
# 
_exptl_crystal_grow.apparatus       ? 
_exptl_crystal_grow.atmosphere      ? 
_exptl_crystal_grow.crystal_id      1 
_exptl_crystal_grow.details         ? 
_exptl_crystal_grow.method          'VAPOR DIFFUSION, SITTING DROP' 
_exptl_crystal_grow.method_ref      ? 
_exptl_crystal_grow.pH              7.4 
_exptl_crystal_grow.pressure        ? 
_exptl_crystal_grow.pressure_esd    ? 
_exptl_crystal_grow.seeding         ? 
_exptl_crystal_grow.seeding_ref     ? 
_exptl_crystal_grow.temp            289 
_exptl_crystal_grow.temp_details    ? 
_exptl_crystal_grow.temp_esd        ? 
_exptl_crystal_grow.time            ? 
_exptl_crystal_grow.pdbx_details    '0.1 M Sodium HEPES pH 7.5, 2.0 M Ammonium sulphate' 
_exptl_crystal_grow.pdbx_pH_range   ? 
# 
_diffrn.ambient_environment    ? 
_diffrn.ambient_temp           100 
_diffrn.ambient_temp_details   ? 
_diffrn.ambient_temp_esd       ? 
_diffrn.crystal_id             1 
_diffrn.crystal_support        ? 
_diffrn.crystal_treatment      ? 
_diffrn.details                ? 
_diffrn.id                     1 
_diffrn.ambient_pressure       ? 
_diffrn.ambient_pressure_esd   ? 
_diffrn.ambient_pressure_gt    ? 
_diffrn.ambient_pressure_lt    ? 
_diffrn.ambient_temp_gt        ? 
_diffrn.ambient_temp_lt        ? 
# 
_diffrn_detector.details                      ? 
_diffrn_detector.detector                     PIXEL 
_diffrn_detector.diffrn_id                    1 
_diffrn_detector.type                         'DECTRIS PILATUS 6M' 
_diffrn_detector.area_resol_mean              ? 
_diffrn_detector.dtime                        ? 
_diffrn_detector.pdbx_frames_total            ? 
_diffrn_detector.pdbx_collection_time_total   ? 
_diffrn_detector.pdbx_collection_date         2014-09-11 
# 
_diffrn_radiation.collimation                      ? 
_diffrn_radiation.diffrn_id                        1 
_diffrn_radiation.filter_edge                      ? 
_diffrn_radiation.inhomogeneity                    ? 
_diffrn_radiation.monochromator                    ? 
_diffrn_radiation.polarisn_norm                    ? 
_diffrn_radiation.polarisn_ratio                   ? 
_diffrn_radiation.probe                            ? 
_diffrn_radiation.type                             ? 
_diffrn_radiation.xray_symbol                      ? 
_diffrn_radiation.wavelength_id                    1 
_diffrn_radiation.pdbx_monochromatic_or_laue_m_l   M 
_diffrn_radiation.pdbx_wavelength_list             ? 
_diffrn_radiation.pdbx_wavelength                  ? 
_diffrn_radiation.pdbx_diffrn_protocol             'SINGLE WAVELENGTH' 
_diffrn_radiation.pdbx_analyzer                    ? 
_diffrn_radiation.pdbx_scattering_type             x-ray 
# 
_diffrn_radiation_wavelength.id           1 
_diffrn_radiation_wavelength.wavelength   0.8856 
_diffrn_radiation_wavelength.wt           1.0 
# 
_diffrn_source.current                     ? 
_diffrn_source.details                     ? 
_diffrn_source.diffrn_id                   1 
_diffrn_source.power                       ? 
_diffrn_source.size                        ? 
_diffrn_source.source                      SYNCHROTRON 
_diffrn_source.target                      ? 
_diffrn_source.type                        'SOLEIL BEAMLINE PROXIMA 1' 
_diffrn_source.voltage                     ? 
_diffrn_source.take-off_angle              ? 
_diffrn_source.pdbx_wavelength_list        0.8856 
_diffrn_source.pdbx_wavelength             ? 
_diffrn_source.pdbx_synchrotron_beamline   'PROXIMA 1' 
_diffrn_source.pdbx_synchrotron_site       SOLEIL 
# 
_reflns.B_iso_Wilson_estimate            15.41 
_reflns.entry_id                         4XYY 
_reflns.data_reduction_details           ? 
_reflns.data_reduction_method            ? 
_reflns.d_resolution_high                1.38 
_reflns.d_resolution_low                 38.62 
_reflns.details                          ? 
_reflns.limit_h_max                      ? 
_reflns.limit_h_min                      ? 
_reflns.limit_k_max                      ? 
_reflns.limit_k_min                      ? 
_reflns.limit_l_max                      ? 
_reflns.limit_l_min                      ? 
_reflns.number_all                       ? 
_reflns.number_obs                       45045 
_reflns.observed_criterion               ? 
_reflns.observed_criterion_F_max         ? 
_reflns.observed_criterion_F_min         ? 
_reflns.observed_criterion_I_max         ? 
_reflns.observed_criterion_I_min         ? 
_reflns.observed_criterion_sigma_F       ? 
_reflns.observed_criterion_sigma_I       ? 
_reflns.percent_possible_obs             99.8 
_reflns.R_free_details                   ? 
_reflns.Rmerge_F_all                     ? 
_reflns.Rmerge_F_obs                     ? 
_reflns.Friedel_coverage                 ? 
_reflns.number_gt                        ? 
_reflns.threshold_expression             ? 
_reflns.pdbx_redundancy                  7.6 
_reflns.pdbx_Rmerge_I_obs                0.113 
_reflns.pdbx_Rmerge_I_all                ? 
_reflns.pdbx_Rsym_value                  ? 
_reflns.pdbx_netI_over_av_sigmaI         ? 
_reflns.pdbx_netI_over_sigmaI            10.2 
_reflns.pdbx_res_netI_over_av_sigmaI_2   ? 
_reflns.pdbx_res_netI_over_sigmaI_2      ? 
_reflns.pdbx_chi_squared                 ? 
_reflns.pdbx_scaling_rejects             ? 
_reflns.pdbx_d_res_high_opt              ? 
_reflns.pdbx_d_res_low_opt               ? 
_reflns.pdbx_d_res_opt_method            ? 
_reflns.phase_calculation_details        ? 
_reflns.pdbx_Rrim_I_all                  ? 
_reflns.pdbx_Rpim_I_all                  ? 
_reflns.pdbx_d_opt                       ? 
_reflns.pdbx_number_measured_all         ? 
_reflns.pdbx_diffrn_id                   1 
_reflns.pdbx_ordinal                     1 
_reflns.pdbx_CC_half                     ? 
_reflns.pdbx_R_split                     ? 
# 
_reflns_shell.d_res_high                  1.38 
_reflns_shell.d_res_low                   1.43 
_reflns_shell.meanI_over_sigI_all         ? 
_reflns_shell.meanI_over_sigI_obs         2.0 
_reflns_shell.number_measured_all         ? 
_reflns_shell.number_measured_obs         ? 
_reflns_shell.number_possible             ? 
_reflns_shell.number_unique_all           ? 
_reflns_shell.number_unique_obs           ? 
_reflns_shell.percent_possible_all        99.3 
_reflns_shell.percent_possible_obs        ? 
_reflns_shell.Rmerge_F_all                ? 
_reflns_shell.Rmerge_F_obs                ? 
_reflns_shell.Rmerge_I_all                ? 
_reflns_shell.Rmerge_I_obs                0.695 
_reflns_shell.meanI_over_sigI_gt          ? 
_reflns_shell.meanI_over_uI_all           ? 
_reflns_shell.meanI_over_uI_gt            ? 
_reflns_shell.number_measured_gt          ? 
_reflns_shell.number_unique_gt            ? 
_reflns_shell.percent_possible_gt         ? 
_reflns_shell.Rmerge_F_gt                 ? 
_reflns_shell.Rmerge_I_gt                 ? 
_reflns_shell.pdbx_redundancy             7.3 
_reflns_shell.pdbx_Rsym_value             ? 
_reflns_shell.pdbx_chi_squared            ? 
_reflns_shell.pdbx_netI_over_sigmaI_all   ? 
_reflns_shell.pdbx_netI_over_sigmaI_obs   ? 
_reflns_shell.pdbx_Rrim_I_all             ? 
_reflns_shell.pdbx_Rpim_I_all             ? 
_reflns_shell.pdbx_rejects                ? 
_reflns_shell.pdbx_ordinal                1 
_reflns_shell.pdbx_diffrn_id              1 
_reflns_shell.pdbx_CC_half                ? 
_reflns_shell.pdbx_R_split                ? 
# 
_refine.entry_id                                 4XYY 
_refine.pdbx_refine_id                           'X-RAY DIFFRACTION' 
_refine.ls_d_res_high                            1.3800 
_refine.ls_d_res_low                             38.6160 
_refine.pdbx_ls_sigma_F                          1.380 
_refine.pdbx_data_cutoff_high_absF               ? 
_refine.pdbx_data_cutoff_low_absF                ? 
_refine.ls_percent_reflns_obs                    99.7300 
_refine.ls_number_reflns_obs                     45029 
_refine.ls_number_reflns_all                     ? 
_refine.pdbx_ls_cross_valid_method               'FREE R-VALUE' 
_refine.ls_matrix_type                           ? 
_refine.pdbx_R_Free_selection_details            'Random selection' 
_refine.details                                  ? 
_refine.ls_R_factor_all                          ? 
_refine.ls_R_factor_obs                          0.1629 
_refine.ls_R_factor_R_work                       0.1618 
_refine.ls_wR_factor_R_work                      ? 
_refine.ls_R_factor_R_free                       0.1837 
_refine.ls_wR_factor_R_free                      ? 
_refine.ls_percent_reflns_R_free                 4.9900 
_refine.ls_number_reflns_R_free                  2245 
_refine.ls_number_reflns_R_work                  42784 
_refine.ls_R_factor_R_free_error                 ? 
_refine.B_iso_mean                               21.2734 
_refine.solvent_model_param_bsol                 ? 
_refine.solvent_model_param_ksol                 ? 
_refine.pdbx_isotropic_thermal_model             ? 
_refine.aniso_B[1][1]                            ? 
_refine.aniso_B[2][2]                            ? 
_refine.aniso_B[3][3]                            ? 
_refine.aniso_B[1][2]                            ? 
_refine.aniso_B[1][3]                            ? 
_refine.aniso_B[2][3]                            ? 
_refine.correlation_coeff_Fo_to_Fc               ? 
_refine.correlation_coeff_Fo_to_Fc_free          ? 
_refine.overall_SU_R_Cruickshank_DPI             ? 
_refine.pdbx_overall_SU_R_free_Cruickshank_DPI   ? 
_refine.pdbx_overall_SU_R_Blow_DPI               ? 
_refine.pdbx_overall_SU_R_free_Blow_DPI          ? 
_refine.overall_SU_R_free                        ? 
_refine.pdbx_overall_ESU_R                       ? 
_refine.pdbx_overall_ESU_R_Free                  ? 
_refine.overall_SU_ML                            0.1500 
_refine.overall_SU_B                             ? 
_refine.solvent_model_details                    'FLAT BULK SOLVENT MODEL' 
_refine.pdbx_solvent_vdw_probe_radii             1.1100 
_refine.pdbx_solvent_ion_probe_radii             ? 
_refine.pdbx_solvent_shrinkage_radii             0.9000 
_refine.ls_number_parameters                     ? 
_refine.ls_number_restraints                     ? 
_refine.pdbx_starting_model                      193L 
_refine.pdbx_method_to_determine_struct          'MOLECULAR REPLACEMENT' 
_refine.pdbx_stereochemistry_target_values       ML 
_refine.pdbx_stereochem_target_val_spec_case     ? 
_refine.overall_FOM_work_R_set                   ? 
_refine.B_iso_max                                67.330 
_refine.B_iso_min                                11.000 
_refine.pdbx_overall_phase_error                 18.2300 
_refine.occupancy_max                            ? 
_refine.occupancy_min                            ? 
_refine.pdbx_diffrn_id                           1 
_refine.pdbx_TLS_residual_ADP_flag               ? 
_refine.pdbx_ls_sigma_I                          ? 
_refine.pdbx_data_cutoff_high_rms_absF           ? 
_refine.ls_R_factor_R_free_error_details         ? 
# 
_refine_hist.cycle_id                         final 
_refine_hist.pdbx_refine_id                   'X-RAY DIFFRACTION' 
_refine_hist.d_res_high                       1.3800 
_refine_hist.d_res_low                        38.6160 
_refine_hist.pdbx_number_atoms_ligand         64 
_refine_hist.number_atoms_solvent             164 
_refine_hist.number_atoms_total               1229 
_refine_hist.pdbx_number_residues_total       129 
_refine_hist.pdbx_B_iso_mean_ligand           22.59 
_refine_hist.pdbx_B_iso_mean_solvent          31.33 
_refine_hist.pdbx_number_atoms_protein        1001 
_refine_hist.pdbx_number_atoms_nucleic_acid   0 
# 
loop_
_refine_ls_restr.pdbx_refine_id 
_refine_ls_restr.type 
_refine_ls_restr.number 
_refine_ls_restr.dev_ideal 
_refine_ls_restr.dev_ideal_target 
_refine_ls_restr.weight 
_refine_ls_restr.pdbx_restraint_function 
'X-RAY DIFFRACTION' f_bond_d           1190 0.013  ? ? ? 
'X-RAY DIFFRACTION' f_angle_d          1728 2.040  ? ? ? 
'X-RAY DIFFRACTION' f_chiral_restr     157  0.061  ? ? ? 
'X-RAY DIFFRACTION' f_plane_restr      202  0.006  ? ? ? 
'X-RAY DIFFRACTION' f_dihedral_angle_d 472  12.545 ? ? ? 
# 
loop_
_refine_ls_shell.d_res_high 
_refine_ls_shell.d_res_low 
_refine_ls_shell.pdbx_total_number_of_bins_used 
_refine_ls_shell.percent_reflns_obs 
_refine_ls_shell.number_reflns_R_work 
_refine_ls_shell.R_factor_all 
_refine_ls_shell.R_factor_R_work 
_refine_ls_shell.R_factor_R_free 
_refine_ls_shell.percent_reflns_R_free 
_refine_ls_shell.number_reflns_R_free 
_refine_ls_shell.R_factor_R_free_error 
_refine_ls_shell.number_reflns_all 
_refine_ls_shell.number_reflns_obs 
_refine_ls_shell.pdbx_refine_id 
_refine_ls_shell.R_factor_obs 
1.3800 1.4100  16 99.0000  2689 . 0.2804 0.3052 . 142 . 2831 . 'X-RAY DIFFRACTION' . 
1.4100 1.4428  16 100.0000 2639 . 0.2509 0.2533 . 139 . 2778 . 'X-RAY DIFFRACTION' . 
1.4428 1.4789  16 99.0000  2670 . 0.2102 0.2441 . 140 . 2810 . 'X-RAY DIFFRACTION' . 
1.4789 1.5189  16 99.0000  2655 . 0.1862 0.2423 . 138 . 2793 . 'X-RAY DIFFRACTION' . 
1.5189 1.5636  16 100.0000 2702 . 0.1783 0.1881 . 140 . 2842 . 'X-RAY DIFFRACTION' . 
1.5636 1.6141  16 100.0000 2643 . 0.1560 0.1709 . 142 . 2785 . 'X-RAY DIFFRACTION' . 
1.6141 1.6717  16 100.0000 2670 . 0.1578 0.1994 . 140 . 2810 . 'X-RAY DIFFRACTION' . 
1.6717 1.7387  16 100.0000 2671 . 0.1643 0.2207 . 140 . 2811 . 'X-RAY DIFFRACTION' . 
1.7387 1.8178  16 100.0000 2675 . 0.1570 0.1914 . 141 . 2816 . 'X-RAY DIFFRACTION' . 
1.8178 1.9136  16 100.0000 2699 . 0.1573 0.1855 . 141 . 2840 . 'X-RAY DIFFRACTION' . 
1.9136 2.0335  16 100.0000 2664 . 0.1515 0.1908 . 140 . 2804 . 'X-RAY DIFFRACTION' . 
2.0335 2.1905  16 100.0000 2677 . 0.1541 0.2121 . 141 . 2818 . 'X-RAY DIFFRACTION' . 
2.1905 2.4109  16 100.0000 2688 . 0.1554 0.1477 . 140 . 2828 . 'X-RAY DIFFRACTION' . 
2.4109 2.7597  16 100.0000 2684 . 0.1625 0.1798 . 137 . 2821 . 'X-RAY DIFFRACTION' . 
2.7597 3.4766  16 100.0000 2676 . 0.1600 0.1688 . 143 . 2819 . 'X-RAY DIFFRACTION' . 
3.4766 38.6311 16 100.0000 2682 . 0.1513 0.1689 . 141 . 2823 . 'X-RAY DIFFRACTION' . 
# 
_struct.entry_id                     4XYY 
_struct.title                        'Hen Egg-White Lysozyme (HEWL) complexed with Zr(IV)-substituted Keggin-type polyoxometalate' 
_struct.pdbx_model_details           ? 
_struct.pdbx_formula_weight          ? 
_struct.pdbx_formula_weight_method   ? 
_struct.pdbx_model_type_details      ? 
_struct.pdbx_CASP_flag               ? 
# 
_struct_keywords.entry_id        4XYY 
_struct_keywords.text            'Co-crystallization, lysozyme, metalsubstituted polyoxometalates, hydrolase' 
_struct_keywords.pdbx_keywords   HYDROLASE 
# 
loop_
_struct_asym.id 
_struct_asym.pdbx_blank_PDB_chainid_flag 
_struct_asym.pdbx_modified 
_struct_asym.entity_id 
_struct_asym.details 
A N N 1 ? 
B N N 2 ? 
C N N 3 ? 
D N N 4 ? 
E N N 4 ? 
F N N 5 ? 
# 
_struct_ref.id                         1 
_struct_ref.db_name                    UNP 
_struct_ref.db_code                    LYSC_CHICK 
_struct_ref.pdbx_db_accession          P00698 
_struct_ref.pdbx_db_isoform            ? 
_struct_ref.entity_id                  1 
_struct_ref.pdbx_seq_one_letter_code   
;KVFGRCELAAAMKRHGLDNYRGYSLGNWVCAAKFESNFNTQATNRNTDGSTDYGILQINSRWWCNDGRTPGSRNLCNIPC
SALLSSDITASVNCAKKIVSDGNGMNAWVAWRNRCKGTDVQAWIRGCRL
;
_struct_ref.pdbx_align_begin           19 
# 
_struct_ref_seq.align_id                      1 
_struct_ref_seq.ref_id                        1 
_struct_ref_seq.pdbx_PDB_id_code              4XYY 
_struct_ref_seq.pdbx_strand_id                A 
_struct_ref_seq.seq_align_beg                 1 
_struct_ref_seq.pdbx_seq_align_beg_ins_code   ? 
_struct_ref_seq.seq_align_end                 129 
_struct_ref_seq.pdbx_seq_align_end_ins_code   ? 
_struct_ref_seq.pdbx_db_accession             P00698 
_struct_ref_seq.db_align_beg                  19 
_struct_ref_seq.pdbx_db_align_beg_ins_code    ? 
_struct_ref_seq.db_align_end                  147 
_struct_ref_seq.pdbx_db_align_end_ins_code    ? 
_struct_ref_seq.pdbx_auth_seq_align_beg       1 
_struct_ref_seq.pdbx_auth_seq_align_end       129 
# 
_pdbx_struct_assembly.id                   1 
_pdbx_struct_assembly.details              author_and_software_defined_assembly 
_pdbx_struct_assembly.method_details       PISA 
_pdbx_struct_assembly.oligomeric_details   monomeric 
_pdbx_struct_assembly.oligomeric_count     1 
# 
_pdbx_struct_assembly_gen.assembly_id       1 
_pdbx_struct_assembly_gen.oper_expression   1 
_pdbx_struct_assembly_gen.asym_id_list      A,B,C,D,E,F 
# 
_pdbx_struct_oper_list.id                   1 
_pdbx_struct_oper_list.type                 'identity operation' 
_pdbx_struct_oper_list.name                 1_555 
_pdbx_struct_oper_list.symmetry_operation   x,y,z 
_pdbx_struct_oper_list.matrix[1][1]         1.0000000000 
_pdbx_struct_oper_list.matrix[1][2]         0.0000000000 
_pdbx_struct_oper_list.matrix[1][3]         0.0000000000 
_pdbx_struct_oper_list.vector[1]            0.0000000000 
_pdbx_struct_oper_list.matrix[2][1]         0.0000000000 
_pdbx_struct_oper_list.matrix[2][2]         1.0000000000 
_pdbx_struct_oper_list.matrix[2][3]         0.0000000000 
_pdbx_struct_oper_list.vector[2]            0.0000000000 
_pdbx_struct_oper_list.matrix[3][1]         0.0000000000 
_pdbx_struct_oper_list.matrix[3][2]         0.0000000000 
_pdbx_struct_oper_list.matrix[3][3]         1.0000000000 
_pdbx_struct_oper_list.vector[3]            0.0000000000 
# 
loop_
_struct_conf.conf_type_id 
_struct_conf.id 
_struct_conf.pdbx_PDB_helix_id 
_struct_conf.beg_label_comp_id 
_struct_conf.beg_label_asym_id 
_struct_conf.beg_label_seq_id 
_struct_conf.pdbx_beg_PDB_ins_code 
_struct_conf.end_label_comp_id 
_struct_conf.end_label_asym_id 
_struct_conf.end_label_seq_id 
_struct_conf.pdbx_end_PDB_ins_code 
_struct_conf.beg_auth_comp_id 
_struct_conf.beg_auth_asym_id 
_struct_conf.beg_auth_seq_id 
_struct_conf.end_auth_comp_id 
_struct_conf.end_auth_asym_id 
_struct_conf.end_auth_seq_id 
_struct_conf.pdbx_PDB_helix_class 
_struct_conf.details 
_struct_conf.pdbx_PDB_helix_length 
HELX_P HELX_P1 AA1 GLY A 4   ? HIS A 15  ? GLY A 4   HIS A 15  1 ? 12 
HELX_P HELX_P2 AA2 ASN A 19  ? TYR A 23  ? ASN A 19  TYR A 23  5 ? 5  
HELX_P HELX_P3 AA3 SER A 24  ? ASN A 37  ? SER A 24  ASN A 37  1 ? 14 
HELX_P HELX_P4 AA4 PRO A 79  ? SER A 85  ? PRO A 79  SER A 85  5 ? 7  
HELX_P HELX_P5 AA5 ILE A 88  ? SER A 100 ? ILE A 88  SER A 100 1 ? 13 
HELX_P HELX_P6 AA6 ASN A 103 ? ALA A 107 ? ASN A 103 ALA A 107 5 ? 5  
HELX_P HELX_P7 AA7 TRP A 108 ? CYS A 115 ? TRP A 108 CYS A 115 1 ? 8  
HELX_P HELX_P8 AA8 ASP A 119 ? ARG A 125 ? ASP A 119 ARG A 125 5 ? 7  
# 
_struct_conf_type.id          HELX_P 
_struct_conf_type.criteria    ? 
_struct_conf_type.reference   ? 
# 
loop_
_struct_conn.id 
_struct_conn.conn_type_id 
_struct_conn.pdbx_leaving_atom_flag 
_struct_conn.pdbx_PDB_id 
_struct_conn.ptnr1_label_asym_id 
_struct_conn.ptnr1_label_comp_id 
_struct_conn.ptnr1_label_seq_id 
_struct_conn.ptnr1_label_atom_id 
_struct_conn.pdbx_ptnr1_label_alt_id 
_struct_conn.pdbx_ptnr1_PDB_ins_code 
_struct_conn.pdbx_ptnr1_standard_comp_id 
_struct_conn.ptnr1_symmetry 
_struct_conn.ptnr2_label_asym_id 
_struct_conn.ptnr2_label_comp_id 
_struct_conn.ptnr2_label_seq_id 
_struct_conn.ptnr2_label_atom_id 
_struct_conn.pdbx_ptnr2_label_alt_id 
_struct_conn.pdbx_ptnr2_PDB_ins_code 
_struct_conn.ptnr1_auth_asym_id 
_struct_conn.ptnr1_auth_comp_id 
_struct_conn.ptnr1_auth_seq_id 
_struct_conn.ptnr2_auth_asym_id 
_struct_conn.ptnr2_auth_comp_id 
_struct_conn.ptnr2_auth_seq_id 
_struct_conn.ptnr2_symmetry 
_struct_conn.pdbx_ptnr3_label_atom_id 
_struct_conn.pdbx_ptnr3_label_seq_id 
_struct_conn.pdbx_ptnr3_label_comp_id 
_struct_conn.pdbx_ptnr3_label_asym_id 
_struct_conn.pdbx_ptnr3_label_alt_id 
_struct_conn.pdbx_ptnr3_PDB_ins_code 
_struct_conn.details 
_struct_conn.pdbx_dist_value 
_struct_conn.pdbx_value_order 
_struct_conn.pdbx_role 
disulf1 disulf ? ? A CYS 6  SG ? ? ? 1_555 A CYS 127 SG ? ? A CYS 6  A CYS 127 1_555 ? ? ? ? ? ? ? 2.050 ? ? 
disulf2 disulf ? ? A CYS 30 SG ? ? ? 1_555 A CYS 115 SG ? ? A CYS 30 A CYS 115 1_555 ? ? ? ? ? ? ? 2.121 ? ? 
disulf3 disulf ? ? A CYS 64 SG ? ? ? 1_555 A CYS 80  SG ? ? A CYS 64 A CYS 80  1_555 ? ? ? ? ? ? ? 2.026 ? ? 
disulf4 disulf ? ? A CYS 76 SG ? ? ? 1_555 A CYS 94  SG ? ? A CYS 76 A CYS 94  1_555 ? ? ? ? ? ? ? 2.050 ? ? 
# 
_struct_conn_type.id          disulf 
_struct_conn_type.criteria    ? 
_struct_conn_type.reference   ? 
# 
loop_
_pdbx_modification_feature.ordinal 
_pdbx_modification_feature.label_comp_id 
_pdbx_modification_feature.label_asym_id 
_pdbx_modification_feature.label_seq_id 
_pdbx_modification_feature.label_alt_id 
_pdbx_modification_feature.modified_residue_label_comp_id 
_pdbx_modification_feature.modified_residue_label_asym_id 
_pdbx_modification_feature.modified_residue_label_seq_id 
_pdbx_modification_feature.modified_residue_label_alt_id 
_pdbx_modification_feature.auth_comp_id 
_pdbx_modification_feature.auth_asym_id 
_pdbx_modification_feature.auth_seq_id 
_pdbx_modification_feature.PDB_ins_code 
_pdbx_modification_feature.symmetry 
_pdbx_modification_feature.modified_residue_auth_comp_id 
_pdbx_modification_feature.modified_residue_auth_asym_id 
_pdbx_modification_feature.modified_residue_auth_seq_id 
_pdbx_modification_feature.modified_residue_PDB_ins_code 
_pdbx_modification_feature.modified_residue_symmetry 
_pdbx_modification_feature.comp_id_linking_atom 
_pdbx_modification_feature.modified_residue_id_linking_atom 
_pdbx_modification_feature.modified_residue_id 
_pdbx_modification_feature.ref_pcm_id 
_pdbx_modification_feature.ref_comp_id 
_pdbx_modification_feature.type 
_pdbx_modification_feature.category 
1 CYS A 6  ? CYS A 127 ? CYS A 6  ? 1_555 CYS A 127 ? 1_555 SG SG . . . None 'Disulfide bridge' 
2 CYS A 30 ? CYS A 115 ? CYS A 30 ? 1_555 CYS A 115 ? 1_555 SG SG . . . None 'Disulfide bridge' 
3 CYS A 64 ? CYS A 80  ? CYS A 64 ? 1_555 CYS A 80  ? 1_555 SG SG . . . None 'Disulfide bridge' 
4 CYS A 76 ? CYS A 94  ? CYS A 76 ? 1_555 CYS A 94  ? 1_555 SG SG . . . None 'Disulfide bridge' 
# 
_struct_sheet.id               AA1 
_struct_sheet.type             ? 
_struct_sheet.number_strands   3 
_struct_sheet.details          ? 
# 
loop_
_struct_sheet_order.sheet_id 
_struct_sheet_order.range_id_1 
_struct_sheet_order.range_id_2 
_struct_sheet_order.offset 
_struct_sheet_order.sense 
AA1 1 2 ? anti-parallel 
AA1 2 3 ? anti-parallel 
# 
loop_
_struct_sheet_range.sheet_id 
_struct_sheet_range.id 
_struct_sheet_range.beg_label_comp_id 
_struct_sheet_range.beg_label_asym_id 
_struct_sheet_range.beg_label_seq_id 
_struct_sheet_range.pdbx_beg_PDB_ins_code 
_struct_sheet_range.end_label_comp_id 
_struct_sheet_range.end_label_asym_id 
_struct_sheet_range.end_label_seq_id 
_struct_sheet_range.pdbx_end_PDB_ins_code 
_struct_sheet_range.beg_auth_comp_id 
_struct_sheet_range.beg_auth_asym_id 
_struct_sheet_range.beg_auth_seq_id 
_struct_sheet_range.end_auth_comp_id 
_struct_sheet_range.end_auth_asym_id 
_struct_sheet_range.end_auth_seq_id 
AA1 1 THR A 43 ? ARG A 45 ? THR A 43 ARG A 45 
AA1 2 THR A 51 ? TYR A 53 ? THR A 51 TYR A 53 
AA1 3 ILE A 58 ? ASN A 59 ? ILE A 58 ASN A 59 
# 
loop_
_pdbx_struct_sheet_hbond.sheet_id 
_pdbx_struct_sheet_hbond.range_id_1 
_pdbx_struct_sheet_hbond.range_id_2 
_pdbx_struct_sheet_hbond.range_1_label_atom_id 
_pdbx_struct_sheet_hbond.range_1_label_comp_id 
_pdbx_struct_sheet_hbond.range_1_label_asym_id 
_pdbx_struct_sheet_hbond.range_1_label_seq_id 
_pdbx_struct_sheet_hbond.range_1_PDB_ins_code 
_pdbx_struct_sheet_hbond.range_1_auth_atom_id 
_pdbx_struct_sheet_hbond.range_1_auth_comp_id 
_pdbx_struct_sheet_hbond.range_1_auth_asym_id 
_pdbx_struct_sheet_hbond.range_1_auth_seq_id 
_pdbx_struct_sheet_hbond.range_2_label_atom_id 
_pdbx_struct_sheet_hbond.range_2_label_comp_id 
_pdbx_struct_sheet_hbond.range_2_label_asym_id 
_pdbx_struct_sheet_hbond.range_2_label_seq_id 
_pdbx_struct_sheet_hbond.range_2_PDB_ins_code 
_pdbx_struct_sheet_hbond.range_2_auth_atom_id 
_pdbx_struct_sheet_hbond.range_2_auth_comp_id 
_pdbx_struct_sheet_hbond.range_2_auth_asym_id 
_pdbx_struct_sheet_hbond.range_2_auth_seq_id 
AA1 1 2 N ASN A 44 ? N ASN A 44 O ASP A 52 ? O ASP A 52 
AA1 2 3 N TYR A 53 ? N TYR A 53 O ILE A 58 ? O ILE A 58 
# 
loop_
_struct_site.id 
_struct_site.pdbx_evidence_code 
_struct_site.pdbx_auth_asym_id 
_struct_site.pdbx_auth_comp_id 
_struct_site.pdbx_auth_seq_id 
_struct_site.pdbx_auth_ins_code 
_struct_site.pdbx_num_residues 
_struct_site.details 
AC1 Software A ZKG 201 ? 32 'binding site for residue ZKG A 201' 
AC2 Software A DMS 202 ? 6  'binding site for residue DMS A 202' 
AC3 Software A EDN 203 ? 7  'binding site for residue EDN A 203' 
AC4 Software A EDN 204 ? 4  'binding site for residue EDN A 204' 
# 
loop_
_struct_site_gen.id 
_struct_site_gen.site_id 
_struct_site_gen.pdbx_num_res 
_struct_site_gen.label_comp_id 
_struct_site_gen.label_asym_id 
_struct_site_gen.label_seq_id 
_struct_site_gen.pdbx_auth_ins_code 
_struct_site_gen.auth_comp_id 
_struct_site_gen.auth_asym_id 
_struct_site_gen.auth_seq_id 
_struct_site_gen.label_atom_id 
_struct_site_gen.label_alt_id 
_struct_site_gen.symmetry 
_struct_site_gen.details 
1  AC1 32 GLY A 16  ? GLY A 16  . ? 3_444 ? 
2  AC1 32 TYR A 20  ? TYR A 20  . ? 3_444 ? 
3  AC1 32 TYR A 20  ? TYR A 20  . ? 6_445 ? 
4  AC1 32 ARG A 45  ? ARG A 45  . ? 1_555 ? 
5  AC1 32 ARG A 45  ? ARG A 45  . ? 7_555 ? 
6  AC1 32 ASN A 46  ? ASN A 46  . ? 7_555 ? 
7  AC1 32 ASN A 46  ? ASN A 46  . ? 1_555 ? 
8  AC1 32 THR A 47  ? THR A 47  . ? 7_555 ? 
9  AC1 32 LYS A 96  ? LYS A 96  . ? 3_444 ? 
10 AC1 32 LYS A 96  ? LYS A 96  . ? 6_445 ? 
11 AC1 32 HOH F .   ? HOH A 301 . ? 7_555 ? 
12 AC1 32 HOH F .   ? HOH A 301 . ? 1_555 ? 
13 AC1 32 HOH F .   ? HOH A 303 . ? 6_444 ? 
14 AC1 32 HOH F .   ? HOH A 304 . ? 1_555 ? 
15 AC1 32 HOH F .   ? HOH A 304 . ? 7_555 ? 
16 AC1 32 HOH F .   ? HOH A 307 . ? 1_555 ? 
17 AC1 32 HOH F .   ? HOH A 307 . ? 7_555 ? 
18 AC1 32 HOH F .   ? HOH A 309 . ? 1_555 ? 
19 AC1 32 HOH F .   ? HOH A 309 . ? 7_555 ? 
20 AC1 32 HOH F .   ? HOH A 312 . ? 7_555 ? 
21 AC1 32 HOH F .   ? HOH A 312 . ? 1_555 ? 
22 AC1 32 HOH F .   ? HOH A 320 . ? 1_555 ? 
23 AC1 32 HOH F .   ? HOH A 320 . ? 7_555 ? 
24 AC1 32 HOH F .   ? HOH A 323 . ? 7_555 ? 
25 AC1 32 HOH F .   ? HOH A 323 . ? 1_555 ? 
26 AC1 32 HOH F .   ? HOH A 357 . ? 3_444 ? 
27 AC1 32 HOH F .   ? HOH A 374 . ? 7_555 ? 
28 AC1 32 HOH F .   ? HOH A 389 . ? 7_555 ? 
29 AC1 32 HOH F .   ? HOH A 389 . ? 1_555 ? 
30 AC1 32 HOH F .   ? HOH A 409 . ? 3_444 ? 
31 AC1 32 HOH F .   ? HOH A 423 . ? 7_555 ? 
32 AC1 32 HOH F .   ? HOH A 423 . ? 1_555 ? 
33 AC2 6  GLN A 57  ? GLN A 57  . ? 1_555 ? 
34 AC2 6  ILE A 58  ? ILE A 58  . ? 1_555 ? 
35 AC2 6  ASN A 59  ? ASN A 59  . ? 1_555 ? 
36 AC2 6  TRP A 63  ? TRP A 63  . ? 1_555 ? 
37 AC2 6  ALA A 107 ? ALA A 107 . ? 1_555 ? 
38 AC2 6  TRP A 108 ? TRP A 108 . ? 1_555 ? 
39 AC3 7  SER A 24  ? SER A 24  . ? 1_555 ? 
40 AC3 7  LEU A 25  ? LEU A 25  . ? 1_555 ? 
41 AC3 7  GLY A 26  ? GLY A 26  . ? 1_555 ? 
42 AC3 7  VAL A 120 ? VAL A 120 . ? 1_555 ? 
43 AC3 7  GLN A 121 ? GLN A 121 . ? 1_555 ? 
44 AC3 7  ILE A 124 ? ILE A 124 . ? 1_555 ? 
45 AC3 7  HOH F .   ? HOH A 311 . ? 1_555 ? 
46 AC4 4  ARG A 21  ? ARG A 21  . ? 3_444 ? 
47 AC4 4  ASN A 46  ? ASN A 46  . ? 1_555 ? 
48 AC4 4  THR A 47  ? THR A 47  . ? 1_555 ? 
49 AC4 4  HOH F .   ? HOH A 316 . ? 1_555 ? 
# 
_pdbx_entry_details.entry_id                   4XYY 
_pdbx_entry_details.compound_details           ? 
_pdbx_entry_details.source_details             ? 
_pdbx_entry_details.nonpolymer_details         ? 
_pdbx_entry_details.sequence_details           ? 
_pdbx_entry_details.has_ligand_of_interest     ? 
_pdbx_entry_details.has_protein_modification   Y 
# 
loop_
_pdbx_validate_close_contact.id 
_pdbx_validate_close_contact.PDB_model_num 
_pdbx_validate_close_contact.auth_atom_id_1 
_pdbx_validate_close_contact.auth_asym_id_1 
_pdbx_validate_close_contact.auth_comp_id_1 
_pdbx_validate_close_contact.auth_seq_id_1 
_pdbx_validate_close_contact.PDB_ins_code_1 
_pdbx_validate_close_contact.label_alt_id_1 
_pdbx_validate_close_contact.auth_atom_id_2 
_pdbx_validate_close_contact.auth_asym_id_2 
_pdbx_validate_close_contact.auth_comp_id_2 
_pdbx_validate_close_contact.auth_seq_id_2 
_pdbx_validate_close_contact.PDB_ins_code_2 
_pdbx_validate_close_contact.label_alt_id_2 
_pdbx_validate_close_contact.dist 
1 1 O72 A ZKG 201 ? ? O A HOH 301 ? ? 2.15 
2 1 OG  A SER 72  ? ? O A HOH 302 ? ? 2.16 
3 1 O   A HOH 417 ? ? O A HOH 425 ? ? 2.17 
# 
loop_
_chem_comp_atom.comp_id 
_chem_comp_atom.atom_id 
_chem_comp_atom.type_symbol 
_chem_comp_atom.pdbx_aromatic_flag 
_chem_comp_atom.pdbx_stereo_config 
_chem_comp_atom.pdbx_ordinal 
ALA N    N  N N 1   
ALA CA   C  N S 2   
ALA C    C  N N 3   
ALA O    O  N N 4   
ALA CB   C  N N 5   
ALA OXT  O  N N 6   
ALA H    H  N N 7   
ALA H2   H  N N 8   
ALA HA   H  N N 9   
ALA HB1  H  N N 10  
ALA HB2  H  N N 11  
ALA HB3  H  N N 12  
ALA HXT  H  N N 13  
ARG N    N  N N 14  
ARG CA   C  N S 15  
ARG C    C  N N 16  
ARG O    O  N N 17  
ARG CB   C  N N 18  
ARG CG   C  N N 19  
ARG CD   C  N N 20  
ARG NE   N  N N 21  
ARG CZ   C  N N 22  
ARG NH1  N  N N 23  
ARG NH2  N  N N 24  
ARG OXT  O  N N 25  
ARG H    H  N N 26  
ARG H2   H  N N 27  
ARG HA   H  N N 28  
ARG HB2  H  N N 29  
ARG HB3  H  N N 30  
ARG HG2  H  N N 31  
ARG HG3  H  N N 32  
ARG HD2  H  N N 33  
ARG HD3  H  N N 34  
ARG HE   H  N N 35  
ARG HH11 H  N N 36  
ARG HH12 H  N N 37  
ARG HH21 H  N N 38  
ARG HH22 H  N N 39  
ARG HXT  H  N N 40  
ASN N    N  N N 41  
ASN CA   C  N S 42  
ASN C    C  N N 43  
ASN O    O  N N 44  
ASN CB   C  N N 45  
ASN CG   C  N N 46  
ASN OD1  O  N N 47  
ASN ND2  N  N N 48  
ASN OXT  O  N N 49  
ASN H    H  N N 50  
ASN H2   H  N N 51  
ASN HA   H  N N 52  
ASN HB2  H  N N 53  
ASN HB3  H  N N 54  
ASN HD21 H  N N 55  
ASN HD22 H  N N 56  
ASN HXT  H  N N 57  
ASP N    N  N N 58  
ASP CA   C  N S 59  
ASP C    C  N N 60  
ASP O    O  N N 61  
ASP CB   C  N N 62  
ASP CG   C  N N 63  
ASP OD1  O  N N 64  
ASP OD2  O  N N 65  
ASP OXT  O  N N 66  
ASP H    H  N N 67  
ASP H2   H  N N 68  
ASP HA   H  N N 69  
ASP HB2  H  N N 70  
ASP HB3  H  N N 71  
ASP HD2  H  N N 72  
ASP HXT  H  N N 73  
CYS N    N  N N 74  
CYS CA   C  N R 75  
CYS C    C  N N 76  
CYS O    O  N N 77  
CYS CB   C  N N 78  
CYS SG   S  N N 79  
CYS OXT  O  N N 80  
CYS H    H  N N 81  
CYS H2   H  N N 82  
CYS HA   H  N N 83  
CYS HB2  H  N N 84  
CYS HB3  H  N N 85  
CYS HG   H  N N 86  
CYS HXT  H  N N 87  
DMS S    S  N N 88  
DMS O    O  N N 89  
DMS C1   C  N N 90  
DMS C2   C  N N 91  
DMS H11  H  N N 92  
DMS H12  H  N N 93  
DMS H13  H  N N 94  
DMS H21  H  N N 95  
DMS H22  H  N N 96  
DMS H23  H  N N 97  
EDN NAA  N  N N 98  
EDN CAB  C  N N 99  
EDN CAC  C  N N 100 
EDN NAD  N  N N 101 
EDN HAA1 H  N N 102 
EDN HAA2 H  N N 103 
EDN HAB1 H  N N 104 
EDN HAB2 H  N N 105 
EDN HAC1 H  N N 106 
EDN HAC2 H  N N 107 
EDN HAD1 H  N N 108 
EDN HAD2 H  N N 109 
GLN N    N  N N 110 
GLN CA   C  N S 111 
GLN C    C  N N 112 
GLN O    O  N N 113 
GLN CB   C  N N 114 
GLN CG   C  N N 115 
GLN CD   C  N N 116 
GLN OE1  O  N N 117 
GLN NE2  N  N N 118 
GLN OXT  O  N N 119 
GLN H    H  N N 120 
GLN H2   H  N N 121 
GLN HA   H  N N 122 
GLN HB2  H  N N 123 
GLN HB3  H  N N 124 
GLN HG2  H  N N 125 
GLN HG3  H  N N 126 
GLN HE21 H  N N 127 
GLN HE22 H  N N 128 
GLN HXT  H  N N 129 
GLU N    N  N N 130 
GLU CA   C  N S 131 
GLU C    C  N N 132 
GLU O    O  N N 133 
GLU CB   C  N N 134 
GLU CG   C  N N 135 
GLU CD   C  N N 136 
GLU OE1  O  N N 137 
GLU OE2  O  N N 138 
GLU OXT  O  N N 139 
GLU H    H  N N 140 
GLU H2   H  N N 141 
GLU HA   H  N N 142 
GLU HB2  H  N N 143 
GLU HB3  H  N N 144 
GLU HG2  H  N N 145 
GLU HG3  H  N N 146 
GLU HE2  H  N N 147 
GLU HXT  H  N N 148 
GLY N    N  N N 149 
GLY CA   C  N N 150 
GLY C    C  N N 151 
GLY O    O  N N 152 
GLY OXT  O  N N 153 
GLY H    H  N N 154 
GLY H2   H  N N 155 
GLY HA2  H  N N 156 
GLY HA3  H  N N 157 
GLY HXT  H  N N 158 
HIS N    N  N N 159 
HIS CA   C  N S 160 
HIS C    C  N N 161 
HIS O    O  N N 162 
HIS CB   C  N N 163 
HIS CG   C  Y N 164 
HIS ND1  N  Y N 165 
HIS CD2  C  Y N 166 
HIS CE1  C  Y N 167 
HIS NE2  N  Y N 168 
HIS OXT  O  N N 169 
HIS H    H  N N 170 
HIS H2   H  N N 171 
HIS HA   H  N N 172 
HIS HB2  H  N N 173 
HIS HB3  H  N N 174 
HIS HD1  H  N N 175 
HIS HD2  H  N N 176 
HIS HE1  H  N N 177 
HIS HE2  H  N N 178 
HIS HXT  H  N N 179 
HOH O    O  N N 180 
HOH H1   H  N N 181 
HOH H2   H  N N 182 
ILE N    N  N N 183 
ILE CA   C  N S 184 
ILE C    C  N N 185 
ILE O    O  N N 186 
ILE CB   C  N S 187 
ILE CG1  C  N N 188 
ILE CG2  C  N N 189 
ILE CD1  C  N N 190 
ILE OXT  O  N N 191 
ILE H    H  N N 192 
ILE H2   H  N N 193 
ILE HA   H  N N 194 
ILE HB   H  N N 195 
ILE HG12 H  N N 196 
ILE HG13 H  N N 197 
ILE HG21 H  N N 198 
ILE HG22 H  N N 199 
ILE HG23 H  N N 200 
ILE HD11 H  N N 201 
ILE HD12 H  N N 202 
ILE HD13 H  N N 203 
ILE HXT  H  N N 204 
LEU N    N  N N 205 
LEU CA   C  N S 206 
LEU C    C  N N 207 
LEU O    O  N N 208 
LEU CB   C  N N 209 
LEU CG   C  N N 210 
LEU CD1  C  N N 211 
LEU CD2  C  N N 212 
LEU OXT  O  N N 213 
LEU H    H  N N 214 
LEU H2   H  N N 215 
LEU HA   H  N N 216 
LEU HB2  H  N N 217 
LEU HB3  H  N N 218 
LEU HG   H  N N 219 
LEU HD11 H  N N 220 
LEU HD12 H  N N 221 
LEU HD13 H  N N 222 
LEU HD21 H  N N 223 
LEU HD22 H  N N 224 
LEU HD23 H  N N 225 
LEU HXT  H  N N 226 
LYS N    N  N N 227 
LYS CA   C  N S 228 
LYS C    C  N N 229 
LYS O    O  N N 230 
LYS CB   C  N N 231 
LYS CG   C  N N 232 
LYS CD   C  N N 233 
LYS CE   C  N N 234 
LYS NZ   N  N N 235 
LYS OXT  O  N N 236 
LYS H    H  N N 237 
LYS H2   H  N N 238 
LYS HA   H  N N 239 
LYS HB2  H  N N 240 
LYS HB3  H  N N 241 
LYS HG2  H  N N 242 
LYS HG3  H  N N 243 
LYS HD2  H  N N 244 
LYS HD3  H  N N 245 
LYS HE2  H  N N 246 
LYS HE3  H  N N 247 
LYS HZ1  H  N N 248 
LYS HZ2  H  N N 249 
LYS HZ3  H  N N 250 
LYS HXT  H  N N 251 
MET N    N  N N 252 
MET CA   C  N S 253 
MET C    C  N N 254 
MET O    O  N N 255 
MET CB   C  N N 256 
MET CG   C  N N 257 
MET SD   S  N N 258 
MET CE   C  N N 259 
MET OXT  O  N N 260 
MET H    H  N N 261 
MET H2   H  N N 262 
MET HA   H  N N 263 
MET HB2  H  N N 264 
MET HB3  H  N N 265 
MET HG2  H  N N 266 
MET HG3  H  N N 267 
MET HE1  H  N N 268 
MET HE2  H  N N 269 
MET HE3  H  N N 270 
MET HXT  H  N N 271 
PHE N    N  N N 272 
PHE CA   C  N S 273 
PHE C    C  N N 274 
PHE O    O  N N 275 
PHE CB   C  N N 276 
PHE CG   C  Y N 277 
PHE CD1  C  Y N 278 
PHE CD2  C  Y N 279 
PHE CE1  C  Y N 280 
PHE CE2  C  Y N 281 
PHE CZ   C  Y N 282 
PHE OXT  O  N N 283 
PHE H    H  N N 284 
PHE H2   H  N N 285 
PHE HA   H  N N 286 
PHE HB2  H  N N 287 
PHE HB3  H  N N 288 
PHE HD1  H  N N 289 
PHE HD2  H  N N 290 
PHE HE1  H  N N 291 
PHE HE2  H  N N 292 
PHE HZ   H  N N 293 
PHE HXT  H  N N 294 
PRO N    N  N N 295 
PRO CA   C  N S 296 
PRO C    C  N N 297 
PRO O    O  N N 298 
PRO CB   C  N N 299 
PRO CG   C  N N 300 
PRO CD   C  N N 301 
PRO OXT  O  N N 302 
PRO H    H  N N 303 
PRO HA   H  N N 304 
PRO HB2  H  N N 305 
PRO HB3  H  N N 306 
PRO HG2  H  N N 307 
PRO HG3  H  N N 308 
PRO HD2  H  N N 309 
PRO HD3  H  N N 310 
PRO HXT  H  N N 311 
SER N    N  N N 312 
SER CA   C  N S 313 
SER C    C  N N 314 
SER O    O  N N 315 
SER CB   C  N N 316 
SER OG   O  N N 317 
SER OXT  O  N N 318 
SER H    H  N N 319 
SER H2   H  N N 320 
SER HA   H  N N 321 
SER HB2  H  N N 322 
SER HB3  H  N N 323 
SER HG   H  N N 324 
SER HXT  H  N N 325 
THR N    N  N N 326 
THR CA   C  N S 327 
THR C    C  N N 328 
THR O    O  N N 329 
THR CB   C  N R 330 
THR OG1  O  N N 331 
THR CG2  C  N N 332 
THR OXT  O  N N 333 
THR H    H  N N 334 
THR H2   H  N N 335 
THR HA   H  N N 336 
THR HB   H  N N 337 
THR HG1  H  N N 338 
THR HG21 H  N N 339 
THR HG22 H  N N 340 
THR HG23 H  N N 341 
THR HXT  H  N N 342 
TRP N    N  N N 343 
TRP CA   C  N S 344 
TRP C    C  N N 345 
TRP O    O  N N 346 
TRP CB   C  N N 347 
TRP CG   C  Y N 348 
TRP CD1  C  Y N 349 
TRP CD2  C  Y N 350 
TRP NE1  N  Y N 351 
TRP CE2  C  Y N 352 
TRP CE3  C  Y N 353 
TRP CZ2  C  Y N 354 
TRP CZ3  C  Y N 355 
TRP CH2  C  Y N 356 
TRP OXT  O  N N 357 
TRP H    H  N N 358 
TRP H2   H  N N 359 
TRP HA   H  N N 360 
TRP HB2  H  N N 361 
TRP HB3  H  N N 362 
TRP HD1  H  N N 363 
TRP HE1  H  N N 364 
TRP HE3  H  N N 365 
TRP HZ2  H  N N 366 
TRP HZ3  H  N N 367 
TRP HH2  H  N N 368 
TRP HXT  H  N N 369 
TYR N    N  N N 370 
TYR CA   C  N S 371 
TYR C    C  N N 372 
TYR O    O  N N 373 
TYR CB   C  N N 374 
TYR CG   C  Y N 375 
TYR CD1  C  Y N 376 
TYR CD2  C  Y N 377 
TYR CE1  C  Y N 378 
TYR CE2  C  Y N 379 
TYR CZ   C  Y N 380 
TYR OH   O  N N 381 
TYR OXT  O  N N 382 
TYR H    H  N N 383 
TYR H2   H  N N 384 
TYR HA   H  N N 385 
TYR HB2  H  N N 386 
TYR HB3  H  N N 387 
TYR HD1  H  N N 388 
TYR HD2  H  N N 389 
TYR HE1  H  N N 390 
TYR HE2  H  N N 391 
TYR HH   H  N N 392 
TYR HXT  H  N N 393 
VAL N    N  N N 394 
VAL CA   C  N S 395 
VAL C    C  N N 396 
VAL O    O  N N 397 
VAL CB   C  N N 398 
VAL CG1  C  N N 399 
VAL CG2  C  N N 400 
VAL OXT  O  N N 401 
VAL H    H  N N 402 
VAL H2   H  N N 403 
VAL HA   H  N N 404 
VAL HB   H  N N 405 
VAL HG11 H  N N 406 
VAL HG12 H  N N 407 
VAL HG13 H  N N 408 
VAL HG21 H  N N 409 
VAL HG22 H  N N 410 
VAL HG23 H  N N 411 
VAL HXT  H  N N 412 
ZKG O74  O  N N 413 
ZKG W22  W  N N 414 
ZKG O67  O  N N 415 
ZKG O68  O  N N 416 
ZKG O69  O  N N 417 
ZKG O73  O  N N 418 
ZKG O62  O  N N 419 
ZKG W20  W  N N 420 
ZKG O70  O  N N 421 
ZKG O64  O  N N 422 
ZKG O63  O  N N 423 
ZKG W21  W  N N 424 
ZKG O72  O  N N 425 
ZKG O66  O  N N 426 
ZKG O71  O  N N 427 
ZKG O65  O  N N 428 
ZKG P2   P  N N 429 
ZKG O61  O  N N 430 
ZKG W18  W  N N 431 
ZKG O55  O  N N 432 
ZKG O56  O  N N 433 
ZKG O78  O  N N 434 
ZKG ZR1  ZR N N 435 
ZKG O77  O  N N 436 
ZKG W17  W  N N 437 
ZKG O54  O  N N 438 
ZKG O53  O  N N 439 
ZKG O76  O  N N 440 
ZKG W13  W  N N 441 
ZKG O60  O  N N 442 
ZKG W16  W  N N 443 
ZKG O52  O  N N 444 
ZKG O51  O  N N 445 
ZKG O45  O  N N 446 
ZKG W15  W  N N 447 
ZKG O50  O  N N 448 
ZKG O49  O  N N 449 
ZKG O44  O  N N 450 
ZKG O42  O  N N 451 
ZKG O41  O  N N 452 
ZKG O75  O  N N 453 
ZKG W12  W  N N 454 
ZKG O40  O  N N 455 
ZKG O59  O  N N 456 
ZKG W19  W  N N 457 
ZKG O58  O  N N 458 
ZKG O47  O  N N 459 
ZKG O57  O  N N 460 
ZKG O46  O  N N 461 
ZKG W14  W  N N 462 
ZKG O43  O  N N 463 
ZKG O48  O  N N 464 
# 
loop_
_chem_comp_bond.comp_id 
_chem_comp_bond.atom_id_1 
_chem_comp_bond.atom_id_2 
_chem_comp_bond.value_order 
_chem_comp_bond.pdbx_aromatic_flag 
_chem_comp_bond.pdbx_stereo_config 
_chem_comp_bond.pdbx_ordinal 
ALA N   CA   sing N N 1   
ALA N   H    sing N N 2   
ALA N   H2   sing N N 3   
ALA CA  C    sing N N 4   
ALA CA  CB   sing N N 5   
ALA CA  HA   sing N N 6   
ALA C   O    doub N N 7   
ALA C   OXT  sing N N 8   
ALA CB  HB1  sing N N 9   
ALA CB  HB2  sing N N 10  
ALA CB  HB3  sing N N 11  
ALA OXT HXT  sing N N 12  
ARG N   CA   sing N N 13  
ARG N   H    sing N N 14  
ARG N   H2   sing N N 15  
ARG CA  C    sing N N 16  
ARG CA  CB   sing N N 17  
ARG CA  HA   sing N N 18  
ARG C   O    doub N N 19  
ARG C   OXT  sing N N 20  
ARG CB  CG   sing N N 21  
ARG CB  HB2  sing N N 22  
ARG CB  HB3  sing N N 23  
ARG CG  CD   sing N N 24  
ARG CG  HG2  sing N N 25  
ARG CG  HG3  sing N N 26  
ARG CD  NE   sing N N 27  
ARG CD  HD2  sing N N 28  
ARG CD  HD3  sing N N 29  
ARG NE  CZ   sing N N 30  
ARG NE  HE   sing N N 31  
ARG CZ  NH1  sing N N 32  
ARG CZ  NH2  doub N N 33  
ARG NH1 HH11 sing N N 34  
ARG NH1 HH12 sing N N 35  
ARG NH2 HH21 sing N N 36  
ARG NH2 HH22 sing N N 37  
ARG OXT HXT  sing N N 38  
ASN N   CA   sing N N 39  
ASN N   H    sing N N 40  
ASN N   H2   sing N N 41  
ASN CA  C    sing N N 42  
ASN CA  CB   sing N N 43  
ASN CA  HA   sing N N 44  
ASN C   O    doub N N 45  
ASN C   OXT  sing N N 46  
ASN CB  CG   sing N N 47  
ASN CB  HB2  sing N N 48  
ASN CB  HB3  sing N N 49  
ASN CG  OD1  doub N N 50  
ASN CG  ND2  sing N N 51  
ASN ND2 HD21 sing N N 52  
ASN ND2 HD22 sing N N 53  
ASN OXT HXT  sing N N 54  
ASP N   CA   sing N N 55  
ASP N   H    sing N N 56  
ASP N   H2   sing N N 57  
ASP CA  C    sing N N 58  
ASP CA  CB   sing N N 59  
ASP CA  HA   sing N N 60  
ASP C   O    doub N N 61  
ASP C   OXT  sing N N 62  
ASP CB  CG   sing N N 63  
ASP CB  HB2  sing N N 64  
ASP CB  HB3  sing N N 65  
ASP CG  OD1  doub N N 66  
ASP CG  OD2  sing N N 67  
ASP OD2 HD2  sing N N 68  
ASP OXT HXT  sing N N 69  
CYS N   CA   sing N N 70  
CYS N   H    sing N N 71  
CYS N   H2   sing N N 72  
CYS CA  C    sing N N 73  
CYS CA  CB   sing N N 74  
CYS CA  HA   sing N N 75  
CYS C   O    doub N N 76  
CYS C   OXT  sing N N 77  
CYS CB  SG   sing N N 78  
CYS CB  HB2  sing N N 79  
CYS CB  HB3  sing N N 80  
CYS SG  HG   sing N N 81  
CYS OXT HXT  sing N N 82  
DMS S   O    doub N N 83  
DMS S   C1   sing N N 84  
DMS S   C2   sing N N 85  
DMS C1  H11  sing N N 86  
DMS C1  H12  sing N N 87  
DMS C1  H13  sing N N 88  
DMS C2  H21  sing N N 89  
DMS C2  H22  sing N N 90  
DMS C2  H23  sing N N 91  
EDN NAA CAB  sing N N 92  
EDN CAB CAC  sing N N 93  
EDN CAC NAD  sing N N 94  
EDN NAA HAA1 sing N N 95  
EDN NAA HAA2 sing N N 96  
EDN CAB HAB1 sing N N 97  
EDN CAB HAB2 sing N N 98  
EDN CAC HAC1 sing N N 99  
EDN CAC HAC2 sing N N 100 
EDN NAD HAD1 sing N N 101 
EDN NAD HAD2 sing N N 102 
GLN N   CA   sing N N 103 
GLN N   H    sing N N 104 
GLN N   H2   sing N N 105 
GLN CA  C    sing N N 106 
GLN CA  CB   sing N N 107 
GLN CA  HA   sing N N 108 
GLN C   O    doub N N 109 
GLN C   OXT  sing N N 110 
GLN CB  CG   sing N N 111 
GLN CB  HB2  sing N N 112 
GLN CB  HB3  sing N N 113 
GLN CG  CD   sing N N 114 
GLN CG  HG2  sing N N 115 
GLN CG  HG3  sing N N 116 
GLN CD  OE1  doub N N 117 
GLN CD  NE2  sing N N 118 
GLN NE2 HE21 sing N N 119 
GLN NE2 HE22 sing N N 120 
GLN OXT HXT  sing N N 121 
GLU N   CA   sing N N 122 
GLU N   H    sing N N 123 
GLU N   H2   sing N N 124 
GLU CA  C    sing N N 125 
GLU CA  CB   sing N N 126 
GLU CA  HA   sing N N 127 
GLU C   O    doub N N 128 
GLU C   OXT  sing N N 129 
GLU CB  CG   sing N N 130 
GLU CB  HB2  sing N N 131 
GLU CB  HB3  sing N N 132 
GLU CG  CD   sing N N 133 
GLU CG  HG2  sing N N 134 
GLU CG  HG3  sing N N 135 
GLU CD  OE1  doub N N 136 
GLU CD  OE2  sing N N 137 
GLU OE2 HE2  sing N N 138 
GLU OXT HXT  sing N N 139 
GLY N   CA   sing N N 140 
GLY N   H    sing N N 141 
GLY N   H2   sing N N 142 
GLY CA  C    sing N N 143 
GLY CA  HA2  sing N N 144 
GLY CA  HA3  sing N N 145 
GLY C   O    doub N N 146 
GLY C   OXT  sing N N 147 
GLY OXT HXT  sing N N 148 
HIS N   CA   sing N N 149 
HIS N   H    sing N N 150 
HIS N   H2   sing N N 151 
HIS CA  C    sing N N 152 
HIS CA  CB   sing N N 153 
HIS CA  HA   sing N N 154 
HIS C   O    doub N N 155 
HIS C   OXT  sing N N 156 
HIS CB  CG   sing N N 157 
HIS CB  HB2  sing N N 158 
HIS CB  HB3  sing N N 159 
HIS CG  ND1  sing Y N 160 
HIS CG  CD2  doub Y N 161 
HIS ND1 CE1  doub Y N 162 
HIS ND1 HD1  sing N N 163 
HIS CD2 NE2  sing Y N 164 
HIS CD2 HD2  sing N N 165 
HIS CE1 NE2  sing Y N 166 
HIS CE1 HE1  sing N N 167 
HIS NE2 HE2  sing N N 168 
HIS OXT HXT  sing N N 169 
HOH O   H1   sing N N 170 
HOH O   H2   sing N N 171 
ILE N   CA   sing N N 172 
ILE N   H    sing N N 173 
ILE N   H2   sing N N 174 
ILE CA  C    sing N N 175 
ILE CA  CB   sing N N 176 
ILE CA  HA   sing N N 177 
ILE C   O    doub N N 178 
ILE C   OXT  sing N N 179 
ILE CB  CG1  sing N N 180 
ILE CB  CG2  sing N N 181 
ILE CB  HB   sing N N 182 
ILE CG1 CD1  sing N N 183 
ILE CG1 HG12 sing N N 184 
ILE CG1 HG13 sing N N 185 
ILE CG2 HG21 sing N N 186 
ILE CG2 HG22 sing N N 187 
ILE CG2 HG23 sing N N 188 
ILE CD1 HD11 sing N N 189 
ILE CD1 HD12 sing N N 190 
ILE CD1 HD13 sing N N 191 
ILE OXT HXT  sing N N 192 
LEU N   CA   sing N N 193 
LEU N   H    sing N N 194 
LEU N   H2   sing N N 195 
LEU CA  C    sing N N 196 
LEU CA  CB   sing N N 197 
LEU CA  HA   sing N N 198 
LEU C   O    doub N N 199 
LEU C   OXT  sing N N 200 
LEU CB  CG   sing N N 201 
LEU CB  HB2  sing N N 202 
LEU CB  HB3  sing N N 203 
LEU CG  CD1  sing N N 204 
LEU CG  CD2  sing N N 205 
LEU CG  HG   sing N N 206 
LEU CD1 HD11 sing N N 207 
LEU CD1 HD12 sing N N 208 
LEU CD1 HD13 sing N N 209 
LEU CD2 HD21 sing N N 210 
LEU CD2 HD22 sing N N 211 
LEU CD2 HD23 sing N N 212 
LEU OXT HXT  sing N N 213 
LYS N   CA   sing N N 214 
LYS N   H    sing N N 215 
LYS N   H2   sing N N 216 
LYS CA  C    sing N N 217 
LYS CA  CB   sing N N 218 
LYS CA  HA   sing N N 219 
LYS C   O    doub N N 220 
LYS C   OXT  sing N N 221 
LYS CB  CG   sing N N 222 
LYS CB  HB2  sing N N 223 
LYS CB  HB3  sing N N 224 
LYS CG  CD   sing N N 225 
LYS CG  HG2  sing N N 226 
LYS CG  HG3  sing N N 227 
LYS CD  CE   sing N N 228 
LYS CD  HD2  sing N N 229 
LYS CD  HD3  sing N N 230 
LYS CE  NZ   sing N N 231 
LYS CE  HE2  sing N N 232 
LYS CE  HE3  sing N N 233 
LYS NZ  HZ1  sing N N 234 
LYS NZ  HZ2  sing N N 235 
LYS NZ  HZ3  sing N N 236 
LYS OXT HXT  sing N N 237 
MET N   CA   sing N N 238 
MET N   H    sing N N 239 
MET N   H2   sing N N 240 
MET CA  C    sing N N 241 
MET CA  CB   sing N N 242 
MET CA  HA   sing N N 243 
MET C   O    doub N N 244 
MET C   OXT  sing N N 245 
MET CB  CG   sing N N 246 
MET CB  HB2  sing N N 247 
MET CB  HB3  sing N N 248 
MET CG  SD   sing N N 249 
MET CG  HG2  sing N N 250 
MET CG  HG3  sing N N 251 
MET SD  CE   sing N N 252 
MET CE  HE1  sing N N 253 
MET CE  HE2  sing N N 254 
MET CE  HE3  sing N N 255 
MET OXT HXT  sing N N 256 
PHE N   CA   sing N N 257 
PHE N   H    sing N N 258 
PHE N   H2   sing N N 259 
PHE CA  C    sing N N 260 
PHE CA  CB   sing N N 261 
PHE CA  HA   sing N N 262 
PHE C   O    doub N N 263 
PHE C   OXT  sing N N 264 
PHE CB  CG   sing N N 265 
PHE CB  HB2  sing N N 266 
PHE CB  HB3  sing N N 267 
PHE CG  CD1  doub Y N 268 
PHE CG  CD2  sing Y N 269 
PHE CD1 CE1  sing Y N 270 
PHE CD1 HD1  sing N N 271 
PHE CD2 CE2  doub Y N 272 
PHE CD2 HD2  sing N N 273 
PHE CE1 CZ   doub Y N 274 
PHE CE1 HE1  sing N N 275 
PHE CE2 CZ   sing Y N 276 
PHE CE2 HE2  sing N N 277 
PHE CZ  HZ   sing N N 278 
PHE OXT HXT  sing N N 279 
PRO N   CA   sing N N 280 
PRO N   CD   sing N N 281 
PRO N   H    sing N N 282 
PRO CA  C    sing N N 283 
PRO CA  CB   sing N N 284 
PRO CA  HA   sing N N 285 
PRO C   O    doub N N 286 
PRO C   OXT  sing N N 287 
PRO CB  CG   sing N N 288 
PRO CB  HB2  sing N N 289 
PRO CB  HB3  sing N N 290 
PRO CG  CD   sing N N 291 
PRO CG  HG2  sing N N 292 
PRO CG  HG3  sing N N 293 
PRO CD  HD2  sing N N 294 
PRO CD  HD3  sing N N 295 
PRO OXT HXT  sing N N 296 
SER N   CA   sing N N 297 
SER N   H    sing N N 298 
SER N   H2   sing N N 299 
SER CA  C    sing N N 300 
SER CA  CB   sing N N 301 
SER CA  HA   sing N N 302 
SER C   O    doub N N 303 
SER C   OXT  sing N N 304 
SER CB  OG   sing N N 305 
SER CB  HB2  sing N N 306 
SER CB  HB3  sing N N 307 
SER OG  HG   sing N N 308 
SER OXT HXT  sing N N 309 
THR N   CA   sing N N 310 
THR N   H    sing N N 311 
THR N   H2   sing N N 312 
THR CA  C    sing N N 313 
THR CA  CB   sing N N 314 
THR CA  HA   sing N N 315 
THR C   O    doub N N 316 
THR C   OXT  sing N N 317 
THR CB  OG1  sing N N 318 
THR CB  CG2  sing N N 319 
THR CB  HB   sing N N 320 
THR OG1 HG1  sing N N 321 
THR CG2 HG21 sing N N 322 
THR CG2 HG22 sing N N 323 
THR CG2 HG23 sing N N 324 
THR OXT HXT  sing N N 325 
TRP N   CA   sing N N 326 
TRP N   H    sing N N 327 
TRP N   H2   sing N N 328 
TRP CA  C    sing N N 329 
TRP CA  CB   sing N N 330 
TRP CA  HA   sing N N 331 
TRP C   O    doub N N 332 
TRP C   OXT  sing N N 333 
TRP CB  CG   sing N N 334 
TRP CB  HB2  sing N N 335 
TRP CB  HB3  sing N N 336 
TRP CG  CD1  doub Y N 337 
TRP CG  CD2  sing Y N 338 
TRP CD1 NE1  sing Y N 339 
TRP CD1 HD1  sing N N 340 
TRP CD2 CE2  doub Y N 341 
TRP CD2 CE3  sing Y N 342 
TRP NE1 CE2  sing Y N 343 
TRP NE1 HE1  sing N N 344 
TRP CE2 CZ2  sing Y N 345 
TRP CE3 CZ3  doub Y N 346 
TRP CE3 HE3  sing N N 347 
TRP CZ2 CH2  doub Y N 348 
TRP CZ2 HZ2  sing N N 349 
TRP CZ3 CH2  sing Y N 350 
TRP CZ3 HZ3  sing N N 351 
TRP CH2 HH2  sing N N 352 
TRP OXT HXT  sing N N 353 
TYR N   CA   sing N N 354 
TYR N   H    sing N N 355 
TYR N   H2   sing N N 356 
TYR CA  C    sing N N 357 
TYR CA  CB   sing N N 358 
TYR CA  HA   sing N N 359 
TYR C   O    doub N N 360 
TYR C   OXT  sing N N 361 
TYR CB  CG   sing N N 362 
TYR CB  HB2  sing N N 363 
TYR CB  HB3  sing N N 364 
TYR CG  CD1  doub Y N 365 
TYR CG  CD2  sing Y N 366 
TYR CD1 CE1  sing Y N 367 
TYR CD1 HD1  sing N N 368 
TYR CD2 CE2  doub Y N 369 
TYR CD2 HD2  sing N N 370 
TYR CE1 CZ   doub Y N 371 
TYR CE1 HE1  sing N N 372 
TYR CE2 CZ   sing Y N 373 
TYR CE2 HE2  sing N N 374 
TYR CZ  OH   sing N N 375 
TYR OH  HH   sing N N 376 
TYR OXT HXT  sing N N 377 
VAL N   CA   sing N N 378 
VAL N   H    sing N N 379 
VAL N   H2   sing N N 380 
VAL CA  C    sing N N 381 
VAL CA  CB   sing N N 382 
VAL CA  HA   sing N N 383 
VAL C   O    doub N N 384 
VAL C   OXT  sing N N 385 
VAL CB  CG1  sing N N 386 
VAL CB  CG2  sing N N 387 
VAL CB  HB   sing N N 388 
VAL CG1 HG11 sing N N 389 
VAL CG1 HG12 sing N N 390 
VAL CG1 HG13 sing N N 391 
VAL CG2 HG21 sing N N 392 
VAL CG2 HG22 sing N N 393 
VAL CG2 HG23 sing N N 394 
VAL OXT HXT  sing N N 395 
ZKG O74 W22  doub N N 396 
ZKG W22 O67  sing N N 397 
ZKG W22 O68  sing N N 398 
ZKG W22 O69  sing N N 399 
ZKG W22 O73  sing N N 400 
ZKG W22 O62  sing N N 401 
ZKG O67 W18  sing N N 402 
ZKG O68 W19  sing N N 403 
ZKG O69 W20  sing N N 404 
ZKG O73 W21  sing N N 405 
ZKG O62 W20  sing N N 406 
ZKG O62 W21  sing N N 407 
ZKG O62 P2   sing N N 408 
ZKG W20 O70  doub N N 409 
ZKG W20 O64  sing N N 410 
ZKG W20 O63  sing N N 411 
ZKG W20 O71  sing N N 412 
ZKG O64 W15  sing N N 413 
ZKG O63 W14  sing N N 414 
ZKG W21 O72  doub N N 415 
ZKG W21 O66  sing N N 416 
ZKG W21 O71  sing N N 417 
ZKG W21 O65  sing N N 418 
ZKG O66 W17  sing N N 419 
ZKG O65 W16  sing N N 420 
ZKG P2  O61  sing N N 421 
ZKG P2  O60  sing N N 422 
ZKG P2  O59  sing N N 423 
ZKG O61 W18  sing N N 424 
ZKG O61 W17  sing N N 425 
ZKG W18 O55  sing N N 426 
ZKG W18 O56  doub N N 427 
ZKG W18 O78  sing N N 428 
ZKG W18 O57  sing N N 429 
ZKG O55 W17  sing N N 430 
ZKG O78 ZR1  sing N N 431 
ZKG ZR1 O77  sing N N 432 
ZKG ZR1 O76  sing N N 433 
ZKG ZR1 O75  sing N N 434 
ZKG O77 W17  sing N N 435 
ZKG W17 O54  doub N N 436 
ZKG W17 O53  sing N N 437 
ZKG O53 W16  sing N N 438 
ZKG O76 W13  sing N N 439 
ZKG W13 O60  sing N N 440 
ZKG W13 O45  sing N N 441 
ZKG W13 O44  sing N N 442 
ZKG W13 O42  doub N N 443 
ZKG W13 O41  sing N N 444 
ZKG O60 W16  sing N N 445 
ZKG O60 W15  sing N N 446 
ZKG W16 O52  doub N N 447 
ZKG W16 O51  sing N N 448 
ZKG W16 O45  sing N N 449 
ZKG O51 W15  sing N N 450 
ZKG W15 O50  doub N N 451 
ZKG W15 O49  sing N N 452 
ZKG W15 O44  sing N N 453 
ZKG O49 W14  sing N N 454 
ZKG O41 W12  sing N N 455 
ZKG O75 W12  sing N N 456 
ZKG W12 O40  doub N N 457 
ZKG W12 O59  sing N N 458 
ZKG W12 O46  sing N N 459 
ZKG W12 O43  sing N N 460 
ZKG O59 W19  sing N N 461 
ZKG O59 W14  sing N N 462 
ZKG W19 O58  doub N N 463 
ZKG W19 O47  sing N N 464 
ZKG W19 O57  sing N N 465 
ZKG W19 O46  sing N N 466 
ZKG O47 W14  sing N N 467 
ZKG W14 O43  sing N N 468 
ZKG W14 O48  doub N N 469 
# 
_pdbx_initial_refinement_model.id               1 
_pdbx_initial_refinement_model.entity_id_list   ? 
_pdbx_initial_refinement_model.type             'experimental model' 
_pdbx_initial_refinement_model.source_name      PDB 
_pdbx_initial_refinement_model.accession_code   193L 
_pdbx_initial_refinement_model.details          ? 
# 
_atom_sites.entry_id                    4XYY 
_atom_sites.fract_transf_matrix[1][1]   0.00121292 
_atom_sites.fract_transf_matrix[1][2]   0.01130614 
_atom_sites.fract_transf_matrix[1][3]   -0.00619280 
_atom_sites.fract_transf_matrix[2][1]   -0.01241863 
_atom_sites.fract_transf_matrix[2][2]   0.00269331 
_atom_sites.fract_transf_matrix[2][3]   0.00248484 
_atom_sites.fract_transf_matrix[3][1]   0.00703521 
_atom_sites.fract_transf_matrix[3][2]   0.01161070 
_atom_sites.fract_transf_matrix[3][3]   0.02257546 
_atom_sites.fract_transf_vector[1]      0.015429 
_atom_sites.fract_transf_vector[2]      -0.253266 
_atom_sites.fract_transf_vector[3]      0.007606 
# 
loop_
_atom_type.symbol 
C  
H  
N  
O  
P  
S  
W  
ZR 
# 
loop_
_atom_site.group_PDB 
_atom_site.id 
_atom_site.type_symbol 
_atom_site.label_atom_id 
_atom_site.label_alt_id 
_atom_site.label_comp_id 
_atom_site.label_asym_id 
_atom_site.label_entity_id 
_atom_site.label_seq_id 
_atom_site.pdbx_PDB_ins_code 
_atom_site.Cartn_x 
_atom_site.Cartn_y 
_atom_site.Cartn_z 
_atom_site.occupancy 
_atom_site.B_iso_or_equiv 
_atom_site.pdbx_formal_charge 
_atom_site.auth_seq_id 
_atom_site.auth_comp_id 
_atom_site.auth_asym_id 
_atom_site.auth_atom_id 
_atom_site.pdbx_PDB_model_num 
ATOM   1    N  N   . LYS A 1 1   ? -12.585 -4.869  -3.862  1.00 20.02 ? 1   LYS A N   1 
ATOM   2    C  CA  . LYS A 1 1   ? -12.389 -4.616  -5.284  1.00 19.42 ? 1   LYS A CA  1 
ATOM   3    C  C   . LYS A 1 1   ? -11.026 -5.110  -5.717  1.00 16.54 ? 1   LYS A C   1 
ATOM   4    O  O   . LYS A 1 1   ? -10.032 -4.846  -5.029  1.00 17.43 ? 1   LYS A O   1 
ATOM   5    C  CB  . LYS A 1 1   ? -12.529 -3.115  -5.548  1.00 19.90 ? 1   LYS A CB  1 
ATOM   6    C  CG  . LYS A 1 1   ? -12.184 -2.672  -6.949  1.00 22.84 ? 1   LYS A CG  1 
ATOM   7    C  CD  . LYS A 1 1   ? -12.467 -1.199  -7.106  1.00 20.31 ? 1   LYS A CD  1 
ATOM   8    C  CE  . LYS A 1 1   ? -12.023 -0.664  -8.448  1.00 27.16 ? 1   LYS A CE  1 
ATOM   9    N  NZ  . LYS A 1 1   ? -12.807 -1.234  -9.594  1.00 32.57 ? 1   LYS A NZ  1 
ATOM   10   N  N   . VAL A 1 2   ? -10.997 -5.851  -6.816  1.00 16.50 ? 2   VAL A N   1 
ATOM   11   C  CA  . VAL A 1 2   ? -9.730  -6.208  -7.455  1.00 16.77 ? 2   VAL A CA  1 
ATOM   12   C  C   . VAL A 1 2   ? -9.481  -5.246  -8.611  1.00 17.86 ? 2   VAL A C   1 
ATOM   13   O  O   . VAL A 1 2   ? -10.159 -5.305  -9.639  1.00 18.84 ? 2   VAL A O   1 
ATOM   14   C  CB  . VAL A 1 2   ? -9.713  -7.657  -7.976  1.00 19.97 ? 2   VAL A CB  1 
ATOM   15   C  CG1 . VAL A 1 2   ? -8.417  -7.948  -8.712  1.00 23.51 ? 2   VAL A CG1 1 
ATOM   16   C  CG2 . VAL A 1 2   ? -9.877  -8.661  -6.829  1.00 19.12 ? 2   VAL A CG2 1 
ATOM   17   N  N   . PHE A 1 3   ? -8.516  -4.354  -8.419  1.00 15.95 ? 3   PHE A N   1 
ATOM   18   C  CA  . PHE A 1 3   ? -8.151  -3.366  -9.428  1.00 14.70 ? 3   PHE A CA  1 
ATOM   19   C  C   . PHE A 1 3   ? -7.445  -4.002  -10.604 1.00 14.77 ? 3   PHE A C   1 
ATOM   20   O  O   . PHE A 1 3   ? -6.653  -4.921  -10.463 1.00 17.49 ? 3   PHE A O   1 
ATOM   21   C  CB  . PHE A 1 3   ? -7.206  -2.309  -8.825  1.00 18.00 ? 3   PHE A CB  1 
ATOM   22   C  CG  . PHE A 1 3   ? -7.898  -1.187  -8.136  1.00 16.48 ? 3   PHE A CG  1 
ATOM   23   C  CD1 . PHE A 1 3   ? -8.087  0.019   -8.788  1.00 17.69 ? 3   PHE A CD1 1 
ATOM   24   C  CD2 . PHE A 1 3   ? -8.383  -1.330  -6.840  1.00 20.53 ? 3   PHE A CD2 1 
ATOM   25   C  CE1 . PHE A 1 3   ? -8.750  1.083   -8.155  1.00 21.03 ? 3   PHE A CE1 1 
ATOM   26   C  CE2 . PHE A 1 3   ? -9.070  -0.290  -6.197  1.00 19.16 ? 3   PHE A CE2 1 
ATOM   27   C  CZ  . PHE A 1 3   ? -9.247  0.933   -6.852  1.00 20.98 ? 3   PHE A CZ  1 
ATOM   28   N  N   . GLY A 1 4   ? -7.693  -3.456  -11.788 1.00 16.78 ? 4   GLY A N   1 
ATOM   29   C  CA  . GLY A 1 4   ? -6.776  -3.686  -12.893 1.00 17.94 ? 4   GLY A CA  1 
ATOM   30   C  C   . GLY A 1 4   ? -5.508  -2.868  -12.677 1.00 14.92 ? 4   GLY A C   1 
ATOM   31   O  O   . GLY A 1 4   ? -5.474  -1.898  -11.894 1.00 14.66 ? 4   GLY A O   1 
ATOM   32   N  N   . ARG A 1 5   ? -4.461  -3.286  -13.361 1.00 16.75 ? 5   ARG A N   1 
ATOM   33   C  CA  . ARG A 1 5   ? -3.161  -2.664  -13.210 1.00 17.86 ? 5   ARG A CA  1 
ATOM   34   C  C   . ARG A 1 5   ? -3.198  -1.177  -13.601 1.00 16.77 ? 5   ARG A C   1 
ATOM   35   O  O   . ARG A 1 5   ? -2.815  -0.301  -12.812 1.00 16.29 ? 5   ARG A O   1 
ATOM   36   C  CB  . ARG A 1 5   ? -2.139  -3.425  -14.048 1.00 17.44 ? 5   ARG A CB  1 
ATOM   37   C  CG  . ARG A 1 5   ? -0.740  -2.858  -13.992 1.00 18.05 ? 5   ARG A CG  1 
ATOM   38   C  CD  . ARG A 1 5   ? 0.241   -3.766  -14.767 1.00 19.44 ? 5   ARG A CD  1 
ATOM   39   N  NE  . ARG A 1 5   ? -0.167  -3.991  -16.154 1.00 19.38 ? 5   ARG A NE  1 
ATOM   40   C  CZ  . ARG A 1 5   ? 0.115   -3.151  -17.159 1.00 22.65 ? 5   ARG A CZ  1 
ATOM   41   N  NH1 . ARG A 1 5   ? 0.794   -2.027  -16.941 1.00 21.41 ? 5   ARG A NH1 1 
ATOM   42   N  NH2 . ARG A 1 5   ? -0.267  -3.446  -18.393 1.00 26.97 ? 5   ARG A NH2 1 
ATOM   43   N  N   . CYS A 1 6   ? -3.685  -0.885  -14.804 1.00 15.94 ? 6   CYS A N   1 
ATOM   44   C  CA  . CYS A 1 6   ? -3.717  0.523   -15.213 1.00 18.55 ? 6   CYS A CA  1 
ATOM   45   C  C   . CYS A 1 6   ? -4.774  1.315   -14.437 1.00 14.77 ? 6   CYS A C   1 
ATOM   46   O  O   . CYS A 1 6   ? -4.594  2.523   -14.179 1.00 16.41 ? 6   CYS A O   1 
ATOM   47   C  CB  . CYS A 1 6   ? -3.948  0.630   -16.714 1.00 17.48 ? 6   CYS A CB  1 
ATOM   48   S  SG  . CYS A 1 6   ? -2.510  0.044   -17.679 1.00 22.42 ? 6   CYS A SG  1 
ATOM   49   N  N   . GLU A 1 7   ? -5.863  0.648   -14.039 1.00 14.93 ? 7   GLU A N   1 
ATOM   50   C  CA  . GLU A 1 7   ? -6.875  1.259   -13.199 1.00 16.83 ? 7   GLU A CA  1 
ATOM   51   C  C   . GLU A 1 7   ? -6.253  1.722   -11.892 1.00 15.88 ? 7   GLU A C   1 
ATOM   52   O  O   . GLU A 1 7   ? -6.458  2.829   -11.426 1.00 17.41 ? 7   GLU A O   1 
ATOM   53   C  CB  . GLU A 1 7   ? -7.999  0.270   -12.934 1.00 18.69 ? 7   GLU A CB  1 
ATOM   54   C  CG  . GLU A 1 7   ? -9.185  0.847   -12.190 1.00 18.67 ? 7   GLU A CG  1 
ATOM   55   C  CD  . GLU A 1 7   ? -10.220 -0.216  -11.860 1.00 19.60 ? 7   GLU A CD  1 
ATOM   56   O  OE1 . GLU A 1 7   ? -9.884  -1.431  -11.872 1.00 20.40 ? 7   GLU A OE1 1 
ATOM   57   O  OE2 . GLU A 1 7   ? -11.377 0.181   -11.601 1.00 22.16 ? 7   GLU A OE2 1 
ATOM   58   N  N   . LEU A 1 8   ? -5.458  0.850   -11.281 1.00 14.72 ? 8   LEU A N   1 
ATOM   59   C  CA  . LEU A 1 8   ? -4.840  1.216   -10.017 1.00 15.56 ? 8   LEU A CA  1 
ATOM   60   C  C   . LEU A 1 8   ? -3.794  2.313   -10.264 1.00 14.91 ? 8   LEU A C   1 
ATOM   61   O  O   . LEU A 1 8   ? -3.674  3.257   -9.483  1.00 14.34 ? 8   LEU A O   1 
ATOM   62   C  CB  . LEU A 1 8   ? -4.197  -0.008  -9.339  1.00 13.87 ? 8   LEU A CB  1 
ATOM   63   C  CG  . LEU A 1 8   ? -3.530  0.340   -8.006  1.00 14.76 ? 8   LEU A CG  1 
ATOM   64   C  CD1 . LEU A 1 8   ? -4.527  0.780   -6.965  1.00 18.60 ? 8   LEU A CD1 1 
ATOM   65   C  CD2 . LEU A 1 8   ? -2.808  -0.913  -7.509  1.00 17.72 ? 8   LEU A CD2 1 
ATOM   66   N  N   . ALA A 1 9   ? -3.020  2.191   -11.339 1.00 14.21 ? 9   ALA A N   1 
ATOM   67   C  CA  . ALA A 1 9   ? -2.024  3.223   -11.638 1.00 15.68 ? 9   ALA A CA  1 
ATOM   68   C  C   . ALA A 1 9   ? -2.659  4.620   -11.746 1.00 14.81 ? 9   ALA A C   1 
ATOM   69   O  O   . ALA A 1 9   ? -2.180  5.600   -11.164 1.00 15.17 ? 9   ALA A O   1 
ATOM   70   C  CB  . ALA A 1 9   ? -1.287  2.876   -12.923 1.00 16.34 ? 9   ALA A CB  1 
ATOM   71   N  N   . ALA A 1 10  ? -3.804  4.695   -12.433 1.00 14.63 ? 10  ALA A N   1 
ATOM   72   C  CA  . ALA A 1 10  ? -4.468  5.978   -12.626 1.00 17.17 ? 10  ALA A CA  1 
ATOM   73   C  C   . ALA A 1 10  ? -4.977  6.519   -11.293 1.00 15.72 ? 10  ALA A C   1 
ATOM   74   O  O   . ALA A 1 10  ? -4.907  7.727   -11.027 1.00 19.66 ? 10  ALA A O   1 
ATOM   75   C  CB  . ALA A 1 10  ? -5.604  5.833   -13.621 1.00 18.81 ? 10  ALA A CB  1 
ATOM   76   N  N   . ALA A 1 11  ? -5.480  5.655   -10.431 1.00 14.76 ? 11  ALA A N   1 
ATOM   77   C  CA  . ALA A 1 11  ? -5.946  6.128   -9.140  1.00 14.18 ? 11  ALA A CA  1 
ATOM   78   C  C   . ALA A 1 11  ? -4.815  6.573   -8.222  1.00 17.61 ? 11  ALA A C   1 
ATOM   79   O  O   . ALA A 1 11  ? -4.921  7.579   -7.500  1.00 18.50 ? 11  ALA A O   1 
ATOM   80   C  CB  . ALA A 1 11  ? -6.781  5.054   -8.461  1.00 15.86 ? 11  ALA A CB  1 
ATOM   81   N  N   . MET A 1 12  ? -3.719  5.814   -8.244  1.00 15.46 ? 12  MET A N   1 
ATOM   82   C  CA  . MET A 1 12  ? -2.573  6.186   -7.411  1.00 16.65 ? 12  MET A CA  1 
ATOM   83   C  C   . MET A 1 12  ? -1.971  7.525   -7.873  1.00 16.63 ? 12  MET A C   1 
ATOM   84   O  O   . MET A 1 12  ? -1.605  8.349   -7.029  1.00 17.81 ? 12  MET A O   1 
ATOM   85   C  CB  . MET A 1 12  ? -1.523  5.085   -7.423  1.00 15.67 ? 12  MET A CB  1 
ATOM   86   C  CG  . MET A 1 12  ? -1.940  3.845   -6.617  1.00 14.59 ? 12  MET A CG  1 
ATOM   87   S  SD  . MET A 1 12  ? -0.603  2.619   -6.774  1.00 16.32 ? 12  MET A SD  1 
ATOM   88   C  CE  . MET A 1 12  ? -0.799  1.750   -5.234  1.00 18.43 ? 12  MET A CE  1 
ATOM   89   N  N   . LYS A 1 13  ? -1.885  7.720   -9.191  1.00 15.17 ? 13  LYS A N   1 
ATOM   90   C  CA  . LYS A 1 13  ? -1.447  9.000   -9.748  1.00 16.21 ? 13  LYS A CA  1 
ATOM   91   C  C   . LYS A 1 13  ? -2.385  10.146  -9.356  1.00 21.22 ? 13  LYS A C   1 
ATOM   92   O  O   . LYS A 1 13  ? -1.932  11.212  -8.964  1.00 19.27 ? 13  LYS A O   1 
ATOM   93   C  CB  . LYS A 1 13  ? -1.348  8.902   -11.252 1.00 16.77 ? 13  LYS A CB  1 
ATOM   94   C  CG  . LYS A 1 13  ? -0.880  10.222  -11.885 1.00 18.89 ? 13  LYS A CG  1 
ATOM   95   C  CD  . LYS A 1 13  ? -0.523  10.062  -13.341 1.00 24.17 ? 13  LYS A CD  1 
ATOM   96   C  CE  . LYS A 1 13  ? 0.034   11.371  -13.890 1.00 36.50 ? 13  LYS A CE  1 
ATOM   97   N  NZ  . LYS A 1 13  ? 0.597   11.188  -15.255 1.00 45.69 ? 13  LYS A NZ  1 
ATOM   98   N  N   A ARG A 1 14  ? -3.689  9.915   -9.437  0.33 17.60 ? 14  ARG A N   1 
ATOM   99   N  N   B ARG A 1 14  ? -3.689  9.914   -9.427  0.67 17.49 ? 14  ARG A N   1 
ATOM   100  C  CA  A ARG A 1 14  ? -4.638  10.955  -9.068  0.33 19.20 ? 14  ARG A CA  1 
ATOM   101  C  CA  B ARG A 1 14  ? -4.630  10.966  -9.071  0.67 19.11 ? 14  ARG A CA  1 
ATOM   102  C  C   A ARG A 1 14  ? -4.461  11.403  -7.621  0.33 20.14 ? 14  ARG A C   1 
ATOM   103  C  C   B ARG A 1 14  ? -4.480  11.398  -7.617  0.67 20.09 ? 14  ARG A C   1 
ATOM   104  O  O   A ARG A 1 14  ? -4.599  12.590  -7.303  0.33 22.50 ? 14  ARG A O   1 
ATOM   105  O  O   B ARG A 1 14  ? -4.653  12.580  -7.283  0.67 22.51 ? 14  ARG A O   1 
ATOM   106  C  CB  A ARG A 1 14  ? -6.064  10.465  -9.288  0.33 19.07 ? 14  ARG A CB  1 
ATOM   107  C  CB  B ARG A 1 14  ? -6.054  10.496  -9.345  0.67 18.98 ? 14  ARG A CB  1 
ATOM   108  C  CG  A ARG A 1 14  ? -7.103  11.466  -8.828  0.33 22.51 ? 14  ARG A CG  1 
ATOM   109  C  CG  B ARG A 1 14  ? -7.099  11.515  -8.909  0.67 22.58 ? 14  ARG A CG  1 
ATOM   110  C  CD  A ARG A 1 14  ? -8.481  10.955  -9.111  0.33 22.81 ? 14  ARG A CD  1 
ATOM   111  C  CD  B ARG A 1 14  ? -8.458  11.107  -9.380  0.67 22.05 ? 14  ARG A CD  1 
ATOM   112  N  NE  A ARG A 1 14  ? -9.214  10.620  -7.893  0.33 20.69 ? 14  ARG A NE  1 
ATOM   113  N  NE  B ARG A 1 14  ? -8.812  9.757   -8.934  0.67 16.92 ? 14  ARG A NE  1 
ATOM   114  C  CZ  A ARG A 1 14  ? -9.664  9.408   -7.589  0.33 23.47 ? 14  ARG A CZ  1 
ATOM   115  C  CZ  B ARG A 1 14  ? -9.481  9.476   -7.815  0.67 22.50 ? 14  ARG A CZ  1 
ATOM   116  N  NH1 A ARG A 1 14  ? -9.442  8.376   -8.400  0.33 19.45 ? 14  ARG A NH1 1 
ATOM   117  N  NH1 B ARG A 1 14  ? -9.898  10.437  -6.977  0.67 19.03 ? 14  ARG A NH1 1 
ATOM   118  N  NH2 A ARG A 1 14  ? -10.343 9.228   -6.465  0.33 18.64 ? 14  ARG A NH2 1 
ATOM   119  N  NH2 B ARG A 1 14  ? -9.755  8.207   -7.533  0.67 23.54 ? 14  ARG A NH2 1 
ATOM   120  N  N   . HIS A 1 15  ? -4.139  10.456  -6.749  1.00 19.70 ? 15  HIS A N   1 
ATOM   121  C  CA  . HIS A 1 15  ? -4.001  10.732  -5.333  1.00 19.68 ? 15  HIS A CA  1 
ATOM   122  C  C   . HIS A 1 15  ? -2.607  11.158  -4.912  1.00 22.62 ? 15  HIS A C   1 
ATOM   123  O  O   . HIS A 1 15  ? -2.334  11.234  -3.707  1.00 24.69 ? 15  HIS A O   1 
ATOM   124  C  CB  . HIS A 1 15  ? -4.373  9.512   -4.520  1.00 20.88 ? 15  HIS A CB  1 
ATOM   125  C  CG  . HIS A 1 15  ? -5.845  9.289   -4.433  1.00 21.03 ? 15  HIS A CG  1 
ATOM   126  N  ND1 . HIS A 1 15  ? -6.671  10.090  -3.677  1.00 26.20 ? 15  HIS A ND1 1 
ATOM   127  C  CD2 . HIS A 1 15  ? -6.638  8.360   -5.010  1.00 22.74 ? 15  HIS A CD2 1 
ATOM   128  C  CE1 . HIS A 1 15  ? -7.917  9.660   -3.794  1.00 24.67 ? 15  HIS A CE1 1 
ATOM   129  N  NE2 . HIS A 1 15  ? -7.921  8.598   -4.576  1.00 23.91 ? 15  HIS A NE2 1 
ATOM   130  N  N   . GLY A 1 16  ? -1.740  11.401  -5.893  1.00 21.50 ? 16  GLY A N   1 
ATOM   131  C  CA  . GLY A 1 16  ? -0.450  12.009  -5.631  1.00 24.86 ? 16  GLY A CA  1 
ATOM   132  C  C   . GLY A 1 16  ? 0.664   11.071  -5.215  1.00 25.64 ? 16  GLY A C   1 
ATOM   133  O  O   . GLY A 1 16  ? 1.626   11.542  -4.602  1.00 23.55 ? 16  GLY A O   1 
ATOM   134  N  N   . LEU A 1 17  ? 0.572   9.774   -5.537  1.00 20.21 ? 17  LEU A N   1 
ATOM   135  C  CA  . LEU A 1 17  ? 1.693   8.885   -5.243  1.00 19.80 ? 17  LEU A CA  1 
ATOM   136  C  C   . LEU A 1 17  ? 2.799   8.901   -6.266  1.00 20.92 ? 17  LEU A C   1 
ATOM   137  O  O   . LEU A 1 17  ? 3.921   8.485   -5.959  1.00 19.20 ? 17  LEU A O   1 
ATOM   138  C  CB  . LEU A 1 17  ? 1.229   7.445   -5.088  1.00 21.57 ? 17  LEU A CB  1 
ATOM   139  C  CG  . LEU A 1 17  ? 0.547   7.134   -3.779  1.00 24.43 ? 17  LEU A CG  1 
ATOM   140  C  CD1 . LEU A 1 17  ? 0.248   5.651   -3.823  1.00 18.98 ? 17  LEU A CD1 1 
ATOM   141  C  CD2 . LEU A 1 17  ? 1.369   7.487   -2.533  1.00 22.44 ? 17  LEU A CD2 1 
ATOM   142  N  N   . ASP A 1 18  ? 2.556   9.332   -7.499  1.00 19.99 ? 18  ASP A N   1 
ATOM   143  C  CA  . ASP A 1 18  ? 3.643   9.287   -8.488  1.00 18.84 ? 18  ASP A CA  1 
ATOM   144  C  C   . ASP A 1 18  ? 4.739   10.268  -8.050  1.00 26.15 ? 18  ASP A C   1 
ATOM   145  O  O   . ASP A 1 18  ? 4.511   11.473  -7.874  1.00 23.10 ? 18  ASP A O   1 
ATOM   146  C  CB  . ASP A 1 18  ? 3.143   9.611   -9.915  1.00 23.24 ? 18  ASP A CB  1 
ATOM   147  C  CG  . ASP A 1 18  ? 4.245   9.479   -11.016 1.00 30.11 ? 18  ASP A CG  1 
ATOM   148  O  OD1 . ASP A 1 18  ? 5.318   8.806   -10.858 1.00 26.22 ? 18  ASP A OD1 1 
ATOM   149  O  OD2 . ASP A 1 18  ? 4.001   10.045  -12.108 1.00 35.93 ? 18  ASP A OD2 1 
ATOM   150  N  N   . ASN A 1 19  ? 5.920   9.705   -7.822  1.00 20.35 ? 19  ASN A N   1 
ATOM   151  C  CA  . ASN A 1 19  ? 7.119   10.412  -7.349  1.00 18.87 ? 19  ASN A CA  1 
ATOM   152  C  C   . ASN A 1 19  ? 7.001   10.898  -5.896  1.00 17.79 ? 19  ASN A C   1 
ATOM   153  O  O   . ASN A 1 19  ? 7.811   11.723  -5.441  1.00 19.69 ? 19  ASN A O   1 
ATOM   154  C  CB  . ASN A 1 19  ? 7.455   11.596  -8.273  1.00 25.11 ? 19  ASN A CB  1 
ATOM   155  C  CG  . ASN A 1 19  ? 7.371   11.232  -9.752  1.00 38.36 ? 19  ASN A CG  1 
ATOM   156  O  OD1 . ASN A 1 19  ? 6.716   11.926  -10.543 1.00 37.27 ? 19  ASN A OD1 1 
ATOM   157  N  ND2 . ASN A 1 19  ? 8.034   10.147  -10.136 1.00 36.82 ? 19  ASN A ND2 1 
ATOM   158  N  N   . TYR A 1 20  ? 6.025   10.371  -5.149  1.00 16.66 ? 20  TYR A N   1 
ATOM   159  C  CA  . TYR A 1 20  ? 5.901   10.720  -3.740  1.00 15.27 ? 20  TYR A CA  1 
ATOM   160  C  C   . TYR A 1 20  ? 7.126   10.178  -2.966  1.00 18.24 ? 20  TYR A C   1 
ATOM   161  O  O   . TYR A 1 20  ? 7.464   8.996   -3.065  1.00 18.10 ? 20  TYR A O   1 
ATOM   162  C  CB  . TYR A 1 20  ? 4.598   10.181  -3.131  1.00 18.38 ? 20  TYR A CB  1 
ATOM   163  C  CG  . TYR A 1 20  ? 4.357   10.785  -1.786  1.00 19.63 ? 20  TYR A CG  1 
ATOM   164  C  CD1 . TYR A 1 20  ? 3.716   12.033  -1.665  1.00 23.02 ? 20  TYR A CD1 1 
ATOM   165  C  CD2 . TYR A 1 20  ? 4.832   10.172  -0.639  1.00 18.40 ? 20  TYR A CD2 1 
ATOM   166  C  CE1 . TYR A 1 20  ? 3.532   12.604  -0.427  1.00 21.65 ? 20  TYR A CE1 1 
ATOM   167  C  CE2 . TYR A 1 20  ? 4.642   10.731  0.602   1.00 20.03 ? 20  TYR A CE2 1 
ATOM   168  C  CZ  . TYR A 1 20  ? 3.989   11.936  0.709   1.00 19.81 ? 20  TYR A CZ  1 
ATOM   169  O  OH  . TYR A 1 20  ? 3.833   12.477  1.956   1.00 25.82 ? 20  TYR A OH  1 
ATOM   170  N  N   A ARG A 1 21  ? 7.787   11.049  -2.203  0.58 19.46 ? 21  ARG A N   1 
ATOM   171  N  N   B ARG A 1 21  ? 7.791   11.059  -2.219  0.42 19.50 ? 21  ARG A N   1 
ATOM   172  C  CA  A ARG A 1 21  ? 9.049   10.710  -1.528  0.58 19.89 ? 21  ARG A CA  1 
ATOM   173  C  CA  B ARG A 1 21  ? 9.048   10.729  -1.537  0.42 19.91 ? 21  ARG A CA  1 
ATOM   174  C  C   A ARG A 1 21  ? 10.081  10.181  -2.549  0.58 18.31 ? 21  ARG A C   1 
ATOM   175  C  C   B ARG A 1 21  ? 10.091  10.208  -2.539  0.42 18.31 ? 21  ARG A C   1 
ATOM   176  O  O   A ARG A 1 21  ? 10.987  9.388   -2.218  0.58 19.15 ? 21  ARG A O   1 
ATOM   177  O  O   B ARG A 1 21  ? 11.011  9.449   -2.183  0.42 19.22 ? 21  ARG A O   1 
ATOM   178  C  CB  A ARG A 1 21  ? 8.790   9.695   -0.403  0.58 21.17 ? 21  ARG A CB  1 
ATOM   179  C  CB  B ARG A 1 21  ? 8.792   9.710   -0.421  0.42 21.16 ? 21  ARG A CB  1 
ATOM   180  C  CG  A ARG A 1 21  ? 9.865   9.619   0.701   0.58 25.35 ? 21  ARG A CG  1 
ATOM   181  C  CG  B ARG A 1 21  ? 9.581   9.935   0.875   0.42 25.82 ? 21  ARG A CG  1 
ATOM   182  C  CD  A ARG A 1 21  ? 9.546   10.540  1.885   0.58 23.49 ? 21  ARG A CD  1 
ATOM   183  C  CD  B ARG A 1 21  ? 9.379   11.347  1.406   0.42 25.64 ? 21  ARG A CD  1 
ATOM   184  N  NE  A ARG A 1 21  ? 10.721  10.764  2.713   0.58 27.41 ? 21  ARG A NE  1 
ATOM   185  N  NE  B ARG A 1 21  ? 9.395   11.425  2.866   0.42 28.80 ? 21  ARG A NE  1 
ATOM   186  C  CZ  A ARG A 1 21  ? 10.822  11.683  3.670   0.58 29.17 ? 21  ARG A CZ  1 
ATOM   187  C  CZ  B ARG A 1 21  ? 10.464  11.718  3.606   0.42 28.69 ? 21  ARG A CZ  1 
ATOM   188  N  NH1 A ARG A 1 21  ? 9.792   12.491  3.947   0.58 28.07 ? 21  ARG A NH1 1 
ATOM   189  N  NH1 B ARG A 1 21  ? 11.634  11.973  3.024   0.42 30.92 ? 21  ARG A NH1 1 
ATOM   190  N  NH2 A ARG A 1 21  ? 11.971  11.800  4.336   0.58 26.38 ? 21  ARG A NH2 1 
ATOM   191  N  NH2 B ARG A 1 21  ? 10.360  11.764  4.935   0.42 23.11 ? 21  ARG A NH2 1 
ATOM   192  N  N   . GLY A 1 22  ? 9.946   10.610  -3.796  1.00 18.17 ? 22  GLY A N   1 
ATOM   193  C  CA  . GLY A 1 22  ? 10.836  10.206  -4.854  1.00 16.40 ? 22  GLY A CA  1 
ATOM   194  C  C   . GLY A 1 22  ? 10.607  8.836   -5.488  1.00 15.48 ? 22  GLY A C   1 
ATOM   195  O  O   . GLY A 1 22  ? 11.375  8.387   -6.344  1.00 15.52 ? 22  GLY A O   1 
ATOM   196  N  N   . TYR A 1 23  ? 9.506   8.194   -5.103  1.00 15.04 ? 23  TYR A N   1 
ATOM   197  C  CA  . TYR A 1 23  ? 9.190   6.852   -5.640  1.00 15.04 ? 23  TYR A CA  1 
ATOM   198  C  C   . TYR A 1 23  ? 8.223   6.939   -6.810  1.00 13.67 ? 23  TYR A C   1 
ATOM   199  O  O   . TYR A 1 23  ? 7.090   7.376   -6.654  1.00 15.60 ? 23  TYR A O   1 
ATOM   200  C  CB  . TYR A 1 23  ? 8.599   5.934   -4.554  1.00 13.77 ? 23  TYR A CB  1 
ATOM   201  C  CG  . TYR A 1 23  ? 9.610   5.587   -3.482  1.00 12.51 ? 23  TYR A CG  1 
ATOM   202  C  CD1 . TYR A 1 23  ? 10.445  4.488   -3.622  1.00 12.65 ? 23  TYR A CD1 1 
ATOM   203  C  CD2 . TYR A 1 23  ? 9.738   6.379   -2.354  1.00 13.60 ? 23  TYR A CD2 1 
ATOM   204  C  CE1 . TYR A 1 23  ? 11.370  4.172   -2.620  1.00 12.69 ? 23  TYR A CE1 1 
ATOM   205  C  CE2 . TYR A 1 23  ? 10.669  6.099   -1.364  1.00 13.51 ? 23  TYR A CE2 1 
ATOM   206  C  CZ  . TYR A 1 23  ? 11.480  4.962   -1.501  1.00 12.52 ? 23  TYR A CZ  1 
ATOM   207  O  OH  . TYR A 1 23  ? 12.412  4.653   -0.510  1.00 13.97 ? 23  TYR A OH  1 
ATOM   208  N  N   . SER A 1 24  ? 8.692   6.492   -7.962  1.00 14.47 ? 24  SER A N   1 
ATOM   209  C  CA  . SER A 1 24  ? 7.917   6.559   -9.187  1.00 14.80 ? 24  SER A CA  1 
ATOM   210  C  C   . SER A 1 24  ? 6.653   5.707   -9.062  1.00 16.39 ? 24  SER A C   1 
ATOM   211  O  O   . SER A 1 24  ? 6.545   4.782   -8.234  1.00 16.80 ? 24  SER A O   1 
ATOM   212  C  CB  . SER A 1 24  ? 8.738   6.087   -10.373 1.00 17.67 ? 24  SER A CB  1 
ATOM   213  O  OG  . SER A 1 24  ? 8.950   4.688   -10.215 1.00 21.09 ? 24  SER A OG  1 
ATOM   214  N  N   . LEU A 1 25  ? 5.666   6.038   -9.873  1.00 15.49 ? 25  LEU A N   1 
ATOM   215  C  CA  . LEU A 1 25  ? 4.394   5.335   -9.899  1.00 13.61 ? 25  LEU A CA  1 
ATOM   216  C  C   . LEU A 1 25  ? 4.596   3.830   -10.038 1.00 14.49 ? 25  LEU A C   1 
ATOM   217  O  O   . LEU A 1 25  ? 3.920   3.030   -9.367  1.00 12.73 ? 25  LEU A O   1 
ATOM   218  C  CB  . LEU A 1 25  ? 3.543   5.889   -11.065 1.00 15.50 ? 25  LEU A CB  1 
ATOM   219  C  CG  . LEU A 1 25  ? 2.112   5.368   -11.093 1.00 14.96 ? 25  LEU A CG  1 
ATOM   220  C  CD1 . LEU A 1 25  ? 1.349   5.674   -9.833  1.00 17.45 ? 25  LEU A CD1 1 
ATOM   221  C  CD2 . LEU A 1 25  ? 1.415   6.002   -12.284 1.00 18.14 ? 25  LEU A CD2 1 
ATOM   222  N  N   . GLY A 1 26  ? 5.533   3.399   -10.866 1.00 13.81 ? 26  GLY A N   1 
ATOM   223  C  CA  . GLY A 1 26  ? 5.738   1.959   -11.052 1.00 13.95 ? 26  GLY A CA  1 
ATOM   224  C  C   . GLY A 1 26  ? 6.135   1.214   -9.773  1.00 13.78 ? 26  GLY A C   1 
ATOM   225  O  O   . GLY A 1 26  ? 5.762   0.052   -9.560  1.00 13.18 ? 26  GLY A O   1 
ATOM   226  N  N   . ASN A 1 27  ? 6.854   1.892   -8.888  1.00 12.86 ? 27  ASN A N   1 
ATOM   227  C  CA  . ASN A 1 27  ? 7.181   1.344   -7.574  1.00 12.22 ? 27  ASN A CA  1 
ATOM   228  C  C   . ASN A 1 27  ? 5.950   1.083   -6.753  1.00 12.72 ? 27  ASN A C   1 
ATOM   229  O  O   . ASN A 1 27  ? 5.874   0.036   -6.110  1.00 12.69 ? 27  ASN A O   1 
ATOM   230  C  CB  . ASN A 1 27  ? 8.096   2.292   -6.797  1.00 13.08 ? 27  ASN A CB  1 
ATOM   231  C  CG  . ASN A 1 27  ? 9.509   2.190   -7.222  1.00 13.88 ? 27  ASN A CG  1 
ATOM   232  O  OD1 . ASN A 1 27  ? 10.191  1.232   -6.913  1.00 13.07 ? 27  ASN A OD1 1 
ATOM   233  N  ND2 . ASN A 1 27  ? 9.962   3.190   -7.975  1.00 17.04 ? 27  ASN A ND2 1 
ATOM   234  N  N   . TRP A 1 28  ? 4.998   2.007   -6.780  1.00 13.78 ? 28  TRP A N   1 
ATOM   235  C  CA  . TRP A 1 28  ? 3.768   1.845   -5.999  1.00 13.08 ? 28  TRP A CA  1 
ATOM   236  C  C   . TRP A 1 28  ? 2.880   0.756   -6.579  1.00 13.98 ? 28  TRP A C   1 
ATOM   237  O  O   . TRP A 1 28  ? 2.262   -0.018  -5.840  1.00 13.45 ? 28  TRP A O   1 
ATOM   238  C  CB  . TRP A 1 28  ? 3.031   3.182   -5.960  1.00 13.17 ? 28  TRP A CB  1 
ATOM   239  C  CG  . TRP A 1 28  ? 3.780   4.214   -5.191  1.00 11.82 ? 28  TRP A CG  1 
ATOM   240  C  CD1 . TRP A 1 28  ? 4.530   5.275   -5.709  1.00 13.32 ? 28  TRP A CD1 1 
ATOM   241  C  CD2 . TRP A 1 28  ? 3.885   4.303   -3.762  1.00 13.65 ? 28  TRP A CD2 1 
ATOM   242  N  NE1 . TRP A 1 28  ? 5.051   5.992   -4.672  1.00 14.05 ? 28  TRP A NE1 1 
ATOM   243  C  CE2 . TRP A 1 28  ? 4.704   5.422   -3.474  1.00 14.56 ? 28  TRP A CE2 1 
ATOM   244  C  CE3 . TRP A 1 28  ? 3.383   3.524   -2.702  1.00 12.95 ? 28  TRP A CE3 1 
ATOM   245  C  CZ2 . TRP A 1 28  ? 5.004   5.812   -2.169  1.00 14.92 ? 28  TRP A CZ2 1 
ATOM   246  C  CZ3 . TRP A 1 28  ? 3.679   3.907   -1.393  1.00 15.15 ? 28  TRP A CZ3 1 
ATOM   247  C  CH2 . TRP A 1 28  ? 4.493   5.040   -1.144  1.00 17.71 ? 28  TRP A CH2 1 
ATOM   248  N  N   . VAL A 1 29  ? 2.792   0.696   -7.901  1.00 12.37 ? 29  VAL A N   1 
ATOM   249  C  CA  . VAL A 1 29  ? 2.005   -0.347  -8.537  1.00 13.52 ? 29  VAL A CA  1 
ATOM   250  C  C   . VAL A 1 29  ? 2.643   -1.719  -8.299  1.00 13.60 ? 29  VAL A C   1 
ATOM   251  O  O   . VAL A 1 29  ? 1.947   -2.689  -7.969  1.00 13.72 ? 29  VAL A O   1 
ATOM   252  C  CB  . VAL A 1 29  ? 1.819   -0.057  -10.062 1.00 12.49 ? 29  VAL A CB  1 
ATOM   253  C  CG1 . VAL A 1 29  ? 1.103   -1.244  -10.768 1.00 13.83 ? 29  VAL A CG1 1 
ATOM   254  C  CG2 . VAL A 1 29  ? 1.077   1.229   -10.258 1.00 13.53 ? 29  VAL A CG2 1 
ATOM   255  N  N   . CYS A 1 30  ? 3.956   -1.844  -8.420  1.00 13.60 ? 30  CYS A N   1 
ATOM   256  C  CA  . CYS A 1 30  ? 4.616   -3.098  -8.127  1.00 12.24 ? 30  CYS A CA  1 
ATOM   257  C  C   . CYS A 1 30  ? 4.414   -3.505  -6.660  1.00 11.00 ? 30  CYS A C   1 
ATOM   258  O  O   . CYS A 1 30  ? 4.158   -4.697  -6.378  1.00 12.02 ? 30  CYS A O   1 
ATOM   259  C  CB  . CYS A 1 30  ? 6.121   -2.955  -8.447  1.00 13.00 ? 30  CYS A CB  1 
ATOM   260  S  SG  . CYS A 1 30  ? 7.114   -4.425  -8.260  1.00 14.43 ? 30  CYS A SG  1 
ATOM   261  N  N   . ALA A 1 31  ? 4.544   -2.553  -5.745  1.00 11.69 ? 31  ALA A N   1 
ATOM   262  C  CA  . ALA A 1 31  ? 4.298   -2.841  -4.324  1.00 13.81 ? 31  ALA A CA  1 
ATOM   263  C  C   . ALA A 1 31  ? 2.911   -3.420  -4.141  1.00 12.31 ? 31  ALA A C   1 
ATOM   264  O  O   . ALA A 1 31  ? 2.738   -4.445  -3.481  1.00 13.77 ? 31  ALA A O   1 
ATOM   265  C  CB  . ALA A 1 31  ? 4.464   -1.599  -3.475  1.00 15.83 ? 31  ALA A CB  1 
ATOM   266  N  N   . ALA A 1 32  ? 1.892   -2.778  -4.714  1.00 12.43 ? 32  ALA A N   1 
ATOM   267  C  CA  . ALA A 1 32  ? 0.520   -3.246  -4.541  1.00 11.62 ? 32  ALA A CA  1 
ATOM   268  C  C   . ALA A 1 32  ? 0.345   -4.623  -5.163  1.00 11.80 ? 32  ALA A C   1 
ATOM   269  O  O   . ALA A 1 32  ? -0.395  -5.479  -4.610  1.00 13.52 ? 32  ALA A O   1 
ATOM   270  C  CB  . ALA A 1 32  ? -0.486  -2.240  -5.140  1.00 12.69 ? 32  ALA A CB  1 
ATOM   271  N  N   . LYS A 1 33  ? 0.994   -4.890  -6.286  1.00 13.26 ? 33  LYS A N   1 
ATOM   272  C  CA  . LYS A 1 33  ? 0.884   -6.187  -6.925  1.00 13.41 ? 33  LYS A CA  1 
ATOM   273  C  C   . LYS A 1 33  ? 1.323   -7.274  -5.986  1.00 13.92 ? 33  LYS A C   1 
ATOM   274  O  O   . LYS A 1 33  ? 0.627   -8.278  -5.769  1.00 15.07 ? 33  LYS A O   1 
ATOM   275  C  CB  . LYS A 1 33  ? 1.715   -6.241  -8.216  1.00 15.43 ? 33  LYS A CB  1 
ATOM   276  C  CG  . LYS A 1 33  ? 1.896   -7.649  -8.767  1.00 16.87 ? 33  LYS A CG  1 
ATOM   277  C  CD  . LYS A 1 33  ? 0.589   -8.260  -9.256  1.00 22.44 ? 33  LYS A CD  1 
ATOM   278  C  CE  . LYS A 1 33  ? 0.866   -9.692  -9.750  1.00 25.88 ? 33  LYS A CE  1 
ATOM   279  N  NZ  . LYS A 1 33  ? -0.355  -10.320 -10.304 1.00 25.45 ? 33  LYS A NZ  1 
ATOM   280  N  N   . PHE A 1 34  ? 2.489   -7.092  -5.381  1.00 12.34 ? 34  PHE A N   1 
ATOM   281  C  CA  . PHE A 1 34  ? 3.047   -8.180  -4.592  1.00 11.77 ? 34  PHE A CA  1 
ATOM   282  C  C   . PHE A 1 34  ? 2.610   -8.133  -3.138  1.00 13.10 ? 34  PHE A C   1 
ATOM   283  O  O   . PHE A 1 34  ? 2.668   -9.149  -2.455  1.00 16.49 ? 34  PHE A O   1 
ATOM   284  C  CB  . PHE A 1 34  ? 4.573   -8.200  -4.732  1.00 14.33 ? 34  PHE A CB  1 
ATOM   285  C  CG  . PHE A 1 34  ? 5.014   -8.573  -6.125  1.00 13.82 ? 34  PHE A CG  1 
ATOM   286  C  CD1 . PHE A 1 34  ? 4.542   -9.735  -6.736  1.00 14.58 ? 34  PHE A CD1 1 
ATOM   287  C  CD2 . PHE A 1 34  ? 5.846   -7.739  -6.845  1.00 16.99 ? 34  PHE A CD2 1 
ATOM   288  C  CE1 . PHE A 1 34  ? 4.930   -10.077 -8.022  1.00 15.50 ? 34  PHE A CE1 1 
ATOM   289  C  CE2 . PHE A 1 34  ? 6.265   -8.102  -8.138  1.00 18.68 ? 34  PHE A CE2 1 
ATOM   290  C  CZ  . PHE A 1 34  ? 5.800   -9.259  -8.731  1.00 14.68 ? 34  PHE A CZ  1 
ATOM   291  N  N   . GLU A 1 35  ? 2.116   -7.014  -2.656  1.00 13.56 ? 35  GLU A N   1 
ATOM   292  C  CA  . GLU A 1 35  ? 1.538   -6.984  -1.307  1.00 14.41 ? 35  GLU A CA  1 
ATOM   293  C  C   . GLU A 1 35  ? 0.126   -7.576  -1.279  1.00 15.78 ? 35  GLU A C   1 
ATOM   294  O  O   . GLU A 1 35  ? -0.183  -8.372  -0.389  1.00 15.54 ? 35  GLU A O   1 
ATOM   295  C  CB  . GLU A 1 35  ? 1.545   -5.542  -0.773  1.00 15.10 ? 35  GLU A CB  1 
ATOM   296  C  CG  . GLU A 1 35  ? 2.980   -4.988  -0.530  1.00 14.15 ? 35  GLU A CG  1 
ATOM   297  C  CD  . GLU A 1 35  ? 3.619   -5.530  0.747   1.00 16.25 ? 35  GLU A CD  1 
ATOM   298  O  OE1 . GLU A 1 35  ? 2.873   -6.094  1.567   1.00 19.85 ? 35  GLU A OE1 1 
ATOM   299  O  OE2 . GLU A 1 35  ? 4.842   -5.393  0.920   1.00 18.55 ? 35  GLU A OE2 1 
ATOM   300  N  N   . SER A 1 36  ? -0.716  -7.255  -2.252  1.00 13.95 ? 36  SER A N   1 
ATOM   301  C  CA  . SER A 1 36  ? -2.150  -7.560  -2.163  1.00 14.53 ? 36  SER A CA  1 
ATOM   302  C  C   . SER A 1 36  ? -2.728  -8.208  -3.423  1.00 15.69 ? 36  SER A C   1 
ATOM   303  O  O   . SER A 1 36  ? -3.929  -8.518  -3.457  1.00 16.04 ? 36  SER A O   1 
ATOM   304  C  CB  . SER A 1 36  ? -2.954  -6.302  -1.865  1.00 14.95 ? 36  SER A CB  1 
ATOM   305  O  OG  . SER A 1 36  ? -2.954  -5.436  -3.007  1.00 14.44 ? 36  SER A OG  1 
ATOM   306  N  N   . ASN A 1 37  ? -1.925  -8.350  -4.482  1.00 14.95 ? 37  ASN A N   1 
ATOM   307  C  CA  . ASN A 1 37  ? -2.424  -8.778  -5.780  1.00 13.85 ? 37  ASN A CA  1 
ATOM   308  C  C   . ASN A 1 37  ? -3.528  -7.838  -6.299  1.00 16.15 ? 37  ASN A C   1 
ATOM   309  O  O   . ASN A 1 37  ? -4.449  -8.255  -7.003  1.00 16.83 ? 37  ASN A O   1 
ATOM   310  C  CB  . ASN A 1 37  ? -2.922  -10.246 -5.745  1.00 16.51 ? 37  ASN A CB  1 
ATOM   311  C  CG  . ASN A 1 37  ? -2.800  -10.911 -7.103  1.00 21.72 ? 37  ASN A CG  1 
ATOM   312  O  OD1 . ASN A 1 37  ? -2.084  -10.426 -7.973  1.00 24.44 ? 37  ASN A OD1 1 
ATOM   313  N  ND2 . ASN A 1 37  ? -3.534  -12.001 -7.306  1.00 29.22 ? 37  ASN A ND2 1 
ATOM   314  N  N   . PHE A 1 38  ? -3.403  -6.551  -5.970  1.00 12.87 ? 38  PHE A N   1 
ATOM   315  C  CA  . PHE A 1 38  ? -4.346  -5.513  -6.365  1.00 14.25 ? 38  PHE A CA  1 
ATOM   316  C  C   . PHE A 1 38  ? -5.750  -5.652  -5.759  1.00 14.37 ? 38  PHE A C   1 
ATOM   317  O  O   . PHE A 1 38  ? -6.707  -5.024  -6.253  1.00 15.34 ? 38  PHE A O   1 
ATOM   318  C  CB  . PHE A 1 38  ? -4.505  -5.454  -7.895  1.00 15.08 ? 38  PHE A CB  1 
ATOM   319  C  CG  . PHE A 1 38  ? -3.230  -5.177  -8.674  1.00 13.12 ? 38  PHE A CG  1 
ATOM   320  C  CD1 . PHE A 1 38  ? -2.243  -4.319  -8.191  1.00 12.71 ? 38  PHE A CD1 1 
ATOM   321  C  CD2 . PHE A 1 38  ? -3.071  -5.738  -9.928  1.00 17.66 ? 38  PHE A CD2 1 
ATOM   322  C  CE1 . PHE A 1 38  ? -1.082  -4.018  -8.956  1.00 13.46 ? 38  PHE A CE1 1 
ATOM   323  C  CE2 . PHE A 1 38  ? -1.901  -5.433  -10.716 1.00 15.46 ? 38  PHE A CE2 1 
ATOM   324  C  CZ  . PHE A 1 38  ? -0.931  -4.593  -10.216 1.00 15.95 ? 38  PHE A CZ  1 
ATOM   325  N  N   . ASN A 1 39  ? -5.856  -6.426  -4.669  1.00 14.46 ? 39  ASN A N   1 
ATOM   326  C  CA  . ASN A 1 39  ? -7.156  -6.652  -4.016  1.00 13.90 ? 39  ASN A CA  1 
ATOM   327  C  C   . ASN A 1 39  ? -7.305  -5.788  -2.779  1.00 14.04 ? 39  ASN A C   1 
ATOM   328  O  O   . ASN A 1 39  ? -6.571  -5.963  -1.795  1.00 15.18 ? 39  ASN A O   1 
ATOM   329  C  CB  . ASN A 1 39  ? -7.245  -8.136  -3.679  1.00 15.60 ? 39  ASN A CB  1 
ATOM   330  C  CG  . ASN A 1 39  ? -8.569  -8.541  -3.084  1.00 14.35 ? 39  ASN A CG  1 
ATOM   331  O  OD1 . ASN A 1 39  ? -9.461  -7.753  -2.883  1.00 15.03 ? 39  ASN A OD1 1 
ATOM   332  N  ND2 . ASN A 1 39  ? -8.677  -9.825  -2.785  1.00 20.81 ? 39  ASN A ND2 1 
ATOM   333  N  N   . THR A 1 40  ? -8.280  -4.858  -2.804  1.00 12.99 ? 40  THR A N   1 
ATOM   334  C  CA  . THR A 1 40  ? -8.455  -3.952  -1.674  1.00 14.94 ? 40  THR A CA  1 
ATOM   335  C  C   . THR A 1 40  ? -8.882  -4.701  -0.420  1.00 13.67 ? 40  THR A C   1 
ATOM   336  O  O   . THR A 1 40  ? -8.682  -4.168  0.662   1.00 14.69 ? 40  THR A O   1 
ATOM   337  C  CB  . THR A 1 40  ? -9.487  -2.838  -1.941  1.00 15.47 ? 40  THR A CB  1 
ATOM   338  O  OG1 . THR A 1 40  ? -10.795 -3.396  -2.096  1.00 17.28 ? 40  THR A OG1 1 
ATOM   339  C  CG2 . THR A 1 40  ? -9.125  -2.009  -3.200  1.00 16.73 ? 40  THR A CG2 1 
ATOM   340  N  N   . GLN A 1 41  ? -9.438  -5.902  -0.587  1.00 14.24 ? 41  GLN A N   1 
ATOM   341  C  CA  . GLN A 1 41  ? -9.966  -6.620  0.589   1.00 14.94 ? 41  GLN A CA  1 
ATOM   342  C  C   . GLN A 1 41  ? -8.954  -7.546  1.246   1.00 14.54 ? 41  GLN A C   1 
ATOM   343  O  O   . GLN A 1 41  ? -9.299  -8.192  2.224   1.00 16.62 ? 41  GLN A O   1 
ATOM   344  C  CB  . GLN A 1 41  ? -11.222 -7.417  0.209   1.00 16.64 ? 41  GLN A CB  1 
ATOM   345  C  CG  . GLN A 1 41  ? -12.370 -6.528  -0.246  1.00 15.87 ? 41  GLN A CG  1 
ATOM   346  C  CD  . GLN A 1 41  ? -13.676 -7.287  -0.232  1.00 16.48 ? 41  GLN A CD  1 
ATOM   347  O  OE1 . GLN A 1 41  ? -14.271 -7.482  0.840   1.00 20.43 ? 41  GLN A OE1 1 
ATOM   348  N  NE2 . GLN A 1 41  ? -14.089 -7.785  -1.382  1.00 17.49 ? 41  GLN A NE2 1 
ATOM   349  N  N   . ALA A 1 42  ? -7.709  -7.604  0.742   1.00 12.97 ? 42  ALA A N   1 
ATOM   350  C  CA  . ALA A 1 42  ? -6.692  -8.504  1.277   1.00 15.11 ? 42  ALA A CA  1 
ATOM   351  C  C   . ALA A 1 42  ? -6.355  -8.220  2.722   1.00 13.61 ? 42  ALA A C   1 
ATOM   352  O  O   . ALA A 1 42  ? -6.166  -7.082  3.120   1.00 15.04 ? 42  ALA A O   1 
ATOM   353  C  CB  . ALA A 1 42  ? -5.402  -8.424  0.421   1.00 15.47 ? 42  ALA A CB  1 
ATOM   354  N  N   . THR A 1 43  ? -6.292  -9.290  3.518   1.00 15.40 ? 43  THR A N   1 
ATOM   355  C  CA  . THR A 1 43  ? -5.863  -9.215  4.919   1.00 17.18 ? 43  THR A CA  1 
ATOM   356  C  C   . THR A 1 43  ? -4.895  -10.356 5.168   1.00 18.08 ? 43  THR A C   1 
ATOM   357  O  O   . THR A 1 43  ? -5.069  -11.478 4.663   1.00 19.70 ? 43  THR A O   1 
ATOM   358  C  CB  . THR A 1 43  ? -7.035  -9.318  5.924   1.00 18.12 ? 43  THR A CB  1 
ATOM   359  O  OG1 . THR A 1 43  ? -7.679  -10.606 5.781   1.00 18.25 ? 43  THR A OG1 1 
ATOM   360  C  CG2 . THR A 1 43  ? -8.030  -8.216  5.727   1.00 16.73 ? 43  THR A CG2 1 
ATOM   361  N  N   A ASN A 1 44  ? -3.903  -10.126 6.011   0.62 15.71 ? 44  ASN A N   1 
ATOM   362  N  N   B ASN A 1 44  ? -3.822  -10.014 5.883   0.38 15.72 ? 44  ASN A N   1 
ATOM   363  C  CA  A ASN A 1 44  ? -3.000  -11.214 6.375   0.62 13.80 ? 44  ASN A CA  1 
ATOM   364  C  CA  B ASN A 1 44  ? -2.713  -10.915 6.197   0.38 17.92 ? 44  ASN A CA  1 
ATOM   365  C  C   A ASN A 1 44  ? -2.492  -11.050 7.799   0.62 15.96 ? 44  ASN A C   1 
ATOM   366  C  C   B ASN A 1 44  ? -2.323  -10.779 7.659   0.38 15.32 ? 44  ASN A C   1 
ATOM   367  O  O   A ASN A 1 44  ? -1.906  -10.034 8.143   0.62 14.84 ? 44  ASN A O   1 
ATOM   368  O  O   B ASN A 1 44  ? -1.754  -9.767  8.061   0.38 15.56 ? 44  ASN A O   1 
ATOM   369  C  CB  A ASN A 1 44  ? -1.823  -11.273 5.382   0.62 15.68 ? 44  ASN A CB  1 
ATOM   370  C  CB  B ASN A 1 44  ? -1.500  -10.614 5.296   0.38 16.84 ? 44  ASN A CB  1 
ATOM   371  C  CG  A ASN A 1 44  ? -2.253  -11.688 3.969   0.62 19.64 ? 44  ASN A CG  1 
ATOM   372  C  CG  B ASN A 1 44  ? -0.269  -11.484 5.621   0.38 19.91 ? 44  ASN A CG  1 
ATOM   373  O  OD1 A ASN A 1 44  ? -2.469  -12.871 3.691   0.62 20.34 ? 44  ASN A OD1 1 
ATOM   374  O  OD1 B ASN A 1 44  ? -0.281  -12.693 5.388   0.38 22.46 ? 44  ASN A OD1 1 
ATOM   375  N  ND2 A ASN A 1 44  ? -2.377  -10.717 3.076   0.62 19.36 ? 44  ASN A ND2 1 
ATOM   376  N  ND2 B ASN A 1 44  ? 0.800   -10.862 6.133   0.38 24.75 ? 44  ASN A ND2 1 
ATOM   377  N  N   A ARG A 1 45  ? -2.695  -12.080 8.613   0.62 16.92 ? 45  ARG A N   1 
ATOM   378  N  N   B ARG A 1 45  ? -2.629  -11.806 8.441   0.38 17.51 ? 45  ARG A N   1 
ATOM   379  C  CA  A ARG A 1 45  ? -2.247  -12.051 10.008  0.62 16.37 ? 45  ARG A CA  1 
ATOM   380  C  CA  B ARG A 1 45  ? -2.224  -11.870 9.839   0.38 17.17 ? 45  ARG A CA  1 
ATOM   381  C  C   A ARG A 1 45  ? -0.723  -12.191 10.104  0.62 17.25 ? 45  ARG A C   1 
ATOM   382  C  C   B ARG A 1 45  ? -0.691  -11.963 9.919   0.38 16.71 ? 45  ARG A C   1 
ATOM   383  O  O   A ARG A 1 45  ? -0.128  -13.028 9.421   0.62 19.31 ? 45  ARG A O   1 
ATOM   384  O  O   B ARG A 1 45  ? -0.058  -12.533 9.028   0.38 15.98 ? 45  ARG A O   1 
ATOM   385  C  CB  A ARG A 1 45  ? -2.903  -13.169 10.815  0.62 18.22 ? 45  ARG A CB  1 
ATOM   386  C  CB  B ARG A 1 45  ? -2.894  -13.071 10.515  0.38 17.59 ? 45  ARG A CB  1 
ATOM   387  C  CG  A ARG A 1 45  ? -2.822  -12.913 12.311  0.62 16.75 ? 45  ARG A CG  1 
ATOM   388  C  CG  B ARG A 1 45  ? -2.435  -13.350 11.942  0.38 17.81 ? 45  ARG A CG  1 
ATOM   389  C  CD  A ARG A 1 45  ? -3.842  -11.862 12.688  0.62 26.90 ? 45  ARG A CD  1 
ATOM   390  C  CD  B ARG A 1 45  ? -3.086  -12.435 12.980  0.38 20.60 ? 45  ARG A CD  1 
ATOM   391  N  NE  A ARG A 1 45  ? -3.862  -11.479 14.101  0.62 28.88 ? 45  ARG A NE  1 
ATOM   392  N  NE  B ARG A 1 45  ? -4.415  -12.910 13.378  0.38 21.81 ? 45  ARG A NE  1 
ATOM   393  C  CZ  A ARG A 1 45  ? -4.654  -12.025 15.022  0.62 20.91 ? 45  ARG A CZ  1 
ATOM   394  C  CZ  B ARG A 1 45  ? -4.634  -13.830 14.311  0.38 26.43 ? 45  ARG A CZ  1 
ATOM   395  N  NH1 A ARG A 1 45  ? -5.484  -13.004 14.700  0.62 22.05 ? 45  ARG A NH1 1 
ATOM   396  N  NH1 B ARG A 1 45  ? -3.610  -14.390 14.945  0.38 26.94 ? 45  ARG A NH1 1 
ATOM   397  N  NH2 A ARG A 1 45  ? -4.616  -11.571 16.263  0.62 28.35 ? 45  ARG A NH2 1 
ATOM   398  N  NH2 B ARG A 1 45  ? -5.876  -14.197 14.603  0.38 26.74 ? 45  ARG A NH2 1 
ATOM   399  N  N   . ASN A 1 46  ? -0.115  -11.400 10.983  1.00 15.60 ? 46  ASN A N   1 
ATOM   400  C  CA  . ASN A 1 46  ? 1.337   -11.478 11.233  1.00 15.94 ? 46  ASN A CA  1 
ATOM   401  C  C   . ASN A 1 46  ? 1.595   -12.215 12.552  1.00 19.46 ? 46  ASN A C   1 
ATOM   402  O  O   . ASN A 1 46  ? 0.704   -12.303 13.413  1.00 18.92 ? 46  ASN A O   1 
ATOM   403  C  CB  . ASN A 1 46  ? 1.924   -10.069 11.268  1.00 18.18 ? 46  ASN A CB  1 
ATOM   404  C  CG  . ASN A 1 46  ? 1.537   -9.251  10.037  1.00 20.89 ? 46  ASN A CG  1 
ATOM   405  O  OD1 . ASN A 1 46  ? 1.041   -8.126  10.155  1.00 30.17 ? 46  ASN A OD1 1 
ATOM   406  N  ND2 . ASN A 1 46  ? 1.683   -9.843  8.876   1.00 23.23 ? 46  ASN A ND2 1 
ATOM   407  N  N   A THR A 1 47  ? 2.806   -12.728 12.726  0.30 21.76 ? 47  THR A N   1 
ATOM   408  N  N   B THR A 1 47  ? 2.801   -12.746 12.720  0.70 21.77 ? 47  THR A N   1 
ATOM   409  C  CA  A THR A 1 47  ? 3.129   -13.548 13.893  0.30 23.23 ? 47  THR A CA  1 
ATOM   410  C  CA  B THR A 1 47  ? 3.103   -13.553 13.910  0.70 23.27 ? 47  THR A CA  1 
ATOM   411  C  C   A THR A 1 47  ? 3.059   -12.763 15.211  0.30 22.61 ? 47  THR A C   1 
ATOM   412  C  C   B THR A 1 47  ? 3.018   -12.756 15.208  0.70 22.63 ? 47  THR A C   1 
ATOM   413  O  O   A THR A 1 47  ? 2.807   -13.349 16.267  0.30 24.31 ? 47  THR A O   1 
ATOM   414  O  O   B THR A 1 47  ? 2.729   -13.341 16.260  0.70 24.33 ? 47  THR A O   1 
ATOM   415  C  CB  A THR A 1 47  ? 4.530   -14.184 13.744  0.30 24.01 ? 47  THR A CB  1 
ATOM   416  C  CB  B THR A 1 47  ? 4.507   -14.201 13.840  0.70 24.06 ? 47  THR A CB  1 
ATOM   417  O  OG1 A THR A 1 47  ? 4.651   -14.764 12.441  0.30 23.27 ? 47  THR A OG1 1 
ATOM   418  O  OG1 B THR A 1 47  ? 5.519   -13.186 13.755  0.70 22.16 ? 47  THR A OG1 1 
ATOM   419  C  CG2 A THR A 1 47  ? 4.754   -15.267 14.785  0.30 23.64 ? 47  THR A CG2 1 
ATOM   420  C  CG2 B THR A 1 47  ? 4.599   -15.121 12.646  0.70 24.48 ? 47  THR A CG2 1 
ATOM   421  N  N   . ASP A 1 48  ? 3.254   -11.444 15.159  1.00 19.08 ? 48  ASP A N   1 
ATOM   422  C  CA  . ASP A 1 48  ? 3.228   -10.641 16.375  1.00 21.89 ? 48  ASP A CA  1 
ATOM   423  C  C   . ASP A 1 48  ? 1.787   -10.353 16.836  1.00 21.08 ? 48  ASP A C   1 
ATOM   424  O  O   . ASP A 1 48  ? 1.577   -9.664  17.836  1.00 28.21 ? 48  ASP A O   1 
ATOM   425  C  CB  . ASP A 1 48  ? 4.052   -9.335  16.211  1.00 23.75 ? 48  ASP A CB  1 
ATOM   426  C  CG  . ASP A 1 48  ? 3.441   -8.337  15.232  1.00 21.84 ? 48  ASP A CG  1 
ATOM   427  O  OD1 . ASP A 1 48  ? 2.405   -8.628  14.593  1.00 21.46 ? 48  ASP A OD1 1 
ATOM   428  O  OD2 . ASP A 1 48  ? 4.022   -7.230  15.084  1.00 26.21 ? 48  ASP A OD2 1 
ATOM   429  N  N   . GLY A 1 49  ? 0.794   -10.839 16.082  1.00 19.41 ? 49  GLY A N   1 
ATOM   430  C  CA  . GLY A 1 49  ? -0.609  -10.640 16.420  1.00 18.62 ? 49  GLY A CA  1 
ATOM   431  C  C   . GLY A 1 49  ? -1.283  -9.484  15.712  1.00 17.33 ? 49  GLY A C   1 
ATOM   432  O  O   . GLY A 1 49  ? -2.505  -9.306  15.795  1.00 20.33 ? 49  GLY A O   1 
ATOM   433  N  N   . SER A 1 50  ? -0.490  -8.661  15.029  1.00 17.01 ? 50  SER A N   1 
ATOM   434  C  CA  . SER A 1 50  ? -1.026  -7.626  14.143  1.00 15.18 ? 50  SER A CA  1 
ATOM   435  C  C   . SER A 1 50  ? -1.523  -8.256  12.845  1.00 13.37 ? 50  SER A C   1 
ATOM   436  O  O   . SER A 1 50  ? -1.285  -9.438  12.569  1.00 16.47 ? 50  SER A O   1 
ATOM   437  C  CB  . SER A 1 50  ? 0.025   -6.556  13.837  1.00 16.75 ? 50  SER A CB  1 
ATOM   438  O  OG  . SER A 1 50  ? 1.061   -7.074  13.021  1.00 15.71 ? 50  SER A OG  1 
ATOM   439  N  N   . THR A 1 51  ? -2.192  -7.422  12.046  1.00 13.49 ? 51  THR A N   1 
ATOM   440  C  CA  . THR A 1 51  ? -2.680  -7.827  10.736  1.00 13.62 ? 51  THR A CA  1 
ATOM   441  C  C   . THR A 1 51  ? -2.370  -6.735  9.713   1.00 13.51 ? 51  THR A C   1 
ATOM   442  O  O   . THR A 1 51  ? -2.380  -5.537  10.047  1.00 14.79 ? 51  THR A O   1 
ATOM   443  C  CB  . THR A 1 51  ? -4.206  -8.081  10.808  1.00 12.86 ? 51  THR A CB  1 
ATOM   444  O  OG1 . THR A 1 51  ? -4.454  -9.107  11.777  1.00 16.50 ? 51  THR A OG1 1 
ATOM   445  C  CG2 . THR A 1 51  ? -4.776  -8.539  9.458   1.00 15.04 ? 51  THR A CG2 1 
ATOM   446  N  N   . ASP A 1 52  ? -2.094  -7.130  8.466   1.00 13.07 ? 52  ASP A N   1 
ATOM   447  C  CA  . ASP A 1 52  ? -1.953  -6.169  7.360   1.00 13.36 ? 52  ASP A CA  1 
ATOM   448  C  C   . ASP A 1 52  ? -3.243  -6.054  6.561   1.00 13.30 ? 52  ASP A C   1 
ATOM   449  O  O   . ASP A 1 52  ? -3.890  -7.086  6.285   1.00 14.93 ? 52  ASP A O   1 
ATOM   450  C  CB  . ASP A 1 52  ? -0.837  -6.599  6.397   1.00 15.08 ? 52  ASP A CB  1 
ATOM   451  C  CG  . ASP A 1 52  ? 0.544   -6.659  7.046   1.00 19.43 ? 52  ASP A CG  1 
ATOM   452  O  OD1 . ASP A 1 52  ? 0.839   -5.936  8.003   1.00 18.61 ? 52  ASP A OD1 1 
ATOM   453  O  OD2 . ASP A 1 52  ? 1.357   -7.455  6.531   1.00 24.14 ? 52  ASP A OD2 1 
ATOM   454  N  N   . TYR A 1 53  ? -3.593  -4.834  6.176   1.00 13.12 ? 53  TYR A N   1 
ATOM   455  C  CA  . TYR A 1 53  ? -4.887  -4.581  5.563   1.00 13.38 ? 53  TYR A CA  1 
ATOM   456  C  C   . TYR A 1 53  ? -4.791  -3.850  4.228   1.00 13.83 ? 53  TYR A C   1 
ATOM   457  O  O   . TYR A 1 53  ? -4.113  -2.821  4.139   1.00 14.74 ? 53  TYR A O   1 
ATOM   458  C  CB  . TYR A 1 53  ? -5.747  -3.711  6.491   1.00 15.44 ? 53  TYR A CB  1 
ATOM   459  C  CG  . TYR A 1 53  ? -6.145  -4.422  7.773   1.00 14.20 ? 53  TYR A CG  1 
ATOM   460  C  CD1 . TYR A 1 53  ? -7.364  -5.105  7.865   1.00 16.38 ? 53  TYR A CD1 1 
ATOM   461  C  CD2 . TYR A 1 53  ? -5.294  -4.438  8.871   1.00 13.81 ? 53  TYR A CD2 1 
ATOM   462  C  CE1 . TYR A 1 53  ? -7.707  -5.778  9.020   1.00 15.17 ? 53  TYR A CE1 1 
ATOM   463  C  CE2 . TYR A 1 53  ? -5.654  -5.094  10.045  1.00 15.02 ? 53  TYR A CE2 1 
ATOM   464  C  CZ  . TYR A 1 53  ? -6.867  -5.730  10.105  1.00 13.43 ? 53  TYR A CZ  1 
ATOM   465  O  OH  . TYR A 1 53  ? -7.178  -6.405  11.266  1.00 16.09 ? 53  TYR A OH  1 
ATOM   466  N  N   . GLY A 1 54  ? -5.511  -4.352  3.237   1.00 13.09 ? 54  GLY A N   1 
ATOM   467  C  CA  . GLY A 1 54  ? -5.818  -3.561  2.060   1.00 13.58 ? 54  GLY A CA  1 
ATOM   468  C  C   . GLY A 1 54  ? -4.792  -3.683  0.948   1.00 12.65 ? 54  GLY A C   1 
ATOM   469  O  O   . GLY A 1 54  ? -3.867  -4.491  0.970   1.00 13.65 ? 54  GLY A O   1 
ATOM   470  N  N   . ILE A 1 55  ? -5.002  -2.842  -0.048  1.00 15.67 ? 55  ILE A N   1 
ATOM   471  C  CA  . ILE A 1 55  ? -4.208  -2.802  -1.276  1.00 17.00 ? 55  ILE A CA  1 
ATOM   472  C  C   . ILE A 1 55  ? -2.695  -2.624  -1.045  1.00 16.11 ? 55  ILE A C   1 
ATOM   473  O  O   . ILE A 1 55  ? -1.874  -3.176  -1.799  1.00 16.07 ? 55  ILE A O   1 
ATOM   474  C  CB  . ILE A 1 55  ? -4.765  -1.657  -2.184  1.00 20.90 ? 55  ILE A CB  1 
ATOM   475  C  CG1 . ILE A 1 55  ? -4.186  -1.730  -3.584  1.00 29.10 ? 55  ILE A CG1 1 
ATOM   476  C  CG2 . ILE A 1 55  ? -4.531  -0.282  -1.603  1.00 22.36 ? 55  ILE A CG2 1 
ATOM   477  C  CD1 . ILE A 1 55  ? -4.891  -2.691  -4.416  1.00 25.92 ? 55  ILE A CD1 1 
ATOM   478  N  N   . LEU A 1 56  ? -2.322  -1.935  0.034   1.00 15.14 ? 56  LEU A N   1 
ATOM   479  C  CA  . LEU A 1 56  ? -0.916  -1.761  0.375   1.00 16.18 ? 56  LEU A CA  1 
ATOM   480  C  C   . LEU A 1 56  ? -0.557  -2.390  1.730   1.00 18.83 ? 56  LEU A C   1 
ATOM   481  O  O   . LEU A 1 56  ? 0.495   -2.121  2.313   1.00 17.46 ? 56  LEU A O   1 
ATOM   482  C  CB  . LEU A 1 56  ? -0.550  -0.284  0.352   1.00 16.82 ? 56  LEU A CB  1 
ATOM   483  C  CG  . LEU A 1 56  ? -0.343  0.253   -1.070  1.00 17.67 ? 56  LEU A CG  1 
ATOM   484  C  CD1 . LEU A 1 56  ? -0.223  1.790   -1.025  1.00 22.96 ? 56  LEU A CD1 1 
ATOM   485  C  CD2 . LEU A 1 56  ? 0.884   -0.374  -1.715  1.00 19.11 ? 56  LEU A CD2 1 
ATOM   486  N  N   . GLN A 1 57  ? -1.422  -3.275  2.229   1.00 14.45 ? 57  GLN A N   1 
ATOM   487  C  CA  . GLN A 1 57  ? -1.058  -4.157  3.349   1.00 14.83 ? 57  GLN A CA  1 
ATOM   488  C  C   . GLN A 1 57  ? -0.481  -3.379  4.533   1.00 15.00 ? 57  GLN A C   1 
ATOM   489  O  O   . GLN A 1 57  ? 0.621   -3.662  5.032   1.00 16.88 ? 57  GLN A O   1 
ATOM   490  C  CB  . GLN A 1 57  ? -0.102  -5.267  2.882   1.00 15.11 ? 57  GLN A CB  1 
ATOM   491  C  CG  . GLN A 1 57  ? -0.798  -6.268  1.983   1.00 15.18 ? 57  GLN A CG  1 
ATOM   492  C  CD  . GLN A 1 57  ? -1.823  -7.100  2.775   1.00 14.55 ? 57  GLN A CD  1 
ATOM   493  O  OE1 . GLN A 1 57  ? -1.458  -8.050  3.476   1.00 16.49 ? 57  GLN A OE1 1 
ATOM   494  N  NE2 . GLN A 1 57  ? -3.095  -6.718  2.676   1.00 14.46 ? 57  GLN A NE2 1 
ATOM   495  N  N   . ILE A 1 58  ? -1.279  -2.439  5.002   1.00 14.05 ? 58  ILE A N   1 
ATOM   496  C  CA  . ILE A 1 58  ? -0.952  -1.544  6.095   1.00 15.87 ? 58  ILE A CA  1 
ATOM   497  C  C   . ILE A 1 58  ? -1.239  -2.199  7.457   1.00 14.75 ? 58  ILE A C   1 
ATOM   498  O  O   . ILE A 1 58  ? -2.296  -2.811  7.675   1.00 16.11 ? 58  ILE A O   1 
ATOM   499  C  CB  . ILE A 1 58  ? -1.705  -0.232  5.896   1.00 15.65 ? 58  ILE A CB  1 
ATOM   500  C  CG1 . ILE A 1 58  ? -1.062  0.484   4.682   1.00 17.77 ? 58  ILE A CG1 1 
ATOM   501  C  CG2 . ILE A 1 58  ? -1.628  0.636   7.156   1.00 19.52 ? 58  ILE A CG2 1 
ATOM   502  C  CD1 . ILE A 1 58  ? -1.684  1.751   4.274   1.00 21.57 ? 58  ILE A CD1 1 
ATOM   503  N  N   . ASN A 1 59  ? -0.281  -2.088  8.364   1.00 15.80 ? 59  ASN A N   1 
ATOM   504  C  CA  . ASN A 1 59  ? -0.260  -2.882  9.575   1.00 16.08 ? 59  ASN A CA  1 
ATOM   505  C  C   . ASN A 1 59  ? -0.968  -2.243  10.783  1.00 16.20 ? 59  ASN A C   1 
ATOM   506  O  O   . ASN A 1 59  ? -0.870  -1.047  11.031  1.00 17.63 ? 59  ASN A O   1 
ATOM   507  C  CB  . ASN A 1 59  ? 1.206   -3.189  9.914   1.00 15.79 ? 59  ASN A CB  1 
ATOM   508  C  CG  . ASN A 1 59  ? 1.335   -4.180  11.008  1.00 19.33 ? 59  ASN A CG  1 
ATOM   509  O  OD1 . ASN A 1 59  ? 1.558   -3.804  12.161  1.00 22.48 ? 59  ASN A OD1 1 
ATOM   510  N  ND2 . ASN A 1 59  ? 1.152   -5.450  10.678  1.00 19.83 ? 59  ASN A ND2 1 
ATOM   511  N  N   . SER A 1 60  ? -1.639  -3.094  11.557  1.00 14.40 ? 60  SER A N   1 
ATOM   512  C  CA  . SER A 1 60  ? -2.446  -2.681  12.698  1.00 16.65 ? 60  SER A CA  1 
ATOM   513  C  C   . SER A 1 60  ? -1.675  -2.419  13.989  1.00 19.63 ? 60  SER A C   1 
ATOM   514  O  O   . SER A 1 60  ? -2.289  -2.005  14.991  1.00 21.01 ? 60  SER A O   1 
ATOM   515  C  CB  . SER A 1 60  ? -3.499  -3.756  12.971  1.00 16.28 ? 60  SER A CB  1 
ATOM   516  O  OG  . SER A 1 60  ? -2.909  -4.968  13.367  1.00 15.91 ? 60  SER A OG  1 
ATOM   517  N  N   . ARG A 1 61  ? -0.356  -2.607  13.986  1.00 16.63 ? 61  ARG A N   1 
ATOM   518  C  CA  . ARG A 1 61  ? 0.408   -2.313  15.201  1.00 18.85 ? 61  ARG A CA  1 
ATOM   519  C  C   . ARG A 1 61  ? 0.740   -0.824  15.256  1.00 21.34 ? 61  ARG A C   1 
ATOM   520  O  O   . ARG A 1 61  ? 0.575   -0.184  16.286  1.00 23.68 ? 61  ARG A O   1 
ATOM   521  C  CB  . ARG A 1 61  ? 1.677   -3.148  15.259  1.00 19.13 ? 61  ARG A CB  1 
ATOM   522  C  CG  . ARG A 1 61  ? 2.703   -2.698  16.306  1.00 27.40 ? 61  ARG A CG  1 
ATOM   523  C  CD  . ARG A 1 61  ? 2.170   -2.596  17.705  1.00 36.51 ? 61  ARG A CD  1 
ATOM   524  N  NE  . ARG A 1 61  ? 3.271   -2.394  18.648  1.00 51.76 ? 61  ARG A NE  1 
ATOM   525  C  CZ  . ARG A 1 61  ? 3.781   -1.208  18.966  1.00 38.28 ? 61  ARG A CZ  1 
ATOM   526  N  NH1 . ARG A 1 61  ? 3.287   -0.100  18.433  1.00 41.91 ? 61  ARG A NH1 1 
ATOM   527  N  NH2 . ARG A 1 61  ? 4.780   -1.129  19.828  1.00 40.43 ? 61  ARG A NH2 1 
ATOM   528  N  N   . TRP A 1 62  ? 1.177   -0.240  14.140  1.00 18.51 ? 62  TRP A N   1 
ATOM   529  C  CA  . TRP A 1 62  ? 1.493   1.186   14.141  1.00 21.22 ? 62  TRP A CA  1 
ATOM   530  C  C   . TRP A 1 62  ? 0.444   2.107   13.522  1.00 18.40 ? 62  TRP A C   1 
ATOM   531  O  O   . TRP A 1 62  ? 0.248   3.259   13.972  1.00 20.13 ? 62  TRP A O   1 
ATOM   532  C  CB  . TRP A 1 62  ? 2.841   1.398   13.422  1.00 21.23 ? 62  TRP A CB  1 
ATOM   533  C  CG  . TRP A 1 62  ? 3.963   0.824   14.200  1.00 28.51 ? 62  TRP A CG  1 
ATOM   534  C  CD1 . TRP A 1 62  ? 4.579   -0.369  14.006  1.00 34.00 ? 62  TRP A CD1 1 
ATOM   535  C  CD2 . TRP A 1 62  ? 4.578   1.420   15.341  1.00 33.74 ? 62  TRP A CD2 1 
ATOM   536  N  NE1 . TRP A 1 62  ? 5.563   -0.553  14.949  1.00 37.70 ? 62  TRP A NE1 1 
ATOM   537  C  CE2 . TRP A 1 62  ? 5.584   0.537   15.780  1.00 37.99 ? 62  TRP A CE2 1 
ATOM   538  C  CE3 . TRP A 1 62  ? 4.392   2.628   16.020  1.00 35.39 ? 62  TRP A CE3 1 
ATOM   539  C  CZ2 . TRP A 1 62  ? 6.400   0.820   16.873  1.00 41.66 ? 62  TRP A CZ2 1 
ATOM   540  C  CZ3 . TRP A 1 62  ? 5.204   2.906   17.111  1.00 45.14 ? 62  TRP A CZ3 1 
ATOM   541  C  CH2 . TRP A 1 62  ? 6.191   2.004   17.525  1.00 40.51 ? 62  TRP A CH2 1 
ATOM   542  N  N   . TRP A 1 63  ? -0.234  1.635   12.480  1.00 16.87 ? 63  TRP A N   1 
ATOM   543  C  CA  . TRP A 1 63  ? -0.872  2.567   11.566  1.00 16.02 ? 63  TRP A CA  1 
ATOM   544  C  C   . TRP A 1 63  ? -2.396  2.690   11.608  1.00 16.96 ? 63  TRP A C   1 
ATOM   545  O  O   . TRP A 1 63  ? -2.906  3.782   11.464  1.00 18.05 ? 63  TRP A O   1 
ATOM   546  C  CB  . TRP A 1 63  ? -0.422  2.232   10.132  1.00 17.80 ? 63  TRP A CB  1 
ATOM   547  C  CG  . TRP A 1 63  ? 1.092   2.275   10.022  1.00 17.13 ? 63  TRP A CG  1 
ATOM   548  C  CD1 . TRP A 1 63  ? 1.911   1.218   9.853   1.00 18.23 ? 63  TRP A CD1 1 
ATOM   549  C  CD2 . TRP A 1 63  ? 1.938   3.429   10.189  1.00 17.36 ? 63  TRP A CD2 1 
ATOM   550  N  NE1 . TRP A 1 63  ? 3.236   1.638   9.843   1.00 20.38 ? 63  TRP A NE1 1 
ATOM   551  C  CE2 . TRP A 1 63  ? 3.261   2.986   10.054  1.00 17.88 ? 63  TRP A CE2 1 
ATOM   552  C  CE3 . TRP A 1 63  ? 1.701   4.792   10.380  1.00 20.67 ? 63  TRP A CE3 1 
ATOM   553  C  CZ2 . TRP A 1 63  ? 4.344   3.851   10.132  1.00 20.71 ? 63  TRP A CZ2 1 
ATOM   554  C  CZ3 . TRP A 1 63  ? 2.800   5.655   10.448  1.00 22.54 ? 63  TRP A CZ3 1 
ATOM   555  C  CH2 . TRP A 1 63  ? 4.096   5.164   10.336  1.00 23.27 ? 63  TRP A CH2 1 
ATOM   556  N  N   . CYS A 1 64  ? -3.114  1.575   11.765  1.00 18.42 ? 64  CYS A N   1 
ATOM   557  C  CA  . CYS A 1 64  ? -4.581  1.615   11.809  1.00 17.39 ? 64  CYS A CA  1 
ATOM   558  C  C   . CYS A 1 64  ? -5.063  0.826   13.014  1.00 17.13 ? 64  CYS A C   1 
ATOM   559  O  O   . CYS A 1 64  ? -4.343  -0.013  13.512  1.00 17.62 ? 64  CYS A O   1 
ATOM   560  C  CB  . CYS A 1 64  ? -5.164  1.049   10.511  1.00 18.76 ? 64  CYS A CB  1 
ATOM   561  S  SG  . CYS A 1 64  ? -4.791  -0.709  10.150  1.00 16.85 ? 64  CYS A SG  1 
ATOM   562  N  N   . ASN A 1 65  ? -6.287  1.095   13.471  1.00 17.33 ? 65  ASN A N   1 
ATOM   563  C  CA  . ASN A 1 65  ? -6.840  0.327   14.591  1.00 19.30 ? 65  ASN A CA  1 
ATOM   564  C  C   . ASN A 1 65  ? -7.752  -0.836  14.157  1.00 17.05 ? 65  ASN A C   1 
ATOM   565  O  O   . ASN A 1 65  ? -8.722  -0.625  13.427  1.00 16.64 ? 65  ASN A O   1 
ATOM   566  C  CB  . ASN A 1 65  ? -7.628  1.228   15.523  1.00 18.78 ? 65  ASN A CB  1 
ATOM   567  C  CG  . ASN A 1 65  ? -8.335  0.442   16.583  1.00 22.26 ? 65  ASN A CG  1 
ATOM   568  O  OD1 . ASN A 1 65  ? -7.703  -0.268  17.363  1.00 23.24 ? 65  ASN A OD1 1 
ATOM   569  N  ND2 . ASN A 1 65  ? -9.669  0.523   16.589  1.00 23.70 ? 65  ASN A ND2 1 
ATOM   570  N  N   . ASP A 1 66  ? -7.422  -2.040  14.605  1.00 15.79 ? 66  ASP A N   1 
ATOM   571  C  CA  . ASP A 1 66  ? -8.336  -3.177  14.353  1.00 16.57 ? 66  ASP A CA  1 
ATOM   572  C  C   . ASP A 1 66  ? -8.933  -3.772  15.634  1.00 16.62 ? 66  ASP A C   1 
ATOM   573  O  O   . ASP A 1 66  ? -9.596  -4.801  15.543  1.00 16.60 ? 66  ASP A O   1 
ATOM   574  C  CB  . ASP A 1 66  ? -7.667  -4.292  13.499  1.00 16.10 ? 66  ASP A CB  1 
ATOM   575  C  CG  . ASP A 1 66  ? -6.564  -5.069  14.217  1.00 15.24 ? 66  ASP A CG  1 
ATOM   576  O  OD1 . ASP A 1 66  ? -6.285  -4.846  15.416  1.00 15.24 ? 66  ASP A OD1 1 
ATOM   577  O  OD2 . ASP A 1 66  ? -5.952  -5.934  13.531  1.00 15.05 ? 66  ASP A OD2 1 
ATOM   578  N  N   . GLY A 1 67  ? -8.646  -3.156  16.782  1.00 15.66 ? 67  GLY A N   1 
ATOM   579  C  CA  . GLY A 1 67  ? -9.179  -3.591  18.078  1.00 17.92 ? 67  GLY A CA  1 
ATOM   580  C  C   . GLY A 1 67  ? -8.629  -4.862  18.669  1.00 20.34 ? 67  GLY A C   1 
ATOM   581  O  O   . GLY A 1 67  ? -9.042  -5.266  19.776  1.00 22.47 ? 67  GLY A O   1 
ATOM   582  N  N   . ARG A 1 68  ? -7.710  -5.530  17.979  1.00 17.30 ? 68  ARG A N   1 
ATOM   583  C  CA  . ARG A 1 68  ? -7.208  -6.785  18.518  1.00 16.27 ? 68  ARG A CA  1 
ATOM   584  C  C   . ARG A 1 68  ? -5.693  -6.907  18.516  1.00 19.82 ? 68  ARG A C   1 
ATOM   585  O  O   . ARG A 1 68  ? -5.154  -8.021  18.661  1.00 21.55 ? 68  ARG A O   1 
ATOM   586  C  CB  . ARG A 1 68  ? -7.827  -7.977  17.753  1.00 18.07 ? 68  ARG A CB  1 
ATOM   587  C  CG  . ARG A 1 68  ? -7.344  -8.112  16.314  1.00 20.69 ? 68  ARG A CG  1 
ATOM   588  C  CD  . ARG A 1 68  ? -7.825  -9.423  15.713  1.00 19.51 ? 68  ARG A CD  1 
ATOM   589  N  NE  . ARG A 1 68  ? -7.136  -9.694  14.448  1.00 17.87 ? 68  ARG A NE  1 
ATOM   590  C  CZ  . ARG A 1 68  ? -7.520  -10.588 13.538  1.00 18.33 ? 68  ARG A CZ  1 
ATOM   591  N  NH1 . ARG A 1 68  ? -8.589  -11.346 13.767  1.00 17.14 ? 68  ARG A NH1 1 
ATOM   592  N  NH2 . ARG A 1 68  ? -6.816  -10.759 12.400  1.00 17.74 ? 68  ARG A NH2 1 
ATOM   593  N  N   . THR A 1 69  ? -5.020  -5.772  18.365  1.00 17.18 ? 69  THR A N   1 
ATOM   594  C  CA  . THR A 1 69  ? -3.556  -5.757  18.233  1.00 17.28 ? 69  THR A CA  1 
ATOM   595  C  C   . THR A 1 69  ? -2.892  -5.104  19.446  1.00 22.16 ? 69  THR A C   1 
ATOM   596  O  O   . THR A 1 69  ? -3.019  -3.897  19.653  1.00 21.20 ? 69  THR A O   1 
ATOM   597  C  CB  . THR A 1 69  ? -3.126  -5.017  16.971  1.00 17.17 ? 69  THR A CB  1 
ATOM   598  O  OG1 . THR A 1 69  ? -3.729  -5.640  15.839  1.00 18.59 ? 69  THR A OG1 1 
ATOM   599  C  CG2 . THR A 1 69  ? -1.618  -5.110  16.796  1.00 19.13 ? 69  THR A CG2 1 
ATOM   600  N  N   . PRO A 1 70  ? -2.138  -5.909  20.223  1.00 28.18 ? 70  PRO A N   1 
ATOM   601  C  CA  . PRO A 1 70  ? -1.439  -5.369  21.395  1.00 35.55 ? 70  PRO A CA  1 
ATOM   602  C  C   . PRO A 1 70  ? -0.440  -4.296  20.996  1.00 29.02 ? 70  PRO A C   1 
ATOM   603  O  O   . PRO A 1 70  ? 0.243   -4.474  19.984  1.00 31.81 ? 70  PRO A O   1 
ATOM   604  C  CB  . PRO A 1 70  ? -0.721  -6.591  21.974  1.00 34.98 ? 70  PRO A CB  1 
ATOM   605  C  CG  . PRO A 1 70  ? -1.522  -7.770  21.482  1.00 40.77 ? 70  PRO A CG  1 
ATOM   606  C  CD  . PRO A 1 70  ? -1.966  -7.367  20.098  1.00 31.27 ? 70  PRO A CD  1 
ATOM   607  N  N   . GLY A 1 71  ? -0.375  -3.221  21.771  1.00 34.31 ? 71  GLY A N   1 
ATOM   608  C  CA  . GLY A 1 71  ? 0.577   -2.147  21.534  1.00 36.53 ? 71  GLY A CA  1 
ATOM   609  C  C   . GLY A 1 71  ? 0.188   -1.238  20.386  1.00 34.27 ? 71  GLY A C   1 
ATOM   610  O  O   . GLY A 1 71  ? 1.025   -0.481  19.880  1.00 36.93 ? 71  GLY A O   1 
ATOM   611  N  N   . SER A 1 72  ? -1.076  -1.293  19.977  1.00 26.03 ? 72  SER A N   1 
ATOM   612  C  CA  . SER A 1 72  ? -1.526  -0.549  18.802  1.00 27.59 ? 72  SER A CA  1 
ATOM   613  C  C   . SER A 1 72  ? -1.357  0.957   18.996  1.00 27.90 ? 72  SER A C   1 
ATOM   614  O  O   . SER A 1 72  ? -1.614  1.469   20.077  1.00 30.88 ? 72  SER A O   1 
ATOM   615  C  CB  . SER A 1 72  ? -2.987  -0.901  18.501  1.00 24.41 ? 72  SER A CB  1 
ATOM   616  O  OG  . SER A 1 72  ? -3.521  -0.117  17.430  1.00 35.02 ? 72  SER A OG  1 
ATOM   617  N  N   . ARG A 1 73  ? -0.924  1.656   17.943  1.00 26.58 ? 73  ARG A N   1 
ATOM   618  C  CA  . ARG A 1 73  ? -0.730  3.108   17.998  1.00 26.21 ? 73  ARG A CA  1 
ATOM   619  C  C   . ARG A 1 73  ? -1.679  3.939   17.125  1.00 28.80 ? 73  ARG A C   1 
ATOM   620  O  O   . ARG A 1 73  ? -1.874  5.129   17.378  1.00 30.43 ? 73  ARG A O   1 
ATOM   621  C  CB  . ARG A 1 73  ? 0.698   3.452   17.597  1.00 26.92 ? 73  ARG A CB  1 
ATOM   622  C  CG  . ARG A 1 73  ? 1.757   2.703   18.377  1.00 33.55 ? 73  ARG A CG  1 
ATOM   623  C  CD  . ARG A 1 73  ? 1.763   3.095   19.839  1.00 43.33 ? 73  ARG A CD  1 
ATOM   624  N  NE  . ARG A 1 73  ? 1.767   4.545   20.007  1.00 53.22 ? 73  ARG A NE  1 
ATOM   625  C  CZ  . ARG A 1 73  ? 2.859   5.304   19.961  1.00 57.50 ? 73  ARG A CZ  1 
ATOM   626  N  NH1 . ARG A 1 73  ? 4.053   4.756   19.748  1.00 53.21 ? 73  ARG A NH1 1 
ATOM   627  N  NH2 . ARG A 1 73  ? 2.756   6.616   20.124  1.00 53.47 ? 73  ARG A NH2 1 
ATOM   628  N  N   . ASN A 1 74  ? -2.219  3.331   16.073  1.00 23.77 ? 74  ASN A N   1 
ATOM   629  C  CA  . ASN A 1 74  ? -3.134  4.011   15.147  1.00 20.00 ? 74  ASN A CA  1 
ATOM   630  C  C   . ASN A 1 74  ? -2.682  5.403   14.678  1.00 19.01 ? 74  ASN A C   1 
ATOM   631  O  O   . ASN A 1 74  ? -3.414  6.389   14.794  1.00 21.56 ? 74  ASN A O   1 
ATOM   632  C  CB  . ASN A 1 74  ? -4.539  4.118   15.780  1.00 20.03 ? 74  ASN A CB  1 
ATOM   633  C  CG  . ASN A 1 74  ? -5.621  4.473   14.756  1.00 20.30 ? 74  ASN A CG  1 
ATOM   634  O  OD1 . ASN A 1 74  ? -5.378  4.447   13.550  1.00 20.25 ? 74  ASN A OD1 1 
ATOM   635  N  ND2 . ASN A 1 74  ? -6.829  4.787   15.230  1.00 21.17 ? 74  ASN A ND2 1 
ATOM   636  N  N   . LEU A 1 75  ? -1.487  5.467   14.111  1.00 20.77 ? 75  LEU A N   1 
ATOM   637  C  CA  . LEU A 1 75  ? -0.905  6.749   13.715  1.00 23.80 ? 75  LEU A CA  1 
ATOM   638  C  C   . LEU A 1 75  ? -1.604  7.385   12.510  1.00 23.35 ? 75  LEU A C   1 
ATOM   639  O  O   . LEU A 1 75  ? -1.565  8.615   12.345  1.00 23.74 ? 75  LEU A O   1 
ATOM   640  C  CB  . LEU A 1 75  ? 0.590   6.580   13.445  1.00 23.65 ? 75  LEU A CB  1 
ATOM   641  C  CG  . LEU A 1 75  ? 1.409   6.175   14.677  1.00 23.86 ? 75  LEU A CG  1 
ATOM   642  C  CD1 . LEU A 1 75  ? 2.854   5.855   14.297  1.00 27.72 ? 75  LEU A CD1 1 
ATOM   643  C  CD2 . LEU A 1 75  ? 1.339   7.236   15.779  1.00 31.75 ? 75  LEU A CD2 1 
ATOM   644  N  N   . CYS A 1 76  ? -2.263  6.582   11.673  1.00 19.16 ? 76  CYS A N   1 
ATOM   645  C  CA  . CYS A 1 76  ? -3.088  7.125   10.594  1.00 16.91 ? 76  CYS A CA  1 
ATOM   646  C  C   . CYS A 1 76  ? -4.507  7.523   11.046  1.00 18.31 ? 76  CYS A C   1 
ATOM   647  O  O   . CYS A 1 76  ? -5.274  8.084   10.269  1.00 21.82 ? 76  CYS A O   1 
ATOM   648  C  CB  . CYS A 1 76  ? -3.187  6.110   9.439   1.00 18.29 ? 76  CYS A CB  1 
ATOM   649  S  SG  . CYS A 1 76  ? -1.575  5.918   8.632   1.00 20.41 ? 76  CYS A SG  1 
ATOM   650  N  N   . ASN A 1 77  ? -4.828  7.252   12.316  1.00 19.18 ? 77  ASN A N   1 
ATOM   651  C  CA  . ASN A 1 77  ? -6.125  7.577   12.918  1.00 18.50 ? 77  ASN A CA  1 
ATOM   652  C  C   . ASN A 1 77  ? -7.300  7.095   12.080  1.00 22.41 ? 77  ASN A C   1 
ATOM   653  O  O   . ASN A 1 77  ? -8.157  7.873   11.672  1.00 23.19 ? 77  ASN A O   1 
ATOM   654  C  CB  . ASN A 1 77  ? -6.233  9.085   13.130  1.00 20.21 ? 77  ASN A CB  1 
ATOM   655  C  CG  . ASN A 1 77  ? -7.391  9.460   14.007  1.00 34.38 ? 77  ASN A CG  1 
ATOM   656  O  OD1 . ASN A 1 77  ? -7.644  8.813   15.026  1.00 39.96 ? 77  ASN A OD1 1 
ATOM   657  N  ND2 . ASN A 1 77  ? -8.119  10.494  13.611  1.00 38.02 ? 77  ASN A ND2 1 
ATOM   658  N  N   . ILE A 1 78  ? -7.332  5.791   11.843  1.00 18.71 ? 78  ILE A N   1 
ATOM   659  C  CA  . ILE A 1 78  ? -8.298  5.198   10.938  1.00 22.09 ? 78  ILE A CA  1 
ATOM   660  C  C   . ILE A 1 78  ? -8.572  3.737   11.363  1.00 20.76 ? 78  ILE A C   1 
ATOM   661  O  O   . ILE A 1 78  ? -7.668  3.030   11.815  1.00 19.55 ? 78  ILE A O   1 
ATOM   662  C  CB  . ILE A 1 78  ? -7.778  5.291   9.477   1.00 26.41 ? 78  ILE A CB  1 
ATOM   663  C  CG1 . ILE A 1 78  ? -8.883  5.046   8.458   1.00 32.35 ? 78  ILE A CG1 1 
ATOM   664  C  CG2 . ILE A 1 78  ? -6.552  4.449   9.247   1.00 21.27 ? 78  ILE A CG2 1 
ATOM   665  C  CD1 . ILE A 1 78  ? -9.685  6.290   8.164   1.00 31.28 ? 78  ILE A CD1 1 
ATOM   666  N  N   . PRO A 1 79  ? -9.834  3.294   11.268  1.00 17.36 ? 79  PRO A N   1 
ATOM   667  C  CA  . PRO A 1 79  ? -10.056 1.864   11.493  1.00 17.67 ? 79  PRO A CA  1 
ATOM   668  C  C   . PRO A 1 79  ? -9.428  1.059   10.372  1.00 15.15 ? 79  PRO A C   1 
ATOM   669  O  O   . PRO A 1 79  ? -9.488  1.488   9.219   1.00 16.94 ? 79  PRO A O   1 
ATOM   670  C  CB  . PRO A 1 79  ? -11.592 1.727   11.501  1.00 19.00 ? 79  PRO A CB  1 
ATOM   671  C  CG  . PRO A 1 79  ? -12.099 2.943   10.784  1.00 22.76 ? 79  PRO A CG  1 
ATOM   672  C  CD  . PRO A 1 79  ? -11.068 4.040   10.961  1.00 20.32 ? 79  PRO A CD  1 
ATOM   673  N  N   . CYS A 1 80  ? -8.829  -0.073  10.676  1.00 14.52 ? 80  CYS A N   1 
ATOM   674  C  CA  . CYS A 1 80  ? -8.223  -0.868  9.614   1.00 15.30 ? 80  CYS A CA  1 
ATOM   675  C  C   . CYS A 1 80  ? -9.223  -1.243  8.519   1.00 17.29 ? 80  CYS A C   1 
ATOM   676  O  O   . CYS A 1 80  ? -8.840  -1.377  7.355   1.00 17.18 ? 80  CYS A O   1 
ATOM   677  C  CB  . CYS A 1 80  ? -7.558  -2.116  10.177  1.00 15.77 ? 80  CYS A CB  1 
ATOM   678  S  SG  . CYS A 1 80  ? -6.127  -1.729  11.281  1.00 16.61 ? 80  CYS A SG  1 
ATOM   679  N  N   . SER A 1 81  ? -10.506 -1.422  8.875   1.00 16.22 ? 81  SER A N   1 
ATOM   680  C  CA  . SER A 1 81  ? -11.517 -1.755  7.874   1.00 20.11 ? 81  SER A CA  1 
ATOM   681  C  C   . SER A 1 81  ? -11.654 -0.688  6.778   1.00 18.84 ? 81  SER A C   1 
ATOM   682  O  O   . SER A 1 81  ? -12.036 -0.998  5.653   1.00 21.55 ? 81  SER A O   1 
ATOM   683  C  CB  . SER A 1 81  ? -12.884 -2.000  8.553   1.00 18.45 ? 81  SER A CB  1 
ATOM   684  O  OG  . SER A 1 81  ? -13.328 -0.808  9.139   1.00 22.10 ? 81  SER A OG  1 
ATOM   685  N  N   . ALA A 1 82  ? -11.320 0.570   7.082   1.00 18.85 ? 82  ALA A N   1 
ATOM   686  C  CA  . ALA A 1 82  ? -11.401 1.644   6.081   1.00 19.11 ? 82  ALA A CA  1 
ATOM   687  C  C   . ALA A 1 82  ? -10.382 1.440   4.978   1.00 22.48 ? 82  ALA A C   1 
ATOM   688  O  O   . ALA A 1 82  ? -10.473 2.009   3.892   1.00 22.89 ? 82  ALA A O   1 
ATOM   689  C  CB  . ALA A 1 82  ? -11.196 2.979   6.729   1.00 23.62 ? 82  ALA A CB  1 
ATOM   690  N  N   . LEU A 1 83  ? -9.370  0.643   5.276   1.00 18.57 ? 83  LEU A N   1 
ATOM   691  C  CA  . LEU A 1 83  ? -8.328  0.350   4.295   1.00 17.81 ? 83  LEU A CA  1 
ATOM   692  C  C   . LEU A 1 83  ? -8.694  -0.787  3.358   1.00 20.22 ? 83  LEU A C   1 
ATOM   693  O  O   . LEU A 1 83  ? -7.895  -1.172  2.507   1.00 21.03 ? 83  LEU A O   1 
ATOM   694  C  CB  . LEU A 1 83  ? -7.021  0.025   4.999   1.00 18.99 ? 83  LEU A CB  1 
ATOM   695  C  CG  . LEU A 1 83  ? -6.645  1.126   5.994   1.00 17.84 ? 83  LEU A CG  1 
ATOM   696  C  CD1 . LEU A 1 83  ? -5.318  0.754   6.641   1.00 24.72 ? 83  LEU A CD1 1 
ATOM   697  C  CD2 . LEU A 1 83  ? -6.564  2.502   5.287   1.00 25.19 ? 83  LEU A CD2 1 
ATOM   698  N  N   . LEU A 1 84  ? -9.901  -1.340  3.519   1.00 19.44 ? 84  LEU A N   1 
ATOM   699  C  CA  . LEU A 1 84  ? -10.368 -2.425  2.665   1.00 15.75 ? 84  LEU A CA  1 
ATOM   700  C  C   . LEU A 1 84  ? -11.354 -1.930  1.605   1.00 18.59 ? 84  LEU A C   1 
ATOM   701  O  O   . LEU A 1 84  ? -11.807 -2.701  0.753   1.00 20.45 ? 84  LEU A O   1 
ATOM   702  C  CB  . LEU A 1 84  ? -11.012 -3.534  3.510   1.00 18.40 ? 84  LEU A CB  1 
ATOM   703  C  CG  . LEU A 1 84  ? -10.093 -4.120  4.571   1.00 17.80 ? 84  LEU A CG  1 
ATOM   704  C  CD1 . LEU A 1 84  ? -10.777 -5.262  5.296   1.00 19.95 ? 84  LEU A CD1 1 
ATOM   705  C  CD2 . LEU A 1 84  ? -8.791  -4.612  3.947   1.00 18.23 ? 84  LEU A CD2 1 
ATOM   706  N  N   . SER A 1 85  ? -11.659 -0.633  1.641   1.00 18.75 ? 85  SER A N   1 
ATOM   707  C  CA  . SER A 1 85  ? -12.637 -0.002  0.756   1.00 21.63 ? 85  SER A CA  1 
ATOM   708  C  C   . SER A 1 85  ? -12.267 -0.029  -0.729  1.00 19.53 ? 85  SER A C   1 
ATOM   709  O  O   . SER A 1 85  ? -11.084 -0.049  -1.089  1.00 19.66 ? 85  SER A O   1 
ATOM   710  C  CB  . SER A 1 85  ? -12.792 1.454   1.199   1.00 23.02 ? 85  SER A CB  1 
ATOM   711  O  OG  . SER A 1 85  ? -13.666 2.156   0.333   1.00 26.08 ? 85  SER A OG  1 
ATOM   712  N  N   A SER A 1 86  ? -13.273 -0.013  -1.597  0.37 20.63 ? 86  SER A N   1 
ATOM   713  N  N   B SER A 1 86  ? -13.260 -0.013  -1.607  0.63 20.57 ? 86  SER A N   1 
ATOM   714  C  CA  A SER A 1 86  ? -13.042 0.146   -3.029  0.37 20.41 ? 86  SER A CA  1 
ATOM   715  C  CA  B SER A 1 86  ? -12.994 0.118   -3.032  0.63 20.32 ? 86  SER A CA  1 
ATOM   716  C  C   A SER A 1 86  ? -12.337 1.465   -3.341  0.37 22.31 ? 86  SER A C   1 
ATOM   717  C  C   B SER A 1 86  ? -12.380 1.486   -3.379  0.63 22.35 ? 86  SER A C   1 
ATOM   718  O  O   A SER A 1 86  ? -11.598 1.567   -4.314  0.37 25.09 ? 86  SER A O   1 
ATOM   719  O  O   B SER A 1 86  ? -11.748 1.644   -4.416  0.63 25.30 ? 86  SER A O   1 
ATOM   720  C  CB  A SER A 1 86  ? -14.368 0.073   -3.800  0.37 22.50 ? 86  SER A CB  1 
ATOM   721  C  CB  B SER A 1 86  ? -14.286 -0.105  -3.833  0.63 22.58 ? 86  SER A CB  1 
ATOM   722  O  OG  A SER A 1 86  ? -14.771 -1.268  -4.002  0.37 26.55 ? 86  SER A OG  1 
ATOM   723  O  OG  B SER A 1 86  ? -15.300 0.778   -3.402  0.63 25.25 ? 86  SER A OG  1 
ATOM   724  N  N   . ASP A 1 87  ? -12.593 2.468   -2.509  1.00 17.67 ? 87  ASP A N   1 
ATOM   725  C  CA  . ASP A 1 87  ? -11.996 3.800   -2.631  1.00 19.57 ? 87  ASP A CA  1 
ATOM   726  C  C   . ASP A 1 87  ? -10.638 3.782   -1.904  1.00 20.02 ? 87  ASP A C   1 
ATOM   727  O  O   . ASP A 1 87  ? -10.601 3.614   -0.681  1.00 19.78 ? 87  ASP A O   1 
ATOM   728  C  CB  . ASP A 1 87  ? -12.978 4.817   -2.019  1.00 21.54 ? 87  ASP A CB  1 
ATOM   729  C  CG  . ASP A 1 87  ? -12.434 6.237   -1.920  1.00 27.99 ? 87  ASP A CG  1 
ATOM   730  O  OD1 . ASP A 1 87  ? -11.277 6.503   -2.273  1.00 25.28 ? 87  ASP A OD1 1 
ATOM   731  O  OD2 . ASP A 1 87  ? -13.211 7.116   -1.472  1.00 32.28 ? 87  ASP A OD2 1 
ATOM   732  N  N   . ILE A 1 88  ? -9.540  4.002   -2.629  1.00 18.99 ? 88  ILE A N   1 
ATOM   733  C  CA  . ILE A 1 88  ? -8.197  3.821   -2.043  1.00 17.17 ? 88  ILE A CA  1 
ATOM   734  C  C   . ILE A 1 88  ? -7.697  5.047   -1.293  1.00 17.64 ? 88  ILE A C   1 
ATOM   735  O  O   . ILE A 1 88  ? -6.582  5.034   -0.797  1.00 16.47 ? 88  ILE A O   1 
ATOM   736  C  CB  . ILE A 1 88  ? -7.158  3.400   -3.103  1.00 18.28 ? 88  ILE A CB  1 
ATOM   737  C  CG1 . ILE A 1 88  ? -6.881  4.513   -4.128  1.00 16.73 ? 88  ILE A CG1 1 
ATOM   738  C  CG2 . ILE A 1 88  ? -7.610  2.064   -3.736  1.00 22.88 ? 88  ILE A CG2 1 
ATOM   739  C  CD1 . ILE A 1 88  ? -5.588  4.295   -4.935  1.00 21.62 ? 88  ILE A CD1 1 
ATOM   740  N  N   . THR A 1 89  ? -8.536  6.076   -1.133  1.00 18.81 ? 89  THR A N   1 
ATOM   741  C  CA  . THR A 1 89  ? -8.108  7.341   -0.514  1.00 18.67 ? 89  THR A CA  1 
ATOM   742  C  C   . THR A 1 89  ? -7.432  7.111   0.829   1.00 18.06 ? 89  THR A C   1 
ATOM   743  O  O   . THR A 1 89  ? -6.329  7.607   1.050   1.00 17.05 ? 89  THR A O   1 
ATOM   744  C  CB  . THR A 1 89  ? -9.307  8.317   -0.337  1.00 19.14 ? 89  THR A CB  1 
ATOM   745  O  OG1 . THR A 1 89  ? -9.876  8.579   -1.614  1.00 21.22 ? 89  THR A OG1 1 
ATOM   746  C  CG2 . THR A 1 89  ? -8.874  9.634   0.302   1.00 20.70 ? 89  THR A CG2 1 
ATOM   747  N  N   . ALA A 1 90  ? -8.062  6.340   1.711   1.00 16.63 ? 90  ALA A N   1 
ATOM   748  C  CA  . ALA A 1 90  ? -7.532  6.157   3.037   1.00 18.44 ? 90  ALA A CA  1 
ATOM   749  C  C   . ALA A 1 90  ? -6.214  5.372   3.022   1.00 17.42 ? 90  ALA A C   1 
ATOM   750  O  O   . ALA A 1 90  ? -5.286  5.711   3.763   1.00 18.51 ? 90  ALA A O   1 
ATOM   751  C  CB  . ALA A 1 90  ? -8.566  5.457   3.914   1.00 19.16 ? 90  ALA A CB  1 
ATOM   752  N  N   . SER A 1 91  ? -6.138  4.342   2.195   1.00 16.02 ? 91  SER A N   1 
ATOM   753  C  CA  . SER A 1 91  ? -4.861  3.631   2.027   1.00 15.61 ? 91  SER A CA  1 
ATOM   754  C  C   . SER A 1 91  ? -3.759  4.549   1.507   1.00 16.91 ? 91  SER A C   1 
ATOM   755  O  O   . SER A 1 91  ? -2.634  4.444   1.985   1.00 16.08 ? 91  SER A O   1 
ATOM   756  C  CB  . SER A 1 91  ? -5.037  2.441   1.099   1.00 15.66 ? 91  SER A CB  1 
ATOM   757  O  OG  . SER A 1 91  ? -5.733  1.410   1.796   1.00 16.99 ? 91  SER A OG  1 
ATOM   758  N  N   . VAL A 1 92  ? -4.043  5.420   0.541   1.00 14.86 ? 92  VAL A N   1 
ATOM   759  C  CA  . VAL A 1 92  ? -3.002  6.295   0.031   1.00 15.03 ? 92  VAL A CA  1 
ATOM   760  C  C   . VAL A 1 92  ? -2.562  7.279   1.091   1.00 16.44 ? 92  VAL A C   1 
ATOM   761  O  O   . VAL A 1 92  ? -1.349  7.497   1.275   1.00 18.06 ? 92  VAL A O   1 
ATOM   762  C  CB  . VAL A 1 92  ? -3.484  7.052   -1.211  1.00 18.02 ? 92  VAL A CB  1 
ATOM   763  C  CG1 . VAL A 1 92  ? -2.481  8.165   -1.606  1.00 18.98 ? 92  VAL A CG1 1 
ATOM   764  C  CG2 . VAL A 1 92  ? -3.677  6.076   -2.343  1.00 16.95 ? 92  VAL A CG2 1 
ATOM   765  N  N   . ASN A 1 93  ? -3.504  7.902   1.796   1.00 17.62 ? 93  ASN A N   1 
ATOM   766  C  CA  . ASN A 1 93  ? -3.106  8.861   2.818   1.00 18.03 ? 93  ASN A CA  1 
ATOM   767  C  C   . ASN A 1 93  ? -2.256  8.234   3.905   1.00 19.63 ? 93  ASN A C   1 
ATOM   768  O  O   . ASN A 1 93  ? -1.274  8.832   4.378   1.00 20.62 ? 93  ASN A O   1 
ATOM   769  C  CB  . ASN A 1 93  ? -4.347  9.518   3.433   1.00 23.35 ? 93  ASN A CB  1 
ATOM   770  C  CG  . ASN A 1 93  ? -5.027  10.449  2.472   1.00 27.84 ? 93  ASN A CG  1 
ATOM   771  O  OD1 . ASN A 1 93  ? -4.447  10.844  1.461   1.00 33.27 ? 93  ASN A OD1 1 
ATOM   772  N  ND2 . ASN A 1 93  ? -6.277  10.790  2.765   1.00 34.67 ? 93  ASN A ND2 1 
ATOM   773  N  N   . CYS A 1 94  ? -2.602  7.011   4.293   1.00 15.58 ? 94  CYS A N   1 
ATOM   774  C  CA  . CYS A 1 94  ? -1.807  6.326   5.286   1.00 16.66 ? 94  CYS A CA  1 
ATOM   775  C  C   . CYS A 1 94  ? -0.443  5.909   4.713   1.00 15.64 ? 94  CYS A C   1 
ATOM   776  O  O   . CYS A 1 94  ? 0.569   6.060   5.394   1.00 16.63 ? 94  CYS A O   1 
ATOM   777  C  CB  . CYS A 1 94  ? -2.580  5.123   5.834   1.00 20.71 ? 94  CYS A CB  1 
ATOM   778  S  SG  . CYS A 1 94  ? -1.826  4.391   7.288   1.00 19.75 ? 94  CYS A SG  1 
ATOM   779  N  N   . ALA A 1 95  ? -0.431  5.391   3.480   1.00 15.69 ? 95  ALA A N   1 
ATOM   780  C  CA  . ALA A 1 95  ? 0.851   5.074   2.821   1.00 14.11 ? 95  ALA A CA  1 
ATOM   781  C  C   . ALA A 1 95  ? 1.793   6.267   2.760   1.00 17.16 ? 95  ALA A C   1 
ATOM   782  O  O   . ALA A 1 95  ? 3.016   6.106   2.887   1.00 15.52 ? 95  ALA A O   1 
ATOM   783  C  CB  . ALA A 1 95  ? 0.616   4.531   1.440   1.00 15.72 ? 95  ALA A CB  1 
ATOM   784  N  N   . LYS A 1 96  ? 1.261   7.457   2.536   1.00 15.94 ? 96  LYS A N   1 
ATOM   785  C  CA  . LYS A 1 96  ? 2.122   8.642   2.517   1.00 16.14 ? 96  LYS A CA  1 
ATOM   786  C  C   . LYS A 1 96  ? 2.803   8.848   3.873   1.00 18.35 ? 96  LYS A C   1 
ATOM   787  O  O   . LYS A 1 96  ? 4.009   9.160   3.932   1.00 18.18 ? 96  LYS A O   1 
ATOM   788  C  CB  . LYS A 1 96  ? 1.341   9.883   2.119   1.00 15.84 ? 96  LYS A CB  1 
ATOM   789  C  CG  . LYS A 1 96  ? 0.949   9.849   0.683   1.00 17.03 ? 96  LYS A CG  1 
ATOM   790  C  CD  . LYS A 1 96  ? 0.107   11.092  0.304   1.00 17.89 ? 96  LYS A CD  1 
ATOM   791  C  CE  . LYS A 1 96  ? -0.223  11.118  -1.173  1.00 17.59 ? 96  LYS A CE  1 
ATOM   792  N  NZ  . LYS A 1 96  ? -1.083  12.326  -1.523  1.00 22.77 ? 96  LYS A NZ  1 
ATOM   793  N  N   . LYS A 1 97  ? 2.075   8.669   4.972   1.00 17.30 ? 97  LYS A N   1 
ATOM   794  C  CA  . LYS A 1 97  ? 2.700   8.756   6.264   1.00 16.82 ? 97  LYS A CA  1 
ATOM   795  C  C   . LYS A 1 97  ? 3.758   7.659   6.451   1.00 18.10 ? 97  LYS A C   1 
ATOM   796  O  O   . LYS A 1 97  ? 4.850   7.937   6.964   1.00 16.61 ? 97  LYS A O   1 
ATOM   797  C  CB  . LYS A 1 97  ? 1.636   8.698   7.353   1.00 17.78 ? 97  LYS A CB  1 
ATOM   798  C  CG  . LYS A 1 97  ? 0.680   9.888   7.313   1.00 28.19 ? 97  LYS A CG  1 
ATOM   799  C  CD  . LYS A 1 97  ? -0.357  9.809   8.420   1.00 36.44 ? 97  LYS A CD  1 
ATOM   800  C  CE  . LYS A 1 97  ? 0.302   9.844   9.788   1.00 37.53 ? 97  LYS A CE  1 
ATOM   801  N  NZ  . LYS A 1 97  ? 0.842   11.188  10.138  1.00 46.27 ? 97  LYS A NZ  1 
ATOM   802  N  N   . ILE A 1 98  ? 3.457   6.421   6.041   1.00 15.15 ? 98  ILE A N   1 
ATOM   803  C  CA  . ILE A 1 98  ? 4.354   5.296   6.252   1.00 15.73 ? 98  ILE A CA  1 
ATOM   804  C  C   . ILE A 1 98  ? 5.663   5.533   5.496   1.00 15.52 ? 98  ILE A C   1 
ATOM   805  O  O   . ILE A 1 98  ? 6.744   5.353   6.065   1.00 15.15 ? 98  ILE A O   1 
ATOM   806  C  CB  . ILE A 1 98  ? 3.717   3.970   5.790   1.00 15.26 ? 98  ILE A CB  1 
ATOM   807  C  CG1 . ILE A 1 98  ? 2.517   3.633   6.692   1.00 17.44 ? 98  ILE A CG1 1 
ATOM   808  C  CG2 . ILE A 1 98  ? 4.732   2.851   5.817   1.00 18.01 ? 98  ILE A CG2 1 
ATOM   809  C  CD1 . ILE A 1 98  ? 1.575   2.542   6.118   1.00 16.64 ? 98  ILE A CD1 1 
ATOM   810  N  N   . VAL A 1 99  ? 5.581   5.923   4.227   1.00 14.60 ? 99  VAL A N   1 
ATOM   811  C  CA  . VAL A 1 99  ? 6.787   6.042   3.407   1.00 14.57 ? 99  VAL A CA  1 
ATOM   812  C  C   . VAL A 1 99  ? 7.629   7.239   3.824   1.00 16.93 ? 99  VAL A C   1 
ATOM   813  O  O   . VAL A 1 99  ? 8.794   7.330   3.434   1.00 17.57 ? 99  VAL A O   1 
ATOM   814  C  CB  . VAL A 1 99  ? 6.415   6.141   1.922   1.00 12.55 ? 99  VAL A CB  1 
ATOM   815  C  CG1 . VAL A 1 99  ? 5.876   7.524   1.593   1.00 14.50 ? 99  VAL A CG1 1 
ATOM   816  C  CG2 . VAL A 1 99  ? 7.595   5.754   1.021   1.00 15.70 ? 99  VAL A CG2 1 
ATOM   817  N  N   . SER A 1 100 ? 7.061   8.108   4.651   1.00 17.73 ? 100 SER A N   1 
ATOM   818  C  CA  . SER A 1 100 ? 7.736   9.290   5.180   1.00 15.70 ? 100 SER A CA  1 
ATOM   819  C  C   . SER A 1 100 ? 8.363   9.055   6.551   1.00 17.02 ? 100 SER A C   1 
ATOM   820  O  O   . SER A 1 100 ? 8.985   9.958   7.120   1.00 21.19 ? 100 SER A O   1 
ATOM   821  C  CB  . SER A 1 100 ? 6.756   10.452  5.272   1.00 18.16 ? 100 SER A CB  1 
ATOM   822  O  OG  . SER A 1 100 ? 6.207   10.802  4.010   1.00 18.85 ? 100 SER A OG  1 
ATOM   823  N  N   . ASP A 1 101 ? 8.214   7.858   7.091   1.00 16.47 ? 101 ASP A N   1 
ATOM   824  C  CA  . ASP A 1 101 ? 8.532   7.610   8.493   1.00 20.40 ? 101 ASP A CA  1 
ATOM   825  C  C   . ASP A 1 101 ? 10.015  7.348   8.753   1.00 21.65 ? 101 ASP A C   1 
ATOM   826  O  O   . ASP A 1 101 ? 10.447  7.237   9.914   1.00 26.35 ? 101 ASP A O   1 
ATOM   827  C  CB  . ASP A 1 101 ? 7.689   6.429   9.009   1.00 22.78 ? 101 ASP A CB  1 
ATOM   828  C  CG  . ASP A 1 101 ? 7.766   6.260   10.515  1.00 28.49 ? 101 ASP A CG  1 
ATOM   829  O  OD1 . ASP A 1 101 ? 7.313   7.170   11.236  1.00 31.20 ? 101 ASP A OD1 1 
ATOM   830  O  OD2 . ASP A 1 101 ? 8.286   5.218   10.960  1.00 35.46 ? 101 ASP A OD2 1 
ATOM   831  N  N   . GLY A 1 102 ? 10.792  7.213   7.679   1.00 18.90 ? 102 GLY A N   1 
ATOM   832  C  CA  . GLY A 1 102 ? 12.236  7.123   7.810   1.00 21.17 ? 102 GLY A CA  1 
ATOM   833  C  C   . GLY A 1 102 ? 12.873  6.101   6.892   1.00 20.31 ? 102 GLY A C   1 
ATOM   834  O  O   . GLY A 1 102 ? 13.976  6.354   6.382   1.00 21.39 ? 102 GLY A O   1 
ATOM   835  N  N   . ASN A 1 103 ? 12.245  4.941   6.702   1.00 16.89 ? 103 ASN A N   1 
ATOM   836  C  CA  . ASN A 1 103 ? 12.852  3.884   5.877   1.00 15.30 ? 103 ASN A CA  1 
ATOM   837  C  C   . ASN A 1 103 ? 12.275  3.803   4.470   1.00 13.25 ? 103 ASN A C   1 
ATOM   838  O  O   . ASN A 1 103 ? 12.531  2.842   3.742   1.00 14.40 ? 103 ASN A O   1 
ATOM   839  C  CB  . ASN A 1 103 ? 12.746  2.524   6.582   1.00 18.46 ? 103 ASN A CB  1 
ATOM   840  C  CG  . ASN A 1 103 ? 13.574  2.492   7.870   1.00 23.32 ? 103 ASN A CG  1 
ATOM   841  O  OD1 . ASN A 1 103 ? 14.642  3.117   7.965   1.00 27.40 ? 103 ASN A OD1 1 
ATOM   842  N  ND2 . ASN A 1 103 ? 13.076  1.785   8.865   1.00 32.47 ? 103 ASN A ND2 1 
ATOM   843  N  N   . GLY A 1 104 ? 11.549  4.831   4.048   1.00 13.66 ? 104 GLY A N   1 
ATOM   844  C  CA  . GLY A 1 104 ? 11.061  4.833   2.685   1.00 13.15 ? 104 GLY A CA  1 
ATOM   845  C  C   . GLY A 1 104 ? 10.175  3.636   2.377   1.00 13.95 ? 104 GLY A C   1 
ATOM   846  O  O   . GLY A 1 104 ? 9.422   3.159   3.251   1.00 14.23 ? 104 GLY A O   1 
ATOM   847  N  N   . MET A 1 105 ? 10.242  3.154   1.139   1.00 11.09 ? 105 MET A N   1 
ATOM   848  C  CA  . MET A 1 105 ? 9.383   2.012   0.758   1.00 12.45 ? 105 MET A CA  1 
ATOM   849  C  C   . MET A 1 105 ? 9.881   0.693   1.320   1.00 12.94 ? 105 MET A C   1 
ATOM   850  O  O   . MET A 1 105 ? 9.174   -0.309  1.164   1.00 12.37 ? 105 MET A O   1 
ATOM   851  C  CB  . MET A 1 105 ? 9.192   1.922   -0.752  1.00 12.65 ? 105 MET A CB  1 
ATOM   852  C  CG  . MET A 1 105 ? 8.254   2.995   -1.318  1.00 12.22 ? 105 MET A CG  1 
ATOM   853  S  SD  . MET A 1 105 ? 7.687   2.716   -2.962  1.00 13.18 ? 105 MET A SD  1 
ATOM   854  C  CE  . MET A 1 105 ? 6.437   1.471   -2.679  1.00 13.13 ? 105 MET A CE  1 
ATOM   855  N  N   . ASN A 1 106 ? 11.021  0.649   2.023   1.00 11.64 ? 106 ASN A N   1 
ATOM   856  C  CA  . ASN A 1 106 ? 11.421  -0.594  2.678   1.00 13.70 ? 106 ASN A CA  1 
ATOM   857  C  C   . ASN A 1 106 ? 10.426  -1.032  3.739   1.00 12.09 ? 106 ASN A C   1 
ATOM   858  O  O   . ASN A 1 106 ? 10.433  -2.205  4.126   1.00 15.71 ? 106 ASN A O   1 
ATOM   859  C  CB  . ASN A 1 106 ? 12.794  -0.433  3.289   1.00 11.93 ? 106 ASN A CB  1 
ATOM   860  C  CG  . ASN A 1 106 ? 13.861  -0.146  2.249   1.00 14.99 ? 106 ASN A CG  1 
ATOM   861  O  OD1 . ASN A 1 106 ? 14.195  -1.000  1.432   1.00 14.00 ? 106 ASN A OD1 1 
ATOM   862  N  ND2 . ASN A 1 106 ? 14.387  1.091   2.245   1.00 14.91 ? 106 ASN A ND2 1 
ATOM   863  N  N   . ALA A 1 107 ? 9.538   -0.133  4.165   1.00 13.24 ? 107 ALA A N   1 
ATOM   864  C  CA  . ALA A 1 107 ? 8.423   -0.537  5.038   1.00 13.99 ? 107 ALA A CA  1 
ATOM   865  C  C   . ALA A 1 107 ? 7.529   -1.607  4.435   1.00 13.56 ? 107 ALA A C   1 
ATOM   866  O  O   . ALA A 1 107 ? 6.836   -2.340  5.163   1.00 15.99 ? 107 ALA A O   1 
ATOM   867  C  CB  . ALA A 1 107 ? 7.579   0.689   5.382   1.00 16.27 ? 107 ALA A CB  1 
ATOM   868  N  N   . TRP A 1 108 ? 7.516   -1.723  3.122   1.00 13.35 ? 108 TRP A N   1 
ATOM   869  C  CA  . TRP A 1 108 ? 6.786   -2.779  2.431   1.00 12.85 ? 108 TRP A CA  1 
ATOM   870  C  C   . TRP A 1 108 ? 7.754   -3.874  2.088   1.00 12.92 ? 108 TRP A C   1 
ATOM   871  O  O   . TRP A 1 108 ? 8.559   -3.754  1.175   1.00 13.32 ? 108 TRP A O   1 
ATOM   872  C  CB  . TRP A 1 108 ? 6.078   -2.227  1.198   1.00 13.37 ? 108 TRP A CB  1 
ATOM   873  C  CG  . TRP A 1 108 ? 4.899   -1.369  1.567   1.00 13.48 ? 108 TRP A CG  1 
ATOM   874  C  CD1 . TRP A 1 108 ? 3.622   -1.798  1.806   1.00 14.99 ? 108 TRP A CD1 1 
ATOM   875  C  CD2 . TRP A 1 108 ? 4.880   0.051   1.746   1.00 12.28 ? 108 TRP A CD2 1 
ATOM   876  N  NE1 . TRP A 1 108 ? 2.833   -0.739  2.114   1.00 15.10 ? 108 TRP A NE1 1 
ATOM   877  C  CE2 . TRP A 1 108 ? 3.565   0.418   2.064   1.00 12.96 ? 108 TRP A CE2 1 
ATOM   878  C  CE3 . TRP A 1 108 ? 5.847   1.062   1.620   1.00 14.49 ? 108 TRP A CE3 1 
ATOM   879  C  CZ2 . TRP A 1 108 ? 3.183   1.735   2.314   1.00 14.34 ? 108 TRP A CZ2 1 
ATOM   880  C  CZ3 . TRP A 1 108 ? 5.469   2.368   1.861   1.00 14.19 ? 108 TRP A CZ3 1 
ATOM   881  C  CH2 . TRP A 1 108 ? 4.141   2.701   2.200   1.00 13.48 ? 108 TRP A CH2 1 
ATOM   882  N  N   . VAL A 1 109 ? 7.650   -4.980  2.788   1.00 13.62 ? 109 VAL A N   1 
ATOM   883  C  CA  . VAL A 1 109 ? 8.650   -6.027  2.643   1.00 15.35 ? 109 VAL A CA  1 
ATOM   884  C  C   . VAL A 1 109 ? 8.567   -6.693  1.267   1.00 12.32 ? 109 VAL A C   1 
ATOM   885  O  O   . VAL A 1 109 ? 9.628   -7.046  0.704   1.00 14.53 ? 109 VAL A O   1 
ATOM   886  C  CB  . VAL A 1 109 ? 8.527   -7.098  3.781   1.00 15.98 ? 109 VAL A CB  1 
ATOM   887  C  CG1 . VAL A 1 109 ? 8.700   -6.458  5.144   1.00 17.90 ? 109 VAL A CG1 1 
ATOM   888  C  CG2 . VAL A 1 109 ? 7.197   -7.838  3.738   1.00 17.89 ? 109 VAL A CG2 1 
ATOM   889  N  N   . ALA A 1 110 ? 7.382   -6.807  0.673   1.00 14.80 ? 110 ALA A N   1 
ATOM   890  C  CA  . ALA A 1 110 ? 7.319   -7.360  -0.690  1.00 14.83 ? 110 ALA A CA  1 
ATOM   891  C  C   . ALA A 1 110 ? 7.913   -6.367  -1.706  1.00 15.32 ? 110 ALA A C   1 
ATOM   892  O  O   . ALA A 1 110 ? 8.506   -6.792  -2.698  1.00 13.94 ? 110 ALA A O   1 
ATOM   893  C  CB  . ALA A 1 110 ? 5.905   -7.735  -1.069  1.00 18.26 ? 110 ALA A CB  1 
ATOM   894  N  N   . TRP A 1 111 ? 7.758   -5.057  -1.483  1.00 13.45 ? 111 TRP A N   1 
ATOM   895  C  CA  . TRP A 1 111 ? 8.454   -4.118  -2.353  1.00 13.35 ? 111 TRP A CA  1 
ATOM   896  C  C   . TRP A 1 111 ? 9.956   -4.340  -2.252  1.00 13.58 ? 111 TRP A C   1 
ATOM   897  O  O   . TRP A 1 111 ? 10.653  -4.389  -3.271  1.00 12.53 ? 111 TRP A O   1 
ATOM   898  C  CB  . TRP A 1 111 ? 8.112   -2.655  -2.011  1.00 14.11 ? 111 TRP A CB  1 
ATOM   899  C  CG  . TRP A 1 111 ? 8.902   -1.660  -2.850  1.00 12.32 ? 111 TRP A CG  1 
ATOM   900  C  CD1 . TRP A 1 111 ? 8.557   -1.197  -4.098  1.00 12.72 ? 111 TRP A CD1 1 
ATOM   901  C  CD2 . TRP A 1 111 ? 10.153  -1.048  -2.520  1.00 12.78 ? 111 TRP A CD2 1 
ATOM   902  N  NE1 . TRP A 1 111 ? 9.534   -0.336  -4.561  1.00 12.66 ? 111 TRP A NE1 1 
ATOM   903  C  CE2 . TRP A 1 111 ? 10.516  -0.225  -3.609  1.00 12.05 ? 111 TRP A CE2 1 
ATOM   904  C  CE3 . TRP A 1 111 ? 10.989  -1.080  -1.392  1.00 14.78 ? 111 TRP A CE3 1 
ATOM   905  C  CZ2 . TRP A 1 111 ? 11.683  0.536   -3.608  1.00 13.02 ? 111 TRP A CZ2 1 
ATOM   906  C  CZ3 . TRP A 1 111 ? 12.127  -0.334  -1.396  1.00 14.55 ? 111 TRP A CZ3 1 
ATOM   907  C  CH2 . TRP A 1 111 ? 12.475  0.497   -2.501  1.00 13.27 ? 111 TRP A CH2 1 
ATOM   908  N  N   . ARG A 1 112 ? 10.504  -4.399  -1.048  1.00 12.94 ? 112 ARG A N   1 
ATOM   909  C  CA  . ARG A 1 112 ? 11.923  -4.546  -0.945  1.00 12.66 ? 112 ARG A CA  1 
ATOM   910  C  C   . ARG A 1 112 ? 12.426  -5.835  -1.607  1.00 14.32 ? 112 ARG A C   1 
ATOM   911  O  O   . ARG A 1 112 ? 13.452  -5.821  -2.276  1.00 13.90 ? 112 ARG A O   1 
ATOM   912  C  CB  . ARG A 1 112 ? 12.365  -4.514  0.544   1.00 15.89 ? 112 ARG A CB  1 
ATOM   913  C  CG  . ARG A 1 112 ? 13.870  -4.654  0.739   1.00 20.19 ? 112 ARG A CG  1 
ATOM   914  C  CD  . ARG A 1 112 ? 14.280  -4.554  2.198   1.00 25.86 ? 112 ARG A CD  1 
ATOM   915  N  NE  . ARG A 1 112 ? 15.621  -5.085  2.413   1.00 28.84 ? 112 ARG A NE  1 
ATOM   916  C  CZ  . ARG A 1 112 ? 15.878  -6.366  2.666   1.00 31.72 ? 112 ARG A CZ  1 
ATOM   917  N  NH1 . ARG A 1 112 ? 14.889  -7.263  2.734   1.00 24.72 ? 112 ARG A NH1 1 
ATOM   918  N  NH2 . ARG A 1 112 ? 17.133  -6.757  2.843   1.00 32.00 ? 112 ARG A NH2 1 
ATOM   919  N  N   . ASN A 1 113 ? 11.716  -6.939  -1.413  1.00 13.23 ? 113 ASN A N   1 
ATOM   920  C  CA  . ASN A 1 113 ? 12.224  -8.206  -1.911  1.00 11.25 ? 113 ASN A CA  1 
ATOM   921  C  C   . ASN A 1 113 ? 11.889  -8.468  -3.367  1.00 13.18 ? 113 ASN A C   1 
ATOM   922  O  O   . ASN A 1 113 ? 12.553  -9.329  -3.966  1.00 15.48 ? 113 ASN A O   1 
ATOM   923  C  CB  . ASN A 1 113 ? 11.674  -9.341  -1.059  1.00 13.36 ? 113 ASN A CB  1 
ATOM   924  C  CG  . ASN A 1 113 ? 12.280  -9.373  0.319   1.00 14.61 ? 113 ASN A CG  1 
ATOM   925  O  OD1 . ASN A 1 113 ? 13.404  -8.919  0.511   1.00 16.97 ? 113 ASN A OD1 1 
ATOM   926  N  ND2 . ASN A 1 113 ? 11.530  -9.901  1.289   1.00 15.54 ? 113 ASN A ND2 1 
ATOM   927  N  N   . ARG A 1 114 ? 10.900  -7.778  -3.952  1.00 12.81 ? 114 ARG A N   1 
ATOM   928  C  CA  . ARG A 1 114 ? 10.448  -8.142  -5.280  1.00 13.51 ? 114 ARG A CA  1 
ATOM   929  C  C   . ARG A 1 114 ? 10.425  -6.994  -6.276  1.00 13.89 ? 114 ARG A C   1 
ATOM   930  O  O   . ARG A 1 114 ? 10.383  -7.246  -7.479  1.00 15.71 ? 114 ARG A O   1 
ATOM   931  C  CB  . ARG A 1 114 ? 9.070   -8.795  -5.182  1.00 12.80 ? 114 ARG A CB  1 
ATOM   932  C  CG  . ARG A 1 114 ? 9.103   -10.014 -4.219  1.00 13.13 ? 114 ARG A CG  1 
ATOM   933  C  CD  . ARG A 1 114 ? 7.766   -10.645 -4.152  1.00 15.05 ? 114 ARG A CD  1 
ATOM   934  N  NE  . ARG A 1 114 ? 7.462   -11.395 -5.358  1.00 13.70 ? 114 ARG A NE  1 
ATOM   935  C  CZ  . ARG A 1 114 ? 6.354   -12.141 -5.471  1.00 11.89 ? 114 ARG A CZ  1 
ATOM   936  N  NH1 . ARG A 1 114 ? 5.497   -12.210 -4.466  1.00 15.16 ? 114 ARG A NH1 1 
ATOM   937  N  NH2 . ARG A 1 114 ? 6.140   -12.824 -6.594  1.00 14.69 ? 114 ARG A NH2 1 
ATOM   938  N  N   . CYS A 1 115 ? 10.496  -5.752  -5.787  1.00 12.65 ? 115 CYS A N   1 
ATOM   939  C  CA  . CYS A 1 115 ? 10.406  -4.591  -6.667  1.00 12.71 ? 115 CYS A CA  1 
ATOM   940  C  C   . CYS A 1 115 ? 11.658  -3.760  -6.656  1.00 13.73 ? 115 CYS A C   1 
ATOM   941  O  O   . CYS A 1 115 ? 12.101  -3.262  -7.714  1.00 12.75 ? 115 CYS A O   1 
ATOM   942  C  CB  . CYS A 1 115 ? 9.228   -3.679  -6.279  1.00 11.98 ? 115 CYS A CB  1 
ATOM   943  S  SG  . CYS A 1 115 ? 7.618   -4.443  -6.200  1.00 14.24 ? 115 CYS A SG  1 
ATOM   944  N  N   . LYS A 1 116 ? 12.217  -3.540  -5.467  1.00 12.56 ? 116 LYS A N   1 
ATOM   945  C  CA  . LYS A 1 116 ? 13.414  -2.682  -5.342  1.00 13.61 ? 116 LYS A CA  1 
ATOM   946  C  C   . LYS A 1 116 ? 14.544  -3.135  -6.252  1.00 14.75 ? 116 LYS A C   1 
ATOM   947  O  O   . LYS A 1 116 ? 14.930  -4.287  -6.255  1.00 16.09 ? 116 LYS A O   1 
ATOM   948  C  CB  . LYS A 1 116 ? 13.875  -2.695  -3.874  1.00 14.85 ? 116 LYS A CB  1 
ATOM   949  C  CG  . LYS A 1 116 ? 15.062  -1.803  -3.556  1.00 14.06 ? 116 LYS A CG  1 
ATOM   950  C  CD  . LYS A 1 116 ? 15.332  -1.883  -2.059  1.00 14.00 ? 116 LYS A CD  1 
ATOM   951  C  CE  . LYS A 1 116 ? 16.367  -0.878  -1.633  1.00 15.04 ? 116 LYS A CE  1 
ATOM   952  N  NZ  . LYS A 1 116 ? 16.729  -1.004  -0.163  1.00 15.39 ? 116 LYS A NZ  1 
ATOM   953  N  N   . GLY A 1 117 ? 15.032  -2.192  -7.057  1.00 17.05 ? 117 GLY A N   1 
ATOM   954  C  CA  . GLY A 1 117 ? 16.154  -2.477  -7.942  1.00 18.76 ? 117 GLY A CA  1 
ATOM   955  C  C   . GLY A 1 117 ? 15.787  -3.067  -9.285  1.00 24.20 ? 117 GLY A C   1 
ATOM   956  O  O   . GLY A 1 117 ? 16.663  -3.259  -10.140 1.00 26.26 ? 117 GLY A O   1 
ATOM   957  N  N   . THR A 1 118 ? 14.502  -3.351  -9.483  1.00 16.80 ? 118 THR A N   1 
ATOM   958  C  CA  . THR A 1 118 ? 14.027  -3.966  -10.707 1.00 17.09 ? 118 THR A CA  1 
ATOM   959  C  C   . THR A 1 118 ? 13.472  -2.901  -11.664 1.00 16.94 ? 118 THR A C   1 
ATOM   960  O  O   . THR A 1 118 ? 13.330  -1.728  -11.315 1.00 17.96 ? 118 THR A O   1 
ATOM   961  C  CB  . THR A 1 118 ? 12.905  -5.028  -10.438 1.00 18.25 ? 118 THR A CB  1 
ATOM   962  O  OG1 . THR A 1 118 ? 11.673  -4.373  -10.126 1.00 17.19 ? 118 THR A OG1 1 
ATOM   963  C  CG2 . THR A 1 118 ? 13.270  -6.021  -9.325  1.00 16.93 ? 118 THR A CG2 1 
ATOM   964  N  N   . ASP A 1 119 ? 13.111  -3.340  -12.865 1.00 19.20 ? 119 ASP A N   1 
ATOM   965  C  CA  . ASP A 1 119 ? 12.523  -2.458  -13.872 1.00 19.04 ? 119 ASP A CA  1 
ATOM   966  C  C   . ASP A 1 119 ? 11.060  -2.186  -13.548 1.00 18.83 ? 119 ASP A C   1 
ATOM   967  O  O   . ASP A 1 119 ? 10.139  -2.762  -14.166 1.00 21.92 ? 119 ASP A O   1 
ATOM   968  C  CB  . ASP A 1 119 ? 12.641  -3.086  -15.253 1.00 22.34 ? 119 ASP A CB  1 
ATOM   969  C  CG  . ASP A 1 119 ? 12.103  -2.194  -16.343 1.00 27.79 ? 119 ASP A CG  1 
ATOM   970  O  OD1 . ASP A 1 119 ? 12.009  -0.963  -16.125 1.00 30.22 ? 119 ASP A OD1 1 
ATOM   971  O  OD2 . ASP A 1 119 ? 11.776  -2.740  -17.420 1.00 37.02 ? 119 ASP A OD2 1 
ATOM   972  N  N   . VAL A 1 120 ? 10.835  -1.312  -12.586 1.00 17.44 ? 120 VAL A N   1 
ATOM   973  C  CA  . VAL A 1 120 ? 9.457   -1.115  -12.111 1.00 19.88 ? 120 VAL A CA  1 
ATOM   974  C  C   . VAL A 1 120 ? 8.593   -0.359  -13.117 1.00 20.68 ? 120 VAL A C   1 
ATOM   975  O  O   . VAL A 1 120 ? 7.375   -0.384  -13.006 1.00 19.61 ? 120 VAL A O   1 
ATOM   976  C  CB  . VAL A 1 120 ? 9.404   -0.384  -10.754 1.00 18.40 ? 120 VAL A CB  1 
ATOM   977  C  CG1 . VAL A 1 120 ? 10.005  -1.268  -9.636  1.00 22.67 ? 120 VAL A CG1 1 
ATOM   978  C  CG2 . VAL A 1 120 ? 10.084  0.973   -10.837 1.00 18.69 ? 120 VAL A CG2 1 
ATOM   979  N  N   A GLN A 1 121 ? 9.221   0.307   -14.084 0.53 21.74 ? 121 GLN A N   1 
ATOM   980  N  N   B GLN A 1 121 ? 9.206   0.297   -14.095 0.47 21.75 ? 121 GLN A N   1 
ATOM   981  C  CA  A GLN A 1 121 ? 8.489   1.001   -15.148 0.53 21.01 ? 121 GLN A CA  1 
ATOM   982  C  CA  B GLN A 1 121 ? 8.432   1.017   -15.107 0.47 21.02 ? 121 GLN A CA  1 
ATOM   983  C  C   A GLN A 1 121 ? 7.556   0.053   -15.900 0.53 20.92 ? 121 GLN A C   1 
ATOM   984  C  C   B GLN A 1 121 ? 7.568   0.059   -15.942 0.47 20.92 ? 121 GLN A C   1 
ATOM   985  O  O   A GLN A 1 121 ? 6.512   0.472   -16.405 0.53 20.29 ? 121 GLN A O   1 
ATOM   986  O  O   B GLN A 1 121 ? 6.571   0.473   -16.534 0.47 20.31 ? 121 GLN A O   1 
ATOM   987  C  CB  A GLN A 1 121 ? 9.468   1.671   -16.126 0.53 25.81 ? 121 GLN A CB  1 
ATOM   988  C  CB  B GLN A 1 121 ? 9.366   1.842   -16.002 0.47 25.28 ? 121 GLN A CB  1 
ATOM   989  C  CG  A GLN A 1 121 ? 8.807   2.566   -17.180 0.53 30.47 ? 121 GLN A CG  1 
ATOM   990  C  CG  B GLN A 1 121 ? 8.684   2.978   -16.764 0.47 30.79 ? 121 GLN A CG  1 
ATOM   991  C  CD  A GLN A 1 121 ? 8.307   1.801   -18.389 0.53 28.20 ? 121 GLN A CD  1 
ATOM   992  C  CD  B GLN A 1 121 ? 9.517   4.252   -16.768 0.47 33.82 ? 121 GLN A CD  1 
ATOM   993  O  OE1 A GLN A 1 121 ? 8.958   0.873   -18.868 0.53 34.10 ? 121 GLN A OE1 1 
ATOM   994  O  OE1 B GLN A 1 121 ? 10.719  4.231   -16.471 0.47 32.48 ? 121 GLN A OE1 1 
ATOM   995  N  NE2 A GLN A 1 121 ? 7.136   2.193   -18.892 0.53 31.80 ? 121 GLN A NE2 1 
ATOM   996  N  NE2 B GLN A 1 121 ? 8.883   5.370   -17.103 0.47 37.90 ? 121 GLN A NE2 1 
ATOM   997  N  N   . ALA A 1 122 ? 7.923   -1.222  -15.956 1.00 17.77 ? 122 ALA A N   1 
ATOM   998  C  CA  . ALA A 1 122 ? 7.120   -2.227  -16.644 1.00 18.14 ? 122 ALA A CA  1 
ATOM   999  C  C   . ALA A 1 122 ? 5.691   -2.280  -16.076 1.00 20.36 ? 122 ALA A C   1 
ATOM   1000 O  O   . ALA A 1 122 ? 4.732   -2.623  -16.773 1.00 20.09 ? 122 ALA A O   1 
ATOM   1001 C  CB  . ALA A 1 122 ? 7.776   -3.591  -16.534 1.00 21.73 ? 122 ALA A CB  1 
ATOM   1002 N  N   . TRP A 1 123 ? 5.556   -1.950  -14.795 1.00 17.87 ? 123 TRP A N   1 
ATOM   1003 C  CA  . TRP A 1 123 ? 4.233   -2.009  -14.169 1.00 17.93 ? 123 TRP A CA  1 
ATOM   1004 C  C   . TRP A 1 123 ? 3.256   -0.954  -14.671 1.00 18.29 ? 123 TRP A C   1 
ATOM   1005 O  O   . TRP A 1 123 ? 2.052   -1.077  -14.431 1.00 17.70 ? 123 TRP A O   1 
ATOM   1006 C  CB  . TRP A 1 123 ? 4.390   -1.928  -12.644 1.00 17.27 ? 123 TRP A CB  1 
ATOM   1007 C  CG  . TRP A 1 123 ? 4.999   -3.172  -12.182 1.00 17.99 ? 123 TRP A CG  1 
ATOM   1008 C  CD1 . TRP A 1 123 ? 6.309   -3.369  -11.868 1.00 19.59 ? 123 TRP A CD1 1 
ATOM   1009 C  CD2 . TRP A 1 123 ? 4.354   -4.448  -12.065 1.00 16.89 ? 123 TRP A CD2 1 
ATOM   1010 N  NE1 . TRP A 1 123 ? 6.514   -4.688  -11.544 1.00 20.11 ? 123 TRP A NE1 1 
ATOM   1011 C  CE2 . TRP A 1 123 ? 5.340   -5.379  -11.669 1.00 18.12 ? 123 TRP A CE2 1 
ATOM   1012 C  CE3 . TRP A 1 123 ? 3.047   -4.891  -12.279 1.00 19.15 ? 123 TRP A CE3 1 
ATOM   1013 C  CZ2 . TRP A 1 123 ? 5.050   -6.730  -11.455 1.00 24.86 ? 123 TRP A CZ2 1 
ATOM   1014 C  CZ3 . TRP A 1 123 ? 2.757   -6.234  -12.072 1.00 21.49 ? 123 TRP A CZ3 1 
ATOM   1015 C  CH2 . TRP A 1 123 ? 3.760   -7.134  -11.663 1.00 22.07 ? 123 TRP A CH2 1 
ATOM   1016 N  N   . ILE A 1 124 ? 3.738   0.067   -15.373 1.00 17.77 ? 124 ILE A N   1 
ATOM   1017 C  CA  . ILE A 1 124 ? 2.786   1.044   -15.925 1.00 19.84 ? 124 ILE A CA  1 
ATOM   1018 C  C   . ILE A 1 124 ? 2.832   1.062   -17.447 1.00 17.58 ? 124 ILE A C   1 
ATOM   1019 O  O   . ILE A 1 124 ? 2.249   1.955   -18.078 1.00 19.62 ? 124 ILE A O   1 
ATOM   1020 C  CB  . ILE A 1 124 ? 3.021   2.452   -15.378 1.00 22.25 ? 124 ILE A CB  1 
ATOM   1021 C  CG1 . ILE A 1 124 ? 4.428   2.943   -15.712 1.00 23.99 ? 124 ILE A CG1 1 
ATOM   1022 C  CG2 . ILE A 1 124 ? 2.720   2.479   -13.882 1.00 22.21 ? 124 ILE A CG2 1 
ATOM   1023 C  CD1 . ILE A 1 124 ? 4.547   4.454   -15.653 1.00 29.72 ? 124 ILE A CD1 1 
ATOM   1024 N  N   . ARG A 1 125 ? 3.442   0.054   -18.050 1.00 18.92 ? 125 ARG A N   1 
ATOM   1025 C  CA  . ARG A 1 125 ? 3.487   0.010   -19.512 1.00 21.62 ? 125 ARG A CA  1 
ATOM   1026 C  C   . ARG A 1 125 ? 2.069   -0.118  -20.061 1.00 25.87 ? 125 ARG A C   1 
ATOM   1027 O  O   . ARG A 1 125 ? 1.193   -0.773  -19.478 1.00 24.61 ? 125 ARG A O   1 
ATOM   1028 C  CB  . ARG A 1 125 ? 4.380   -1.138  -19.997 1.00 30.28 ? 125 ARG A CB  1 
ATOM   1029 C  CG  . ARG A 1 125 ? 3.664   -2.456  -20.231 1.00 41.46 ? 125 ARG A CG  1 
ATOM   1030 C  CD  . ARG A 1 125 ? 4.498   -3.370  -21.132 1.00 56.15 ? 125 ARG A CD  1 
ATOM   1031 N  NE  . ARG A 1 125 ? 5.901   -3.385  -20.725 1.00 63.94 ? 125 ARG A NE  1 
ATOM   1032 C  CZ  . ARG A 1 125 ? 6.916   -3.029  -21.507 1.00 65.41 ? 125 ARG A CZ  1 
ATOM   1033 N  NH1 . ARG A 1 125 ? 6.693   -2.642  -22.757 1.00 67.33 ? 125 ARG A NH1 1 
ATOM   1034 N  NH2 . ARG A 1 125 ? 8.157   -3.068  -21.038 1.00 59.79 ? 125 ARG A NH2 1 
ATOM   1035 N  N   . GLY A 1 126 ? 1.803   0.589   -21.149 1.00 22.35 ? 126 GLY A N   1 
ATOM   1036 C  CA  . GLY A 1 126 ? 0.508   0.511   -21.786 1.00 20.59 ? 126 GLY A CA  1 
ATOM   1037 C  C   . GLY A 1 126 ? -0.537  1.438   -21.200 1.00 22.66 ? 126 GLY A C   1 
ATOM   1038 O  O   . GLY A 1 126 ? -1.519  1.783   -21.853 1.00 25.00 ? 126 GLY A O   1 
ATOM   1039 N  N   . CYS A 1 127 ? -0.302  1.902   -19.982 1.00 19.46 ? 127 CYS A N   1 
ATOM   1040 C  CA  . CYS A 1 127 ? -1.292  2.736   -19.332 1.00 20.58 ? 127 CYS A CA  1 
ATOM   1041 C  C   . CYS A 1 127 ? -1.300  4.153   -19.881 1.00 21.92 ? 127 CYS A C   1 
ATOM   1042 O  O   . CYS A 1 127 ? -0.247  4.730   -20.163 1.00 23.51 ? 127 CYS A O   1 
ATOM   1043 C  CB  . CYS A 1 127 ? -1.038  2.778   -17.830 1.00 17.83 ? 127 CYS A CB  1 
ATOM   1044 S  SG  . CYS A 1 127 ? -0.920  1.157   -17.020 1.00 19.70 ? 127 CYS A SG  1 
ATOM   1045 N  N   A ARG A 1 128 ? -2.498  4.705   -20.030 0.54 22.53 ? 128 ARG A N   1 
ATOM   1046 N  N   B ARG A 1 128 ? -2.507  4.700   -19.991 0.46 22.53 ? 128 ARG A N   1 
ATOM   1047 C  CA  A ARG A 1 128 ? -2.648  6.086   -20.450 0.54 27.89 ? 128 ARG A CA  1 
ATOM   1048 C  CA  B ARG A 1 128 ? -2.732  6.076   -20.401 0.46 27.95 ? 128 ARG A CA  1 
ATOM   1049 C  C   A ARG A 1 128 ? -2.721  6.970   -19.216 0.54 31.41 ? 128 ARG A C   1 
ATOM   1050 C  C   B ARG A 1 128 ? -2.736  6.978   -19.180 0.46 31.41 ? 128 ARG A C   1 
ATOM   1051 O  O   A ARG A 1 128 ? -3.769  7.080   -18.568 0.54 32.28 ? 128 ARG A O   1 
ATOM   1052 O  O   B ARG A 1 128 ? -3.760  7.119   -18.500 0.46 32.29 ? 128 ARG A O   1 
ATOM   1053 C  CB  A ARG A 1 128 ? -3.890  6.270   -21.307 0.54 26.68 ? 128 ARG A CB  1 
ATOM   1054 C  CB  B ARG A 1 128 ? -4.058  6.196   -21.139 0.46 26.76 ? 128 ARG A CB  1 
ATOM   1055 C  CG  A ARG A 1 128 ? -4.056  7.680   -21.798 0.54 23.47 ? 128 ARG A CG  1 
ATOM   1056 C  CG  B ARG A 1 128 ? -3.975  6.922   -22.448 0.46 25.89 ? 128 ARG A CG  1 
ATOM   1057 C  CD  A ARG A 1 128 ? -3.354  7.898   -23.104 0.54 29.79 ? 128 ARG A CD  1 
ATOM   1058 C  CD  B ARG A 1 128 ? -5.313  6.882   -23.131 0.46 27.50 ? 128 ARG A CD  1 
ATOM   1059 N  NE  A ARG A 1 128 ? -4.217  8.665   -23.992 0.54 30.74 ? 128 ARG A NE  1 
ATOM   1060 N  NE  B ARG A 1 128 ? -6.065  5.670   -22.812 0.46 26.82 ? 128 ARG A NE  1 
ATOM   1061 C  CZ  A ARG A 1 128 ? -4.995  8.140   -24.933 0.54 27.19 ? 128 ARG A CZ  1 
ATOM   1062 C  CZ  B ARG A 1 128 ? -6.191  4.642   -23.640 0.46 23.05 ? 128 ARG A CZ  1 
ATOM   1063 N  NH1 A ARG A 1 128 ? -5.011  6.830   -25.152 0.54 32.03 ? 128 ARG A NH1 1 
ATOM   1064 N  NH1 B ARG A 1 128 ? -6.915  3.581   -23.300 0.46 24.48 ? 128 ARG A NH1 1 
ATOM   1065 N  NH2 A ARG A 1 128 ? -5.741  8.935   -25.677 0.54 26.03 ? 128 ARG A NH2 1 
ATOM   1066 N  NH2 B ARG A 1 128 ? -5.606  4.694   -24.824 0.46 20.46 ? 128 ARG A NH2 1 
ATOM   1067 N  N   . LEU A 1 129 ? -1.582  7.568   -18.891 1.00 34.09 ? 129 LEU A N   1 
ATOM   1068 C  CA  . LEU A 1 129 ? -1.426  8.410   -17.722 1.00 42.73 ? 129 LEU A CA  1 
ATOM   1069 C  C   . LEU A 1 129 ? -0.687  9.673   -18.141 1.00 53.23 ? 129 LEU A C   1 
ATOM   1070 O  O   . LEU A 1 129 ? -0.301  10.483  -17.300 1.00 60.14 ? 129 LEU A O   1 
ATOM   1071 C  CB  . LEU A 1 129 ? -0.645  7.677   -16.628 1.00 31.79 ? 129 LEU A CB  1 
ATOM   1072 C  CG  . LEU A 1 129 ? -1.087  6.282   -16.211 1.00 28.08 ? 129 LEU A CG  1 
ATOM   1073 C  CD1 . LEU A 1 129 ? 0.143   5.481   -15.820 1.00 33.84 ? 129 LEU A CD1 1 
ATOM   1074 C  CD2 . LEU A 1 129 ? -2.031  6.410   -15.047 1.00 31.18 ? 129 LEU A CD2 1 
ATOM   1075 O  OXT . LEU A 1 129 ? -0.437  9.894   -19.334 1.00 55.04 ? 129 LEU A OXT 1 
HETATM 1076 O  O74 . ZKG B 2 .   ? -5.647  -20.929 7.477   0.22 17.81 ? 201 ZKG A O74 1 
HETATM 1077 W  W22 . ZKG B 2 .   ? -4.159  -20.512 8.066   0.22 12.09 ? 201 ZKG A W22 1 
HETATM 1078 O  O67 . ZKG B 2 .   ? -3.207  -22.093 7.814   0.22 17.51 ? 201 ZKG A O67 1 
HETATM 1079 O  O68 . ZKG B 2 .   ? -4.271  -21.061 9.940   0.22 13.64 ? 201 ZKG A O68 1 
HETATM 1080 O  O69 . ZKG B 2 .   ? -4.474  -18.638 8.693   0.22 17.35 ? 201 ZKG A O69 1 
HETATM 1081 O  O73 . ZKG B 2 .   ? -3.304  -19.709 6.556   0.22 14.60 ? 201 ZKG A O73 1 
HETATM 1082 O  O62 . ZKG B 2 .   ? -2.127  -19.473 8.745   0.22 16.16 ? 201 ZKG A O62 1 
HETATM 1083 W  W20 . ZKG B 2 .   ? -3.194  -17.362 9.095   0.22 12.30 ? 201 ZKG A W20 1 
HETATM 1084 O  O70 . ZKG B 2 .   ? -4.201  -15.960 9.193   0.22 19.73 ? 201 ZKG A O70 1 
HETATM 1085 O  O64 . ZKG B 2 .   ? -1.559  -16.754 9.644   0.22 14.46 ? 201 ZKG A O64 1 
HETATM 1086 O  O63 . ZKG B 2 .   ? -3.289  -18.102 10.937  0.22 15.06 ? 201 ZKG A O63 1 
HETATM 1087 W  W21 . ZKG B 2 .   ? -1.633  -18.840 6.474   0.22 14.37 ? 201 ZKG A W21 1 
HETATM 1088 O  O72 . ZKG B 2 .   ? -1.612  -18.296 4.883   0.22 18.95 ? 201 ZKG A O72 1 
HETATM 1089 O  O66 . ZKG B 2 .   ? -0.814  -20.461 6.315   0.22 17.83 ? 201 ZKG A O66 1 
HETATM 1090 O  O71 . ZKG B 2 .   ? -2.628  -17.393 7.318   0.22 18.45 ? 201 ZKG A O71 1 
HETATM 1091 O  O65 . ZKG B 2 .   ? -0.039  -18.086 7.147   0.22 18.77 ? 201 ZKG A O65 1 
HETATM 1092 P  P2  . ZKG B 2 .   ? -1.041  -20.105 9.695   0.22 12.95 ? 201 ZKG A P2  1 
HETATM 1093 O  O61 . ZKG B 2 .   ? -0.686  -21.445 8.954   0.22 16.35 ? 201 ZKG A O61 1 
HETATM 1094 W  W18 . ZKG B 2 .   ? -1.899  -23.397 8.609   0.22 14.48 ? 201 ZKG A W18 1 
HETATM 1095 O  O55 . ZKG B 2 .   ? -0.818  -22.993 7.057   0.22 16.72 ? 201 ZKG A O55 1 
HETATM 1096 O  O56 . ZKG B 2 .   ? -2.666  -24.839 8.087   0.22 16.86 ? 201 ZKG A O56 1 
HETATM 1097 O  O78 . ZKG B 2 .   ? -0.524  -23.882 9.431   0.22 18.68 ? 201 ZKG A O78 1 
HETATM 1098 ZR ZR1 . ZKG B 2 .   ? 1.220   -22.818 10.260  0.22 18.88 ? 201 ZKG A ZR1 1 
HETATM 1099 O  O77 . ZKG B 2 .   ? 1.535   -22.490 8.170   0.22 19.51 ? 201 ZKG A O77 1 
HETATM 1100 W  W17 . ZKG B 2 .   ? 0.550   -21.669 6.989   0.22 13.41 ? 201 ZKG A W17 1 
HETATM 1101 O  O54 . ZKG B 2 .   ? 1.374   -22.045 5.513   0.22 19.13 ? 201 ZKG A O54 1 
HETATM 1102 O  O53 . ZKG B 2 .   ? 1.451   -20.032 7.456   0.22 16.87 ? 201 ZKG A O53 1 
HETATM 1103 O  O76 . ZKG B 2 .   ? 2.006   -20.851 10.558  0.22 19.55 ? 201 ZKG A O76 1 
HETATM 1104 W  W13 . ZKG B 2 .   ? 2.167   -19.367 11.321  0.22 17.26 ? 201 ZKG A W13 1 
HETATM 1105 O  O60 . ZKG B 2 .   ? 0.177   -19.097 9.910   0.22 17.48 ? 201 ZKG A O60 1 
HETATM 1106 W  W16 . ZKG B 2 .   ? 1.577   -18.278 8.050   0.22 11.72 ? 201 ZKG A W16 1 
HETATM 1107 O  O52 . ZKG B 2 .   ? 2.800   -17.614 7.047   0.22 12.76 ? 201 ZKG A O52 1 
HETATM 1108 O  O51 . ZKG B 2 .   ? 1.043   -16.768 9.171   0.22 13.02 ? 201 ZKG A O51 1 
HETATM 1109 O  O45 . ZKG B 2 .   ? 2.717   -18.656 9.601   0.22 16.07 ? 201 ZKG A O45 1 
HETATM 1110 W  W15 . ZKG B 2 .   ? -0.002  -16.822 10.760  0.22 13.09 ? 201 ZKG A W15 1 
HETATM 1111 O  O50 . ZKG B 2 .   ? 0.126   -15.220 11.344  0.22 19.60 ? 201 ZKG A O50 1 
HETATM 1112 O  O49 . ZKG B 2 .   ? -1.147  -17.662 12.034  0.22 17.00 ? 201 ZKG A O49 1 
HETATM 1113 O  O44 . ZKG B 2 .   ? 1.438   -17.512 11.631  0.22 18.60 ? 201 ZKG A O44 1 
HETATM 1114 O  O42 . ZKG B 2 .   ? 3.760   -19.308 12.040  0.22 18.62 ? 201 ZKG A O42 1 
HETATM 1115 O  O41 . ZKG B 2 .   ? 0.890   -19.873 12.656  0.22 16.98 ? 201 ZKG A O41 1 
HETATM 1116 O  O75 . ZKG B 2 .   ? -0.091  -22.331 11.899  0.22 21.31 ? 201 ZKG A O75 1 
HETATM 1117 W  W12 . ZKG B 2 .   ? -0.479  -21.157 13.061  0.22 19.08 ? 201 ZKG A W12 1 
HETATM 1118 O  O40 . ZKG B 2 .   ? -0.064  -21.819 14.552  0.22 17.95 ? 201 ZKG A O40 1 
HETATM 1119 O  O59 . ZKG B 2 .   ? -1.675  -20.435 11.088  0.22 16.62 ? 201 ZKG A O59 1 
HETATM 1120 W  W19 . ZKG B 2 .   ? -3.559  -21.820 11.450  0.22 14.26 ? 201 ZKG A W19 1 
HETATM 1121 O  O58 . ZKG B 2 .   ? -4.836  -22.758 12.002  0.22 16.67 ? 201 ZKG A O58 1 
HETATM 1122 O  O47 . ZKG B 2 .   ? -3.879  -20.209 12.434  0.22 14.78 ? 201 ZKG A O47 1 
HETATM 1123 O  O57 . ZKG B 2 .   ? -2.797  -23.052 10.264  0.22 18.27 ? 201 ZKG A O57 1 
HETATM 1124 O  O46 . ZKG B 2 .   ? -2.186  -22.068 12.839  0.22 19.27 ? 201 ZKG A O46 1 
HETATM 1125 W  W14 . ZKG B 2 .   ? -2.578  -18.752 12.562  0.22 15.86 ? 201 ZKG A W14 1 
HETATM 1126 O  O43 . ZKG B 2 .   ? -1.524  -19.598 13.710  0.22 17.84 ? 201 ZKG A O43 1 
HETATM 1127 O  O48 . ZKG B 2 .   ? -3.459  -17.698 13.626  0.22 15.93 ? 201 ZKG A O48 1 
HETATM 1128 S  S   . DMS C 3 .   ? 3.447   -1.224  6.961   1.00 31.69 ? 202 DMS A S   1 
HETATM 1129 O  O   . DMS C 3 .   ? 2.111   -0.869  7.509   1.00 23.00 ? 202 DMS A O   1 
HETATM 1130 C  C1  . DMS C 3 .   ? 3.686   -2.994  7.225   1.00 26.67 ? 202 DMS A C1  1 
HETATM 1131 C  C2  . DMS C 3 .   ? 3.354   -1.274  5.152   1.00 24.44 ? 202 DMS A C2  1 
HETATM 1132 N  NAA . EDN D 4 .   ? 9.913   4.246   -12.706 1.00 32.16 ? 203 EDN A NAA 1 
HETATM 1133 C  CAB . EDN D 4 .   ? 8.662   3.547   -12.774 1.00 26.98 ? 203 EDN A CAB 1 
HETATM 1134 C  CAC . EDN D 4 .   ? 7.713   4.286   -13.676 1.00 29.86 ? 203 EDN A CAC 1 
HETATM 1135 N  NAD . EDN D 4 .   ? 6.731   4.961   -12.912 1.00 22.73 ? 203 EDN A NAD 1 
HETATM 1136 N  NAA . EDN E 4 .   ? 4.215   -13.373 9.950   1.00 33.50 ? 204 EDN A NAA 1 
HETATM 1137 C  CAB . EDN E 4 .   ? 4.521   -12.015 10.212  1.00 24.95 ? 204 EDN A CAB 1 
HETATM 1138 C  CAC . EDN E 4 .   ? 6.002   -11.829 10.244  1.00 23.66 ? 204 EDN A CAC 1 
HETATM 1139 N  NAD . EDN E 4 .   ? 6.397   -11.003 11.329  1.00 33.88 ? 204 EDN A NAD 1 
HETATM 1140 O  O   . HOH F 5 .   ? -0.778  -17.696 2.998   1.00 33.74 ? 301 HOH A O   1 
HETATM 1141 O  O   . HOH F 5 .   ? -5.269  1.079   17.866  1.00 35.24 ? 302 HOH A O   1 
HETATM 1142 O  O   . HOH F 5 .   ? -5.916  4.522   -27.000 1.00 34.21 ? 303 HOH A O   1 
HETATM 1143 O  O   . HOH F 5 .   ? 2.525   -15.549 6.314   1.00 39.62 ? 304 HOH A O   1 
HETATM 1144 O  O   . HOH F 5 .   ? -3.726  11.444  -0.577  1.00 42.23 ? 305 HOH A O   1 
HETATM 1145 O  O   . HOH F 5 .   ? -10.493 7.531   -4.990  1.00 34.44 ? 306 HOH A O   1 
HETATM 1146 O  O   . HOH F 5 .   ? -1.254  -24.188 12.873  1.00 35.97 ? 307 HOH A O   1 
HETATM 1147 O  O   . HOH F 5 .   ? 10.009  9.524   -9.093  1.00 39.88 ? 308 HOH A O   1 
HETATM 1148 O  O   . HOH F 5 .   ? -6.028  -14.726 10.071  1.00 32.08 ? 309 HOH A O   1 
HETATM 1149 O  O   . HOH F 5 .   ? 9.907   -1.348  -18.929 1.00 36.59 ? 310 HOH A O   1 
HETATM 1150 O  O   . HOH F 5 .   ? 6.247   7.160   -13.896 1.00 33.50 ? 311 HOH A O   1 
HETATM 1151 O  O   . HOH F 5 .   ? -2.988  -27.205 8.775   1.00 40.41 ? 312 HOH A O   1 
HETATM 1152 O  O   . HOH F 5 .   ? -8.677  7.290   -10.511 1.00 24.39 ? 313 HOH A O   1 
HETATM 1153 O  O   . HOH F 5 .   ? -6.843  -0.785  0.255   1.00 28.60 ? 314 HOH A O   1 
HETATM 1154 O  O   . HOH F 5 .   ? 3.763   -5.381  13.356  1.00 24.00 ? 315 HOH A O   1 
HETATM 1155 O  O   . HOH F 5 .   ? 4.905   -10.058 13.162  1.00 24.48 ? 316 HOH A O   1 
HETATM 1156 O  O   . HOH F 5 .   ? -12.024 2.585   -11.041 1.00 31.40 ? 317 HOH A O   1 
HETATM 1157 O  O   . HOH F 5 .   ? 6.577   -7.089  14.820  1.00 30.18 ? 318 HOH A O   1 
HETATM 1158 O  O   . HOH F 5 .   ? -0.118  6.312   18.857  1.00 52.83 ? 319 HOH A O   1 
HETATM 1159 O  O   . HOH F 5 .   ? -5.690  -16.463 13.208  1.00 35.53 ? 320 HOH A O   1 
HETATM 1160 O  O   . HOH F 5 .   ? 2.619   -1.435  12.206  1.00 33.13 ? 321 HOH A O   1 
HETATM 1161 O  O   . HOH F 5 .   ? -15.113 -1.013  11.017  1.00 28.31 ? 322 HOH A O   1 
HETATM 1162 O  O   . HOH F 5 .   ? -6.866  -23.748 13.327  1.00 29.60 ? 323 HOH A O   1 
HETATM 1163 O  O   . HOH F 5 .   ? 10.004  -9.191  -9.204  1.00 20.22 ? 324 HOH A O   1 
HETATM 1164 O  O   . HOH F 5 .   ? 3.421   -8.222  3.011   1.00 26.89 ? 325 HOH A O   1 
HETATM 1165 O  O   . HOH F 5 .   ? -11.034 2.154   15.031  1.00 39.29 ? 326 HOH A O   1 
HETATM 1166 O  O   . HOH F 5 .   ? 14.893  8.813   6.045   1.00 29.53 ? 327 HOH A O   1 
HETATM 1167 O  O   . HOH F 5 .   ? -10.579 10.990  -2.464  1.00 34.49 ? 328 HOH A O   1 
HETATM 1168 O  O   . HOH F 5 .   ? -7.024  -12.253 7.753   0.34 18.52 ? 329 HOH A O   1 
HETATM 1169 O  O   . HOH F 5 .   ? -5.867  -7.291  -11.361 1.00 23.54 ? 330 HOH A O   1 
HETATM 1170 O  O   . HOH F 5 .   ? -1.024  11.439  4.813   1.00 29.57 ? 331 HOH A O   1 
HETATM 1171 O  O   . HOH F 5 .   ? 5.570   9.698   8.817   1.00 29.27 ? 332 HOH A O   1 
HETATM 1172 O  O   . HOH F 5 .   ? -4.605  -8.165  14.267  1.00 16.90 ? 333 HOH A O   1 
HETATM 1173 O  O   . HOH F 5 .   ? 13.199  6.831   0.826   1.00 20.16 ? 334 HOH A O   1 
HETATM 1174 O  O   . HOH F 5 .   ? -8.609  0.788   -0.511  1.00 24.07 ? 335 HOH A O   1 
HETATM 1175 O  O   . HOH F 5 .   ? 11.890  -4.420  4.489   1.00 28.80 ? 336 HOH A O   1 
HETATM 1176 O  O   . HOH F 5 .   ? -1.669  -10.574 -0.060  1.00 27.78 ? 337 HOH A O   1 
HETATM 1177 O  O   . HOH F 5 .   ? 11.036  7.538   4.887   1.00 16.80 ? 338 HOH A O   1 
HETATM 1178 O  O   . HOH F 5 .   ? -9.898  -3.473  21.585  1.00 33.50 ? 339 HOH A O   1 
HETATM 1179 O  O   . HOH F 5 .   ? -14.259 -1.490  4.221   1.00 33.54 ? 340 HOH A O   1 
HETATM 1180 O  O   . HOH F 5 .   ? 0.166   7.777   -20.928 1.00 31.18 ? 341 HOH A O   1 
HETATM 1181 O  O   . HOH F 5 .   ? -4.946  -9.154  -9.498  1.00 25.63 ? 342 HOH A O   1 
HETATM 1182 O  O   . HOH F 5 .   ? -12.870 2.361   -6.772  1.00 35.49 ? 343 HOH A O   1 
HETATM 1183 O  O   . HOH F 5 .   ? -8.870  -8.516  11.443  1.00 15.61 ? 344 HOH A O   1 
HETATM 1184 O  O   . HOH F 5 .   ? 2.310   4.442   -19.167 1.00 26.54 ? 345 HOH A O   1 
HETATM 1185 O  O   . HOH F 5 .   ? -2.253  0.767   15.152  1.00 27.25 ? 346 HOH A O   1 
HETATM 1186 O  O   . HOH F 5 .   ? 14.103  0.102   -9.447  1.00 24.85 ? 347 HOH A O   1 
HETATM 1187 O  O   . HOH F 5 .   ? 1.047   -8.971  4.059   1.00 28.45 ? 348 HOH A O   1 
HETATM 1188 O  O   . HOH F 5 .   ? 9.756   -5.462  -13.968 1.00 27.65 ? 349 HOH A O   1 
HETATM 1189 O  O   . HOH F 5 .   ? 16.908  -5.898  -7.246  1.00 30.49 ? 350 HOH A O   1 
HETATM 1190 O  O   . HOH F 5 .   ? -4.973  -2.003  16.076  1.00 19.20 ? 351 HOH A O   1 
HETATM 1191 O  O   . HOH F 5 .   ? 3.153   -10.278 -0.004  1.00 24.29 ? 352 HOH A O   1 
HETATM 1192 O  O   . HOH F 5 .   ? 9.376   -5.300  -11.302 1.00 22.60 ? 353 HOH A O   1 
HETATM 1193 O  O   . HOH F 5 .   ? 13.450  9.845   -7.401  1.00 21.89 ? 354 HOH A O   1 
HETATM 1194 O  O   . HOH F 5 .   ? 16.189  -5.824  -2.031  1.00 29.67 ? 355 HOH A O   1 
HETATM 1195 O  O   . HOH F 5 .   ? -4.456  -5.625  -14.808 1.00 35.00 ? 356 HOH A O   1 
HETATM 1196 O  O   . HOH F 5 .   ? 2.427   14.170  -4.450  1.00 31.15 ? 357 HOH A O   1 
HETATM 1197 O  O   . HOH F 5 .   ? -15.053 -4.123  -2.872  1.00 29.98 ? 358 HOH A O   1 
HETATM 1198 O  O   . HOH F 5 .   ? 7.566   -3.255  7.666   1.00 34.09 ? 359 HOH A O   1 
HETATM 1199 O  O   . HOH F 5 .   ? -10.881 5.476   1.346   1.00 22.57 ? 360 HOH A O   1 
HETATM 1200 O  O   . HOH F 5 .   ? -12.141 -7.696  -3.599  1.00 18.07 ? 361 HOH A O   1 
HETATM 1201 O  O   . HOH F 5 .   ? 4.063   -7.766  5.985   1.00 36.14 ? 362 HOH A O   1 
HETATM 1202 O  O   . HOH F 5 .   ? 9.184   4.021   5.962   1.00 19.10 ? 363 HOH A O   1 
HETATM 1203 O  O   . HOH F 5 .   ? -16.090 -2.347  -6.209  1.00 44.80 ? 364 HOH A O   1 
HETATM 1204 O  O   . HOH F 5 .   ? -14.510 1.194   7.596   1.00 32.49 ? 365 HOH A O   1 
HETATM 1205 O  O   . HOH F 5 .   ? 1.015   11.368  -8.633  1.00 23.12 ? 366 HOH A O   1 
HETATM 1206 O  O   . HOH F 5 .   ? -8.701  4.499   -11.424 1.00 26.96 ? 367 HOH A O   1 
HETATM 1207 O  O   . HOH F 5 .   ? -5.850  7.084   6.133   1.00 24.22 ? 368 HOH A O   1 
HETATM 1208 O  O   . HOH F 5 .   ? 12.340  0.938   -14.094 1.00 32.36 ? 369 HOH A O   1 
HETATM 1209 O  O   . HOH F 5 .   ? 3.601   -6.057  8.473   1.00 36.09 ? 370 HOH A O   1 
HETATM 1210 O  O   . HOH F 5 .   ? 3.107   -4.821  4.055   1.00 26.32 ? 371 HOH A O   1 
HETATM 1211 O  O   . HOH F 5 .   ? -6.351  -10.301 -6.736  1.00 31.47 ? 372 HOH A O   1 
HETATM 1212 O  O   . HOH F 5 .   ? -13.310 -6.489  -8.278  1.00 29.44 ? 373 HOH A O   1 
HETATM 1213 O  O   . HOH F 5 .   ? -0.740  -14.356 14.680  1.00 30.94 ? 374 HOH A O   1 
HETATM 1214 O  O   . HOH F 5 .   ? 13.900  -5.854  -13.846 1.00 25.88 ? 375 HOH A O   1 
HETATM 1215 O  O   . HOH F 5 .   ? 17.953  -3.537  -0.121  1.00 25.99 ? 376 HOH A O   1 
HETATM 1216 O  O   . HOH F 5 .   ? 5.350   -11.281 -1.803  1.00 19.89 ? 377 HOH A O   1 
HETATM 1217 O  O   . HOH F 5 .   ? -4.325  8.665   7.674   1.00 28.26 ? 378 HOH A O   1 
HETATM 1218 O  O   . HOH F 5 .   ? 15.945  -8.413  -0.618  1.00 33.42 ? 379 HOH A O   1 
HETATM 1219 O  O   . HOH F 5 .   ? 9.035   -11.510 -7.703  1.00 16.79 ? 380 HOH A O   1 
HETATM 1220 O  O   . HOH F 5 .   ? -9.481  13.226  -6.787  1.00 34.96 ? 381 HOH A O   1 
HETATM 1221 O  O   . HOH F 5 .   ? 0.657   -11.042 -6.378  1.00 23.33 ? 382 HOH A O   1 
HETATM 1222 O  O   . HOH F 5 .   ? -4.915  3.262   -19.543 1.00 24.23 ? 383 HOH A O   1 
HETATM 1223 O  O   . HOH F 5 .   ? -12.066 4.338   3.556   1.00 23.63 ? 384 HOH A O   1 
HETATM 1224 O  O   . HOH F 5 .   ? -5.666  -3.004  18.519  1.00 22.32 ? 385 HOH A O   1 
HETATM 1225 O  O   . HOH F 5 .   ? -3.802  -0.730  2.207   1.00 16.25 ? 386 HOH A O   1 
HETATM 1226 O  O   . HOH F 5 .   ? -4.725  -2.671  -16.792 1.00 25.24 ? 387 HOH A O   1 
HETATM 1227 O  O   . HOH F 5 .   ? 12.981  0.580   -7.033  1.00 20.61 ? 388 HOH A O   1 
HETATM 1228 O  O   . HOH F 5 .   ? -6.117  -18.376 11.336  1.00 31.62 ? 389 HOH A O   1 
HETATM 1229 O  O   . HOH F 5 .   ? -5.393  -10.787 -2.481  1.00 21.22 ? 390 HOH A O   1 
HETATM 1230 O  O   . HOH F 5 .   ? 5.538   -4.890  4.915   1.00 24.58 ? 391 HOH A O   1 
HETATM 1231 O  O   . HOH F 5 .   ? -1.557  -6.502  -16.326 1.00 39.07 ? 392 HOH A O   1 
HETATM 1232 O  O   . HOH F 5 .   ? -11.005 8.260   11.603  1.00 38.63 ? 393 HOH A O   1 
HETATM 1233 O  O   . HOH F 5 .   ? -4.539  9.810   -12.987 1.00 26.49 ? 394 HOH A O   1 
HETATM 1234 O  O   . HOH F 5 .   ? 13.921  -6.776  -5.186  1.00 18.44 ? 395 HOH A O   1 
HETATM 1235 O  O   . HOH F 5 .   ? -15.868 -0.511  -0.415  1.00 30.16 ? 396 HOH A O   1 
HETATM 1236 O  O   . HOH F 5 .   ? 10.269  8.056   12.698  1.00 45.42 ? 397 HOH A O   1 
HETATM 1237 O  O   . HOH F 5 .   ? -7.626  9.965   9.706   1.00 36.02 ? 398 HOH A O   1 
HETATM 1238 O  O   . HOH F 5 .   ? -5.978  -9.708  20.905  1.00 36.62 ? 399 HOH A O   1 
HETATM 1239 O  O   . HOH F 5 .   ? -11.703 -1.117  17.922  1.00 22.02 ? 400 HOH A O   1 
HETATM 1240 O  O   . HOH F 5 .   ? -3.137  -10.375 -11.247 1.00 43.45 ? 401 HOH A O   1 
HETATM 1241 O  O   . HOH F 5 .   ? 18.821  -5.009  -9.159  1.00 35.64 ? 402 HOH A O   1 
HETATM 1242 O  O   . HOH F 5 .   ? 12.976  9.090   3.614   1.00 24.71 ? 403 HOH A O   1 
HETATM 1243 O  O   . HOH F 5 .   ? 5.418   14.536  -10.084 1.00 37.12 ? 404 HOH A O   1 
HETATM 1244 O  O   . HOH F 5 .   ? 3.434   -14.022 -6.575  1.00 19.12 ? 405 HOH A O   1 
HETATM 1245 O  O   . HOH F 5 .   ? -6.798  -1.631  -15.680 1.00 21.79 ? 406 HOH A O   1 
HETATM 1246 O  O   . HOH F 5 .   ? -9.997  -12.037 16.282  1.00 25.19 ? 407 HOH A O   1 
HETATM 1247 O  O   . HOH F 5 .   ? 10.520  0.383   8.217   1.00 36.87 ? 408 HOH A O   1 
HETATM 1248 O  O   . HOH F 5 .   ? 6.714   13.780  -1.617  1.00 30.57 ? 409 HOH A O   1 
HETATM 1249 O  O   . HOH F 5 .   ? -8.654  2.758   1.424   1.00 23.83 ? 410 HOH A O   1 
HETATM 1250 O  O   . HOH F 5 .   ? -9.586  5.406   14.163  1.00 31.22 ? 411 HOH A O   1 
HETATM 1251 O  O   . HOH F 5 .   ? 5.993   0.452   9.478   1.00 38.09 ? 412 HOH A O   1 
HETATM 1252 O  O   . HOH F 5 .   ? 11.616  13.122  0.222   1.00 33.34 ? 413 HOH A O   1 
HETATM 1253 O  O   . HOH F 5 .   ? 12.662  3.153   -9.367  1.00 26.36 ? 414 HOH A O   1 
HETATM 1254 O  O   . HOH F 5 .   ? 11.876  -6.870  2.914   1.00 24.71 ? 415 HOH A O   1 
HETATM 1255 O  O   . HOH F 5 .   ? 1.629   -6.622  17.710  1.00 31.63 ? 416 HOH A O   1 
HETATM 1256 O  O   . HOH F 5 .   ? -9.942  4.847   -5.539  1.00 26.79 ? 417 HOH A O   1 
HETATM 1257 O  O   . HOH F 5 .   ? -3.469  3.799   20.792  1.00 44.37 ? 418 HOH A O   1 
HETATM 1258 O  O   . HOH F 5 .   ? -3.490  10.932  11.772  1.00 38.93 ? 419 HOH A O   1 
HETATM 1259 O  O   . HOH F 5 .   ? 17.509  -0.814  2.803   1.00 28.22 ? 420 HOH A O   1 
HETATM 1260 O  O   . HOH F 5 .   ? -4.044  4.246   -16.673 1.00 33.02 ? 421 HOH A O   1 
HETATM 1261 O  O   . HOH F 5 .   ? 16.477  -2.517  3.900   1.00 40.93 ? 422 HOH A O   1 
HETATM 1262 O  O   . HOH F 5 .   ? 2.485   -24.614 10.236  0.22 26.19 ? 423 HOH A O   1 
HETATM 1263 O  O   . HOH F 5 .   ? -6.713  12.504  11.677  1.00 43.97 ? 424 HOH A O   1 
HETATM 1264 O  O   . HOH F 5 .   ? -10.516 5.123   -7.615  1.00 35.14 ? 425 HOH A O   1 
HETATM 1265 O  O   . HOH F 5 .   ? -3.272  -13.833 -4.634  1.00 47.55 ? 426 HOH A O   1 
HETATM 1266 O  O   . HOH F 5 .   ? 11.766  13.437  -3.839  1.00 36.37 ? 427 HOH A O   1 
HETATM 1267 O  O   . HOH F 5 .   ? -4.488  0.806   -20.577 1.00 39.29 ? 428 HOH A O   1 
HETATM 1268 O  O   . HOH F 5 .   ? -6.627  -11.638 -4.763  1.00 32.19 ? 429 HOH A O   1 
HETATM 1269 O  O   . HOH F 5 .   ? 7.536   3.768   13.958  1.00 41.28 ? 430 HOH A O   1 
HETATM 1270 O  O   . HOH F 5 .   ? -2.295  -8.613  -12.535 1.00 43.89 ? 431 HOH A O   1 
HETATM 1271 O  O   . HOH F 5 .   ? 13.605  11.134  -0.613  1.00 29.60 ? 432 HOH A O   1 
HETATM 1272 O  O   . HOH F 5 .   ? 18.172  -2.240  -5.366  1.00 23.44 ? 433 HOH A O   1 
HETATM 1273 O  O   . HOH F 5 .   ? -6.793  -11.537 -8.755  1.00 33.22 ? 434 HOH A O   1 
HETATM 1274 O  O   . HOH F 5 .   ? 10.491  12.111  -8.350  1.00 44.54 ? 435 HOH A O   1 
HETATM 1275 O  O   . HOH F 5 .   ? -1.004  -11.403 -2.679  1.00 32.94 ? 436 HOH A O   1 
HETATM 1276 O  O   . HOH F 5 .   ? 14.686  -2.869  5.177   1.00 40.02 ? 437 HOH A O   1 
HETATM 1277 O  O   . HOH F 5 .   ? 9.203   2.671   8.349   1.00 34.38 ? 438 HOH A O   1 
HETATM 1278 O  O   . HOH F 5 .   ? 12.068  7.930   -10.034 1.00 34.89 ? 439 HOH A O   1 
HETATM 1279 O  O   . HOH F 5 .   ? -13.275 1.119   17.637  1.00 39.87 ? 440 HOH A O   1 
HETATM 1280 O  O   . HOH F 5 .   ? 7.859   1.858   12.736  1.00 47.65 ? 441 HOH A O   1 
HETATM 1281 O  O   . HOH F 5 .   ? 4.762   -6.153  -15.239 1.00 35.76 ? 442 HOH A O   1 
HETATM 1282 O  O   . HOH F 5 .   ? 15.150  -0.246  6.086   1.00 41.80 ? 443 HOH A O   1 
HETATM 1283 O  O   . HOH F 5 .   ? -10.317 10.654  9.969   1.00 40.67 ? 444 HOH A O   1 
HETATM 1284 O  O   . HOH F 5 .   ? 8.386   -8.128  -11.106 1.00 29.13 ? 445 HOH A O   1 
HETATM 1285 O  O   . HOH F 5 .   ? -9.435  -2.834  -15.567 1.00 32.14 ? 446 HOH A O   1 
HETATM 1286 O  O   . HOH F 5 .   ? 7.231   -6.695  -14.945 1.00 35.36 ? 447 HOH A O   1 
HETATM 1287 O  O   . HOH F 5 .   ? -1.087  -7.367  -13.995 1.00 38.56 ? 448 HOH A O   1 
HETATM 1288 O  O   . HOH F 5 .   ? -10.351 3.788   -9.893  1.00 29.80 ? 449 HOH A O   1 
HETATM 1289 O  O   . HOH F 5 .   ? -10.059 13.297  11.247  1.00 33.73 ? 450 HOH A O   1 
HETATM 1290 O  O   . HOH F 5 .   ? -3.876  9.395   -14.982 0.45 33.66 ? 451 HOH A O   1 
HETATM 1291 O  O   . HOH F 5 .   ? 3.151   7.426   -15.279 1.00 42.37 ? 452 HOH A O   1 
HETATM 1292 O  O   . HOH F 5 .   ? -8.010  8.861   6.068   1.00 33.98 ? 453 HOH A O   1 
HETATM 1293 O  O   . HOH F 5 .   ? 7.852   -1.102  11.460  1.00 50.25 ? 454 HOH A O   1 
HETATM 1294 O  O   . HOH F 5 .   ? 16.561  1.051   -10.156 1.00 29.24 ? 455 HOH A O   1 
HETATM 1295 O  O   . HOH F 5 .   ? 18.074  -4.234  -3.302  1.00 30.33 ? 456 HOH A O   1 
HETATM 1296 O  O   . HOH F 5 .   ? 11.815  -7.429  -13.397 1.00 33.02 ? 457 HOH A O   1 
HETATM 1297 O  O   . HOH F 5 .   ? 3.578   -10.906 -11.998 1.00 38.96 ? 458 HOH A O   1 
HETATM 1298 O  O   . HOH F 5 .   ? -10.838 -1.314  20.651  1.00 32.05 ? 459 HOH A O   1 
HETATM 1299 O  O   . HOH F 5 .   ? 15.862  -7.141  -12.236 1.00 31.78 ? 460 HOH A O   1 
HETATM 1300 O  O   . HOH F 5 .   ? -6.346  -6.121  -16.343 1.00 46.54 ? 461 HOH A O   1 
HETATM 1301 O  O   . HOH F 5 .   ? -3.707  14.570  4.259   0.22 20.09 ? 462 HOH A O   1 
HETATM 1302 O  O   . HOH F 5 .   ? -11.804 13.522  13.227  1.00 36.39 ? 463 HOH A O   1 
HETATM 1303 O  O   . HOH F 5 .   ? 18.473  -7.528  -12.322 1.00 39.68 ? 464 HOH A O   1 
# 
